data_6C7N
#
_entry.id   6C7N
#
_cell.length_a   208.100
_cell.length_b   64.260
_cell.length_c   202.720
_cell.angle_alpha   90.000
_cell.angle_beta   93.650
_cell.angle_gamma   90.000
#
_symmetry.space_group_name_H-M   'C 1 2 1'
#
loop_
_entity.id
_entity.type
_entity.pdbx_description
1 polymer 'Malic enzyme'
2 non-polymer 'NADP NICOTINAMIDE-ADENINE-DINUCLEOTIDE PHOSPHATE'
3 non-polymer GLYCEROL
4 non-polymer 'PYRUVIC ACID'
5 non-polymer DI(HYDROXYETHYL)ETHER
6 water water
#
_entity_poly.entity_id   1
_entity_poly.type   'polypeptide(L)'
_entity_poly.pdbx_seq_one_letter_code
;GSGMKETAAAKFERQHMDSPDLGTDDDDKAMADIGSEFAIGSAAETETEEVVVEVAAANEELPVMPWATSVASGYTLLRD
PRHNKGLAFTERERDAHYLRGLLPPAVVSQELQIKKFMNNLRQYQLPIQCYMAMMNLQETDERLFYKLLIENVVELLPYV
YTPTVGEACQKYGSIFGRPQGLYVSLKDKGRVLEVLRNWPHRNVQVICVTDGERILGLGDLGCQGMGIPVGKLALYTALG
GVDPSACLPITIDVGTNNEKLLNDEFYIGLRQKRARGEEYDELMEEFMAAVKTFYGEKVLIQFEDFANHNAFDLLEKYSK
THLVFNDDIQGTASVVLAGLLAALKMVGGTLAEQTYLFLGAGEAGTGIAELIALEMSKQTKAPIEECRKKVWLVDSKGLI
VDSRKSSLAPFKKPWAHEHEPLTTLYDAVQSIKPTVLIGTSGVGRTFTKEIVEAMASINERPIIFSLSNPTSHSECTAEQ
AYTWTQGRAVFASGSPFAPVEYDGKTFVPGQSNNAYIFPGLGLGLVISGAVRVHEDMLLAASAALADQATEENFVTGSIF
PPFTNIRKISAYIAAAVAAKAYELGLATRLPPPKDLVAYAESCMYSPVYRNYQ
;
_entity_poly.pdbx_strand_id   A,B,C,D
#
loop_
_chem_comp.id
_chem_comp.type
_chem_comp.name
_chem_comp.formula
GOL non-polymer GLYCEROL 'C3 H8 O3'
NAP non-polymer 'NADP NICOTINAMIDE-ADENINE-DINUCLEOTIDE PHOSPHATE' 'C21 H28 N7 O17 P3'
PEG non-polymer DI(HYDROXYETHYL)ETHER 'C4 H10 O3'
PYR non-polymer 'PYRUVIC ACID' 'C3 H4 O3'
#
# COMPACT_ATOMS: atom_id res chain seq x y z
N GLU A 61 25.68 -1.08 1.54
CA GLU A 61 26.22 -1.91 0.46
C GLU A 61 25.22 -3.02 0.05
N LEU A 62 24.59 -3.67 1.06
CA LEU A 62 23.60 -4.73 0.82
C LEU A 62 22.39 -4.18 0.06
N PRO A 63 21.83 -4.96 -0.90
CA PRO A 63 20.63 -4.47 -1.63
C PRO A 63 19.45 -4.24 -0.70
N VAL A 64 18.58 -3.31 -1.07
CA VAL A 64 17.37 -3.04 -0.27
C VAL A 64 16.16 -3.19 -1.15
N MET A 65 15.02 -3.50 -0.55
CA MET A 65 13.78 -3.59 -1.29
C MET A 65 13.13 -2.21 -1.35
N PRO A 66 12.78 -1.68 -2.55
CA PRO A 66 12.09 -0.38 -2.58
C PRO A 66 10.60 -0.61 -2.32
N TRP A 67 10.11 -0.14 -1.18
CA TRP A 67 8.68 -0.33 -0.86
C TRP A 67 7.93 0.97 -1.13
N ALA A 68 6.71 0.87 -1.70
CA ALA A 68 5.82 1.96 -2.02
C ALA A 68 4.65 1.88 -1.01
N THR A 69 4.21 3.02 -0.49
CA THR A 69 3.10 3.08 0.45
C THR A 69 1.98 3.93 -0.12
N SER A 70 0.74 3.52 0.10
CA SER A 70 -0.45 4.24 -0.36
C SER A 70 -1.58 3.92 0.60
N VAL A 71 -2.62 4.74 0.60
CA VAL A 71 -3.80 4.57 1.45
C VAL A 71 -4.56 3.36 0.92
N ALA A 72 -4.89 2.40 1.81
CA ALA A 72 -5.66 1.23 1.39
C ALA A 72 -7.16 1.64 1.28
N SER A 73 -7.78 1.29 0.15
N SER A 73 -7.78 1.26 0.17
CA SER A 73 -9.19 1.57 -0.15
CA SER A 73 -9.20 1.52 -0.08
C SER A 73 -9.76 0.47 -1.06
C SER A 73 -9.77 0.41 -1.00
N GLY A 74 -11.09 0.35 -1.12
CA GLY A 74 -11.75 -0.65 -1.96
C GLY A 74 -11.35 -2.08 -1.63
N TYR A 75 -11.18 -2.92 -2.65
CA TYR A 75 -10.75 -4.32 -2.45
C TYR A 75 -9.35 -4.45 -1.88
N THR A 76 -8.47 -3.46 -2.05
CA THR A 76 -7.12 -3.50 -1.45
C THR A 76 -7.26 -3.53 0.09
N LEU A 77 -8.19 -2.75 0.61
CA LEU A 77 -8.45 -2.68 2.04
C LEU A 77 -9.18 -3.96 2.51
N LEU A 78 -10.22 -4.40 1.76
CA LEU A 78 -10.98 -5.62 2.11
C LEU A 78 -10.09 -6.88 2.11
N ARG A 79 -9.06 -6.92 1.26
CA ARG A 79 -8.16 -8.07 1.11
C ARG A 79 -6.88 -8.00 1.95
N ASP A 80 -6.78 -6.98 2.79
CA ASP A 80 -5.65 -6.86 3.71
C ASP A 80 -6.12 -7.37 5.07
N PRO A 81 -5.71 -8.58 5.53
CA PRO A 81 -6.19 -9.08 6.84
C PRO A 81 -5.86 -8.22 8.05
N ARG A 82 -4.85 -7.36 7.97
CA ARG A 82 -4.45 -6.48 9.05
C ARG A 82 -5.49 -5.35 9.21
N HIS A 83 -6.12 -4.90 8.13
CA HIS A 83 -7.07 -3.79 8.18
C HIS A 83 -8.53 -4.17 7.94
N ASN A 84 -8.74 -5.29 7.27
CA ASN A 84 -10.10 -5.74 6.96
C ASN A 84 -10.92 -5.96 8.22
N LYS A 85 -12.12 -5.33 8.29
CA LYS A 85 -13.06 -5.47 9.41
C LYS A 85 -14.34 -6.21 8.94
N GLY A 86 -14.40 -6.55 7.65
CA GLY A 86 -15.56 -7.19 7.02
C GLY A 86 -16.77 -6.29 7.13
N LEU A 87 -17.88 -6.82 7.67
CA LEU A 87 -19.11 -6.04 7.85
C LEU A 87 -19.05 -5.07 9.04
N ALA A 88 -17.94 -5.07 9.81
CA ALA A 88 -17.80 -4.13 10.93
C ALA A 88 -17.35 -2.74 10.48
N PHE A 89 -16.97 -2.57 9.19
CA PHE A 89 -16.71 -1.22 8.67
C PHE A 89 -18.00 -0.41 8.82
N THR A 90 -17.91 0.77 9.44
CA THR A 90 -19.10 1.61 9.66
C THR A 90 -19.46 2.29 8.33
N GLU A 91 -20.67 2.87 8.25
N GLU A 91 -20.66 2.85 8.23
CA GLU A 91 -21.12 3.59 7.06
CA GLU A 91 -21.09 3.57 7.03
C GLU A 91 -20.12 4.72 6.70
C GLU A 91 -20.11 4.71 6.68
N ARG A 92 -19.60 5.42 7.71
CA ARG A 92 -18.62 6.53 7.54
C ARG A 92 -17.27 5.99 7.01
N GLU A 93 -16.79 4.85 7.53
CA GLU A 93 -15.55 4.22 7.03
C GLU A 93 -15.71 3.74 5.60
N ARG A 94 -16.91 3.18 5.27
CA ARG A 94 -17.22 2.70 3.91
C ARG A 94 -17.20 3.84 2.92
N ASP A 95 -17.79 4.97 3.28
CA ASP A 95 -17.81 6.17 2.42
C ASP A 95 -16.38 6.71 2.19
N ALA A 96 -15.60 6.82 3.28
CA ALA A 96 -14.24 7.34 3.21
C ALA A 96 -13.28 6.44 2.45
N HIS A 97 -13.51 5.12 2.44
CA HIS A 97 -12.55 4.19 1.80
C HIS A 97 -13.08 3.44 0.63
N TYR A 98 -14.07 4.01 -0.07
CA TYR A 98 -14.60 3.49 -1.33
C TYR A 98 -15.08 2.02 -1.23
N LEU A 99 -15.80 1.71 -0.14
CA LEU A 99 -16.41 0.39 0.12
C LEU A 99 -17.90 0.40 -0.06
N ARG A 100 -18.50 1.59 -0.24
CA ARG A 100 -19.97 1.67 -0.38
C ARG A 100 -20.41 0.86 -1.60
N GLY A 101 -21.33 -0.10 -1.36
CA GLY A 101 -21.80 -0.98 -2.43
C GLY A 101 -21.04 -2.29 -2.50
N LEU A 102 -19.78 -2.31 -2.06
CA LEU A 102 -18.95 -3.54 -2.06
C LEU A 102 -19.38 -4.47 -0.94
N LEU A 103 -20.08 -3.92 0.05
CA LEU A 103 -20.59 -4.67 1.19
C LEU A 103 -22.10 -4.49 1.28
N PRO A 104 -22.84 -5.49 1.82
CA PRO A 104 -24.29 -5.33 2.03
C PRO A 104 -24.56 -4.21 3.04
N PRO A 105 -25.78 -3.66 3.15
CA PRO A 105 -26.00 -2.49 4.03
C PRO A 105 -25.72 -2.65 5.52
N ALA A 106 -25.91 -3.85 6.09
CA ALA A 106 -25.70 -4.03 7.54
C ALA A 106 -24.31 -3.77 8.02
N VAL A 107 -24.22 -3.10 9.19
CA VAL A 107 -22.97 -2.88 9.91
C VAL A 107 -23.05 -3.93 11.05
N VAL A 108 -22.10 -4.86 11.09
CA VAL A 108 -22.16 -5.95 12.04
C VAL A 108 -20.90 -5.93 12.92
N SER A 109 -21.10 -5.67 14.25
CA SER A 109 -20.06 -5.55 15.28
C SER A 109 -19.11 -6.72 15.30
N GLN A 110 -17.94 -6.51 15.89
CA GLN A 110 -16.93 -7.56 16.10
C GLN A 110 -17.51 -8.74 16.92
N GLU A 111 -18.33 -8.43 17.94
N GLU A 111 -18.32 -8.41 17.96
CA GLU A 111 -18.97 -9.40 18.83
CA GLU A 111 -18.96 -9.41 18.82
C GLU A 111 -19.96 -10.30 18.08
C GLU A 111 -19.96 -10.31 18.06
N LEU A 112 -20.75 -9.72 17.16
CA LEU A 112 -21.69 -10.47 16.32
C LEU A 112 -20.92 -11.36 15.31
N GLN A 113 -19.78 -10.86 14.81
CA GLN A 113 -18.96 -11.66 13.87
C GLN A 113 -18.33 -12.83 14.58
N ILE A 114 -17.96 -12.66 15.85
CA ILE A 114 -17.41 -13.76 16.65
C ILE A 114 -18.50 -14.84 16.81
N LYS A 115 -19.73 -14.42 17.16
CA LYS A 115 -20.84 -15.33 17.37
C LYS A 115 -21.16 -16.16 16.12
N LYS A 116 -21.26 -15.50 14.98
CA LYS A 116 -21.54 -16.07 13.66
C LYS A 116 -20.43 -17.11 13.31
N PHE A 117 -19.17 -16.72 13.51
CA PHE A 117 -18.05 -17.61 13.20
C PHE A 117 -18.09 -18.86 14.08
N MET A 118 -18.28 -18.69 15.40
CA MET A 118 -18.33 -19.82 16.35
C MET A 118 -19.50 -20.77 16.02
N ASN A 119 -20.67 -20.21 15.63
CA ASN A 119 -21.84 -21.01 15.23
C ASN A 119 -21.51 -21.93 14.06
N ASN A 120 -20.83 -21.39 13.05
CA ASN A 120 -20.44 -22.16 11.86
C ASN A 120 -19.34 -23.16 12.17
N LEU A 121 -18.35 -22.76 12.95
CA LEU A 121 -17.22 -23.62 13.29
C LEU A 121 -17.66 -24.91 13.99
N ARG A 122 -18.64 -24.80 14.91
CA ARG A 122 -19.15 -25.95 15.69
C ARG A 122 -19.92 -26.96 14.82
N GLN A 123 -20.26 -26.58 13.58
CA GLN A 123 -20.99 -27.46 12.66
C GLN A 123 -20.08 -28.30 11.76
N TYR A 124 -18.76 -28.03 11.78
CA TYR A 124 -17.85 -28.86 11.01
C TYR A 124 -17.72 -30.22 11.67
N GLN A 125 -17.86 -31.29 10.90
CA GLN A 125 -17.74 -32.64 11.46
C GLN A 125 -16.30 -32.99 11.83
N LEU A 126 -15.33 -32.53 11.03
CA LEU A 126 -13.93 -32.91 11.26
C LEU A 126 -13.14 -31.82 11.95
N PRO A 127 -12.30 -32.18 12.97
CA PRO A 127 -11.46 -31.16 13.62
C PRO A 127 -10.59 -30.40 12.60
N ILE A 128 -10.04 -31.10 11.57
CA ILE A 128 -9.21 -30.48 10.54
C ILE A 128 -9.99 -29.37 9.79
N GLN A 129 -11.30 -29.53 9.63
CA GLN A 129 -12.15 -28.53 8.98
C GLN A 129 -12.24 -27.29 9.86
N CYS A 130 -12.30 -27.46 11.20
CA CYS A 130 -12.27 -26.32 12.14
C CYS A 130 -10.93 -25.59 12.00
N TYR A 131 -9.84 -26.36 11.97
CA TYR A 131 -8.51 -25.79 11.79
C TYR A 131 -8.43 -24.97 10.49
N MET A 132 -8.90 -25.55 9.36
CA MET A 132 -8.88 -24.83 8.07
C MET A 132 -9.68 -23.54 8.10
N ALA A 133 -10.85 -23.57 8.72
CA ALA A 133 -11.70 -22.36 8.82
C ALA A 133 -10.98 -21.29 9.67
N MET A 134 -10.31 -21.72 10.77
N MET A 134 -10.30 -21.70 10.75
CA MET A 134 -9.54 -20.81 11.63
CA MET A 134 -9.56 -20.78 11.61
C MET A 134 -8.37 -20.15 10.87
C MET A 134 -8.36 -20.15 10.90
N MET A 135 -7.62 -20.93 10.07
CA MET A 135 -6.47 -20.41 9.30
C MET A 135 -6.97 -19.43 8.24
N ASN A 136 -8.10 -19.76 7.60
CA ASN A 136 -8.70 -18.86 6.59
C ASN A 136 -9.13 -17.53 7.25
N LEU A 137 -9.66 -17.58 8.48
CA LEU A 137 -10.04 -16.38 9.24
C LEU A 137 -8.76 -15.55 9.57
N GLN A 138 -7.71 -16.21 10.09
CA GLN A 138 -6.45 -15.52 10.42
C GLN A 138 -5.93 -14.73 9.23
N GLU A 139 -6.08 -15.30 8.04
CA GLU A 139 -5.59 -14.70 6.81
C GLU A 139 -6.60 -13.84 6.08
N THR A 140 -7.75 -13.53 6.72
CA THR A 140 -8.76 -12.63 6.12
C THR A 140 -9.11 -11.47 7.04
N ASP A 141 -9.15 -11.70 8.36
CA ASP A 141 -9.46 -10.65 9.34
C ASP A 141 -8.71 -11.05 10.61
N GLU A 142 -7.47 -10.58 10.75
CA GLU A 142 -6.69 -11.03 11.91
C GLU A 142 -7.20 -10.51 13.23
N ARG A 143 -7.75 -9.27 13.30
CA ARG A 143 -8.26 -8.81 14.59
C ARG A 143 -9.41 -9.68 15.05
N LEU A 144 -10.28 -10.07 14.12
CA LEU A 144 -11.42 -10.93 14.44
C LEU A 144 -10.89 -12.29 14.92
N PHE A 145 -9.90 -12.85 14.18
CA PHE A 145 -9.28 -14.11 14.54
C PHE A 145 -8.77 -14.06 15.99
N TYR A 146 -7.95 -13.04 16.34
CA TYR A 146 -7.35 -12.95 17.68
C TYR A 146 -8.36 -12.68 18.76
N LYS A 147 -9.37 -11.83 18.52
CA LYS A 147 -10.39 -11.58 19.53
C LYS A 147 -11.25 -12.87 19.78
N LEU A 148 -11.60 -13.58 18.70
CA LEU A 148 -12.33 -14.85 18.78
C LEU A 148 -11.51 -15.88 19.58
N LEU A 149 -10.19 -15.99 19.28
CA LEU A 149 -9.29 -16.91 19.95
C LEU A 149 -9.18 -16.62 21.45
N ILE A 150 -8.96 -15.34 21.82
CA ILE A 150 -8.88 -14.92 23.22
C ILE A 150 -10.16 -15.29 23.98
N GLU A 151 -11.32 -14.94 23.42
CA GLU A 151 -12.61 -15.17 24.06
C GLU A 151 -13.02 -16.63 24.16
N ASN A 152 -12.47 -17.50 23.29
CA ASN A 152 -12.85 -18.92 23.22
C ASN A 152 -11.62 -19.80 23.30
N VAL A 153 -10.62 -19.35 24.06
CA VAL A 153 -9.31 -20.02 24.15
C VAL A 153 -9.38 -21.51 24.58
N VAL A 154 -10.16 -21.82 25.62
CA VAL A 154 -10.27 -23.20 26.12
C VAL A 154 -10.82 -24.11 25.01
N GLU A 155 -11.90 -23.68 24.36
CA GLU A 155 -12.53 -24.45 23.28
C GLU A 155 -11.65 -24.57 22.03
N LEU A 156 -10.92 -23.51 21.68
CA LEU A 156 -10.20 -23.46 20.41
C LEU A 156 -8.74 -23.91 20.44
N LEU A 157 -8.10 -23.94 21.63
CA LEU A 157 -6.71 -24.41 21.74
C LEU A 157 -6.53 -25.79 21.14
N PRO A 158 -7.46 -26.77 21.32
CA PRO A 158 -7.26 -28.09 20.69
C PRO A 158 -7.33 -28.10 19.17
N TYR A 159 -7.85 -27.01 18.54
CA TYR A 159 -7.99 -26.91 17.08
C TYR A 159 -6.89 -26.10 16.42
N VAL A 160 -6.49 -24.97 17.03
CA VAL A 160 -5.45 -24.06 16.52
C VAL A 160 -4.07 -24.54 16.99
N TYR A 161 -4.08 -25.30 18.09
CA TYR A 161 -2.84 -25.82 18.66
C TYR A 161 -2.97 -27.34 18.82
N THR A 162 -2.29 -27.93 19.80
CA THR A 162 -2.28 -29.38 20.02
C THR A 162 -3.64 -29.93 20.55
N PRO A 163 -4.14 -31.04 19.97
CA PRO A 163 -3.49 -31.92 18.99
C PRO A 163 -3.72 -31.63 17.50
N THR A 164 -4.75 -30.85 17.14
CA THR A 164 -5.12 -30.70 15.72
C THR A 164 -4.01 -30.12 14.87
N VAL A 165 -3.21 -29.20 15.40
CA VAL A 165 -2.11 -28.60 14.63
C VAL A 165 -1.10 -29.67 14.09
N GLY A 166 -0.93 -30.77 14.82
CA GLY A 166 -0.08 -31.87 14.38
C GLY A 166 -0.71 -32.58 13.18
N GLU A 167 -2.05 -32.81 13.23
CA GLU A 167 -2.77 -33.41 12.09
C GLU A 167 -2.68 -32.46 10.88
N ALA A 168 -2.80 -31.15 11.14
CA ALA A 168 -2.65 -30.13 10.09
C ALA A 168 -1.28 -30.28 9.42
N CYS A 169 -0.20 -30.48 10.19
CA CYS A 169 1.16 -30.67 9.62
C CYS A 169 1.21 -31.95 8.76
N GLN A 170 0.58 -33.03 9.23
CA GLN A 170 0.56 -34.28 8.44
C GLN A 170 -0.17 -34.08 7.10
N LYS A 171 -1.21 -33.24 7.08
CA LYS A 171 -2.04 -33.04 5.88
C LYS A 171 -1.79 -31.70 5.21
N TYR A 172 -0.72 -30.97 5.61
CA TYR A 172 -0.44 -29.57 5.23
C TYR A 172 -0.51 -29.30 3.75
N GLY A 173 0.08 -30.18 2.95
CA GLY A 173 0.05 -30.05 1.50
C GLY A 173 -1.33 -30.21 0.91
N SER A 174 -2.09 -31.20 1.37
CA SER A 174 -3.45 -31.44 0.88
C SER A 174 -4.46 -30.36 1.32
N ILE A 175 -4.20 -29.64 2.43
CA ILE A 175 -5.14 -28.61 2.89
C ILE A 175 -4.61 -27.19 2.64
N PHE A 176 -3.48 -27.08 1.92
CA PHE A 176 -2.81 -25.78 1.71
C PHE A 176 -3.78 -24.72 1.20
N GLY A 177 -3.88 -23.62 1.91
CA GLY A 177 -4.82 -22.55 1.58
C GLY A 177 -4.13 -21.23 1.36
N ARG A 178 -4.36 -20.28 2.26
N ARG A 178 -4.37 -20.26 2.23
N ARG A 178 -4.36 -20.27 2.23
CA ARG A 178 -3.73 -18.96 2.19
CA ARG A 178 -3.72 -18.96 2.10
CA ARG A 178 -3.72 -18.96 2.10
C ARG A 178 -2.29 -19.04 2.67
C ARG A 178 -2.30 -19.04 2.65
C ARG A 178 -2.30 -19.04 2.65
N PRO A 179 -1.30 -18.41 1.98
CA PRO A 179 0.11 -18.54 2.44
C PRO A 179 0.38 -17.94 3.81
N GLN A 180 1.09 -18.68 4.64
CA GLN A 180 1.45 -18.22 5.99
C GLN A 180 2.95 -18.48 6.22
N GLY A 181 3.65 -17.50 6.76
CA GLY A 181 5.06 -17.65 7.08
C GLY A 181 6.03 -17.58 5.92
N LEU A 182 7.29 -17.82 6.24
CA LEU A 182 8.37 -17.76 5.30
C LEU A 182 9.13 -19.09 5.25
N TYR A 183 9.41 -19.57 4.03
CA TYR A 183 10.14 -20.82 3.81
C TYR A 183 11.52 -20.51 3.31
N VAL A 184 12.51 -21.13 3.96
CA VAL A 184 13.92 -20.97 3.59
C VAL A 184 14.37 -22.41 3.28
N SER A 185 14.74 -22.70 2.01
CA SER A 185 15.15 -24.06 1.67
C SER A 185 16.62 -24.14 1.26
N LEU A 186 17.11 -25.37 0.99
CA LEU A 186 18.48 -25.59 0.49
C LEU A 186 18.71 -24.84 -0.82
N LYS A 187 17.64 -24.66 -1.63
CA LYS A 187 17.72 -23.92 -2.88
C LYS A 187 18.00 -22.43 -2.67
N ASP A 188 17.86 -21.96 -1.43
CA ASP A 188 18.15 -20.56 -1.10
C ASP A 188 19.55 -20.33 -0.56
N LYS A 189 20.44 -21.34 -0.67
N LYS A 189 20.44 -21.33 -0.70
CA LYS A 189 21.81 -21.20 -0.19
CA LYS A 189 21.84 -21.21 -0.24
C LYS A 189 22.48 -20.01 -0.91
C LYS A 189 22.48 -19.99 -0.93
N GLY A 190 23.11 -19.12 -0.13
CA GLY A 190 23.75 -17.91 -0.63
C GLY A 190 22.77 -16.77 -0.86
N ARG A 191 21.44 -17.02 -0.66
CA ARG A 191 20.38 -16.05 -0.92
C ARG A 191 19.40 -15.92 0.23
N VAL A 192 19.79 -16.34 1.45
CA VAL A 192 18.86 -16.28 2.60
C VAL A 192 18.43 -14.84 2.88
N LEU A 193 19.39 -13.90 2.89
CA LEU A 193 19.07 -12.49 3.12
C LEU A 193 18.05 -11.98 2.09
N GLU A 194 18.25 -12.34 0.82
CA GLU A 194 17.32 -11.97 -0.27
C GLU A 194 15.88 -12.50 0.03
N VAL A 195 15.76 -13.71 0.57
CA VAL A 195 14.45 -14.30 0.92
C VAL A 195 13.80 -13.49 2.06
N LEU A 196 14.58 -13.14 3.12
CA LEU A 196 14.05 -12.32 4.23
C LEU A 196 13.53 -10.97 3.75
N ARG A 197 14.19 -10.35 2.73
CA ARG A 197 13.79 -9.08 2.13
CA ARG A 197 13.78 -9.06 2.19
C ARG A 197 12.40 -9.09 1.53
N ASN A 198 11.88 -10.30 1.18
CA ASN A 198 10.52 -10.43 0.59
C ASN A 198 9.44 -10.34 1.68
N TRP A 199 9.82 -10.53 2.96
CA TRP A 199 8.88 -10.46 4.08
C TRP A 199 8.48 -8.98 4.28
N PRO A 200 7.16 -8.64 4.15
CA PRO A 200 6.78 -7.22 4.17
C PRO A 200 6.75 -6.50 5.52
N HIS A 201 7.26 -7.11 6.59
CA HIS A 201 7.31 -6.43 7.90
C HIS A 201 8.78 -6.29 8.26
N ARG A 202 9.25 -5.05 8.38
CA ARG A 202 10.65 -4.76 8.65
C ARG A 202 11.09 -5.01 10.09
N ASN A 203 10.22 -4.68 11.06
CA ASN A 203 10.56 -4.75 12.47
C ASN A 203 10.10 -6.05 13.14
N VAL A 204 10.76 -7.14 12.78
CA VAL A 204 10.41 -8.45 13.33
C VAL A 204 10.94 -8.55 14.78
N GLN A 205 10.10 -8.99 15.72
CA GLN A 205 10.53 -9.14 17.11
C GLN A 205 10.69 -10.59 17.51
N VAL A 206 9.83 -11.47 16.98
CA VAL A 206 9.79 -12.88 17.35
C VAL A 206 9.74 -13.75 16.11
N ILE A 207 10.76 -14.60 15.96
CA ILE A 207 10.78 -15.60 14.91
C ILE A 207 10.61 -16.95 15.59
N CYS A 208 9.68 -17.80 15.08
N CYS A 208 9.71 -17.79 15.04
CA CYS A 208 9.51 -19.19 15.51
CA CYS A 208 9.52 -19.15 15.48
C CYS A 208 9.93 -20.00 14.30
C CYS A 208 9.95 -19.99 14.28
N VAL A 209 10.99 -20.79 14.45
CA VAL A 209 11.56 -21.57 13.35
C VAL A 209 11.62 -23.06 13.66
N THR A 210 11.39 -23.87 12.62
CA THR A 210 11.52 -25.33 12.66
C THR A 210 12.14 -25.85 11.36
N ASP A 211 12.68 -27.07 11.41
CA ASP A 211 13.06 -27.81 10.20
C ASP A 211 12.11 -29.01 10.02
N GLY A 212 11.10 -29.08 10.89
CA GLY A 212 10.04 -30.10 10.90
C GLY A 212 10.47 -31.53 11.16
N GLU A 213 11.67 -31.76 11.72
CA GLU A 213 12.16 -33.12 11.95
C GLU A 213 11.47 -33.85 13.09
N ARG A 214 10.88 -33.13 14.04
CA ARG A 214 10.26 -33.80 15.18
C ARG A 214 9.01 -33.05 15.56
N ILE A 215 7.92 -33.29 14.84
CA ILE A 215 6.65 -32.60 15.08
C ILE A 215 5.84 -33.38 16.11
N LEU A 216 5.64 -32.82 17.30
CA LEU A 216 4.93 -33.51 18.41
C LEU A 216 5.50 -34.94 18.55
N GLY A 217 4.65 -35.97 18.55
CA GLY A 217 5.07 -37.37 18.54
C GLY A 217 4.84 -37.99 17.18
N LEU A 218 4.73 -37.15 16.15
CA LEU A 218 4.42 -37.57 14.77
C LEU A 218 5.63 -37.75 13.86
N GLY A 219 6.80 -37.43 14.36
CA GLY A 219 8.04 -37.64 13.63
C GLY A 219 8.34 -36.53 12.63
N ASP A 220 9.07 -36.93 11.58
CA ASP A 220 9.59 -36.03 10.54
C ASP A 220 8.50 -35.71 9.54
N LEU A 221 8.08 -34.43 9.54
CA LEU A 221 7.05 -33.99 8.56
C LEU A 221 7.59 -32.99 7.57
N GLY A 222 8.91 -32.87 7.52
CA GLY A 222 9.63 -31.98 6.60
C GLY A 222 9.10 -30.58 6.55
N CYS A 223 8.89 -30.09 5.33
CA CYS A 223 8.40 -28.74 5.06
C CYS A 223 7.00 -28.47 5.62
N GLN A 224 6.23 -29.54 5.84
CA GLN A 224 4.88 -29.48 6.36
C GLN A 224 4.86 -29.19 7.87
N GLY A 225 6.04 -29.10 8.48
CA GLY A 225 6.21 -28.71 9.88
C GLY A 225 5.80 -27.26 10.13
N MET A 226 5.61 -26.44 9.07
CA MET A 226 5.21 -25.02 9.16
C MET A 226 3.97 -24.75 10.02
N GLY A 227 3.04 -25.70 10.10
CA GLY A 227 1.85 -25.53 10.93
C GLY A 227 2.18 -25.24 12.40
N ILE A 228 3.32 -25.79 12.93
CA ILE A 228 3.69 -25.55 14.35
C ILE A 228 4.12 -24.08 14.60
N PRO A 229 5.14 -23.51 13.93
CA PRO A 229 5.49 -22.10 14.21
C PRO A 229 4.31 -21.15 13.95
N VAL A 230 3.44 -21.46 12.96
CA VAL A 230 2.26 -20.64 12.65
C VAL A 230 1.28 -20.67 13.85
N GLY A 231 1.03 -21.86 14.40
CA GLY A 231 0.20 -22.01 15.59
C GLY A 231 0.80 -21.36 16.82
N LYS A 232 2.11 -21.61 17.06
CA LYS A 232 2.82 -21.02 18.20
C LYS A 232 2.79 -19.49 18.20
N LEU A 233 3.00 -18.86 17.05
CA LEU A 233 2.95 -17.40 16.97
C LEU A 233 1.57 -16.83 17.16
N ALA A 234 0.52 -17.54 16.71
CA ALA A 234 -0.86 -17.08 16.95
C ALA A 234 -1.08 -17.02 18.47
N LEU A 235 -0.43 -17.93 19.21
CA LEU A 235 -0.51 -17.97 20.70
C LEU A 235 0.35 -16.86 21.31
N TYR A 236 1.56 -16.57 20.75
CA TYR A 236 2.34 -15.43 21.29
C TYR A 236 1.44 -14.17 21.19
N THR A 237 0.68 -14.03 20.09
CA THR A 237 -0.22 -12.88 19.94
C THR A 237 -1.43 -12.94 20.84
N ALA A 238 -2.24 -13.98 20.70
CA ALA A 238 -3.49 -14.09 21.46
C ALA A 238 -3.29 -14.18 22.97
N LEU A 239 -2.32 -14.98 23.40
CA LEU A 239 -2.07 -15.25 24.82
C LEU A 239 -1.09 -14.27 25.45
N GLY A 240 -0.08 -13.81 24.69
CA GLY A 240 0.96 -12.92 25.20
C GLY A 240 0.94 -11.46 24.77
N GLY A 241 0.08 -11.10 23.80
CA GLY A 241 -0.02 -9.72 23.34
C GLY A 241 1.13 -9.25 22.46
N VAL A 242 1.90 -10.18 21.85
CA VAL A 242 2.97 -9.79 20.95
C VAL A 242 2.25 -9.36 19.67
N ASP A 243 2.62 -8.20 19.12
CA ASP A 243 1.99 -7.72 17.90
C ASP A 243 2.18 -8.74 16.77
N PRO A 244 1.08 -9.16 16.08
CA PRO A 244 1.22 -10.15 14.99
C PRO A 244 2.09 -9.67 13.84
N SER A 245 2.15 -8.35 13.59
N SER A 245 2.15 -8.34 13.58
CA SER A 245 2.99 -7.82 12.51
CA SER A 245 2.99 -7.81 12.50
C SER A 245 4.49 -7.92 12.86
C SER A 245 4.49 -7.97 12.85
N ALA A 246 4.81 -8.23 14.13
CA ALA A 246 6.19 -8.42 14.60
C ALA A 246 6.56 -9.92 14.72
N CYS A 247 5.64 -10.82 14.31
CA CYS A 247 5.82 -12.27 14.38
C CYS A 247 6.17 -12.85 13.02
N LEU A 248 7.16 -13.74 12.97
CA LEU A 248 7.60 -14.34 11.71
C LEU A 248 7.78 -15.86 11.85
N PRO A 249 6.82 -16.66 11.30
CA PRO A 249 6.97 -18.13 11.34
C PRO A 249 7.86 -18.55 10.20
N ILE A 250 8.88 -19.35 10.50
CA ILE A 250 9.80 -19.80 9.44
C ILE A 250 9.95 -21.30 9.43
N THR A 251 9.96 -21.90 8.23
CA THR A 251 10.30 -23.31 8.09
C THR A 251 11.55 -23.38 7.25
N ILE A 252 12.54 -24.11 7.77
CA ILE A 252 13.79 -24.37 7.06
C ILE A 252 13.60 -25.74 6.40
N ASP A 253 13.59 -25.78 5.07
CA ASP A 253 13.38 -27.02 4.32
C ASP A 253 14.69 -27.58 3.80
N VAL A 254 15.14 -28.67 4.44
CA VAL A 254 16.38 -29.35 4.04
C VAL A 254 16.04 -30.78 3.52
N GLY A 255 14.76 -31.01 3.25
CA GLY A 255 14.26 -32.32 2.82
C GLY A 255 13.62 -33.06 3.99
N THR A 256 13.24 -34.31 3.76
CA THR A 256 12.55 -35.11 4.79
C THR A 256 12.89 -36.57 4.62
N ASN A 257 12.96 -37.29 5.74
CA ASN A 257 13.19 -38.73 5.69
C ASN A 257 11.88 -39.50 5.68
N ASN A 258 10.75 -38.76 5.66
CA ASN A 258 9.44 -39.35 5.65
C ASN A 258 9.11 -39.88 4.24
N GLU A 259 9.15 -41.21 4.04
CA GLU A 259 8.87 -41.85 2.74
C GLU A 259 7.44 -41.64 2.24
N LYS A 260 6.46 -41.64 3.14
CA LYS A 260 5.05 -41.40 2.82
C LYS A 260 4.92 -39.97 2.21
N LEU A 261 5.56 -38.95 2.80
CA LEU A 261 5.56 -37.59 2.25
C LEU A 261 6.29 -37.49 0.92
N LEU A 262 7.44 -38.17 0.76
CA LEU A 262 8.19 -38.14 -0.52
C LEU A 262 7.40 -38.79 -1.67
N ASN A 263 6.50 -39.73 -1.33
CA ASN A 263 5.63 -40.40 -2.30
C ASN A 263 4.31 -39.64 -2.51
N ASP A 264 4.02 -38.68 -1.65
CA ASP A 264 2.74 -37.96 -1.69
C ASP A 264 2.76 -36.87 -2.75
N GLU A 265 1.89 -36.98 -3.77
CA GLU A 265 1.82 -35.95 -4.82
C GLU A 265 1.50 -34.54 -4.27
N PHE A 266 0.89 -34.45 -3.06
CA PHE A 266 0.55 -33.14 -2.48
C PHE A 266 1.62 -32.57 -1.54
N TYR A 267 2.76 -33.28 -1.35
CA TYR A 267 3.82 -32.76 -0.48
C TYR A 267 4.33 -31.39 -1.03
N ILE A 268 4.52 -30.40 -0.14
CA ILE A 268 4.89 -29.03 -0.50
C ILE A 268 6.38 -28.71 -0.40
N GLY A 269 7.19 -29.65 0.07
CA GLY A 269 8.60 -29.38 0.27
C GLY A 269 9.49 -29.91 -0.83
N LEU A 270 10.80 -29.73 -0.67
CA LEU A 270 11.80 -30.33 -1.57
C LEU A 270 11.62 -31.83 -1.47
N ARG A 271 11.46 -32.49 -2.61
CA ARG A 271 11.21 -33.93 -2.67
C ARG A 271 12.51 -34.73 -2.62
N GLN A 272 13.23 -34.59 -1.51
CA GLN A 272 14.52 -35.20 -1.26
C GLN A 272 14.64 -35.60 0.22
N LYS A 273 15.58 -36.51 0.51
CA LYS A 273 15.92 -36.95 1.87
C LYS A 273 16.56 -35.77 2.59
N ARG A 274 16.50 -35.81 3.91
CA ARG A 274 16.94 -34.71 4.75
C ARG A 274 18.48 -34.52 4.74
N ALA A 275 18.98 -33.31 4.37
CA ALA A 275 20.43 -33.00 4.34
C ALA A 275 20.92 -33.02 5.80
N ARG A 276 22.15 -33.42 6.00
CA ARG A 276 22.78 -33.52 7.32
C ARG A 276 24.22 -33.03 7.16
N GLY A 277 24.89 -32.84 8.29
CA GLY A 277 26.30 -32.47 8.30
C GLY A 277 26.56 -31.06 7.78
N GLU A 278 27.66 -30.91 7.02
CA GLU A 278 28.14 -29.63 6.51
C GLU A 278 27.11 -28.84 5.69
N GLU A 279 26.38 -29.51 4.77
CA GLU A 279 25.39 -28.85 3.93
C GLU A 279 24.30 -28.21 4.81
N TYR A 280 23.82 -28.94 5.83
CA TYR A 280 22.81 -28.46 6.77
C TYR A 280 23.40 -27.28 7.58
N ASP A 281 24.59 -27.49 8.18
CA ASP A 281 25.28 -26.51 9.02
C ASP A 281 25.48 -25.17 8.34
N GLU A 282 25.90 -25.20 7.07
CA GLU A 282 26.15 -23.98 6.28
C GLU A 282 24.87 -23.19 6.06
N LEU A 283 23.72 -23.87 5.83
CA LEU A 283 22.44 -23.17 5.66
C LEU A 283 21.99 -22.56 6.99
N MET A 284 22.11 -23.32 8.08
CA MET A 284 21.72 -22.85 9.41
C MET A 284 22.57 -21.63 9.80
N GLU A 285 23.89 -21.69 9.57
CA GLU A 285 24.80 -20.57 9.88
C GLU A 285 24.43 -19.34 9.04
N GLU A 286 24.16 -19.52 7.74
CA GLU A 286 23.77 -18.41 6.87
C GLU A 286 22.43 -17.83 7.36
N PHE A 287 21.49 -18.70 7.75
CA PHE A 287 20.18 -18.26 8.27
C PHE A 287 20.32 -17.42 9.52
N MET A 288 21.09 -17.92 10.52
CA MET A 288 21.27 -17.19 11.79
C MET A 288 22.04 -15.88 11.59
N ALA A 289 23.01 -15.85 10.65
CA ALA A 289 23.74 -14.62 10.33
C ALA A 289 22.79 -13.62 9.63
N ALA A 290 21.93 -14.11 8.72
CA ALA A 290 20.97 -13.26 7.96
C ALA A 290 19.95 -12.60 8.91
N VAL A 291 19.44 -13.38 9.89
CA VAL A 291 18.49 -12.90 10.90
C VAL A 291 19.11 -11.74 11.72
N LYS A 292 20.37 -11.90 12.15
CA LYS A 292 21.06 -10.84 12.92
C LYS A 292 21.32 -9.61 12.02
N THR A 293 21.83 -9.84 10.80
CA THR A 293 22.11 -8.74 9.86
C THR A 293 20.86 -7.88 9.60
N PHE A 294 19.74 -8.54 9.32
CA PHE A 294 18.50 -7.89 8.95
C PHE A 294 17.65 -7.40 10.10
N TYR A 295 17.54 -8.17 11.18
CA TYR A 295 16.64 -7.83 12.29
C TYR A 295 17.34 -7.33 13.56
N GLY A 296 18.68 -7.32 13.57
CA GLY A 296 19.45 -6.82 14.70
C GLY A 296 19.67 -7.80 15.84
N GLU A 297 20.22 -7.30 16.92
CA GLU A 297 20.61 -8.09 18.11
C GLU A 297 19.46 -8.49 19.01
N LYS A 298 18.34 -7.77 18.96
CA LYS A 298 17.25 -7.96 19.90
C LYS A 298 16.14 -8.88 19.42
N VAL A 299 16.20 -9.34 18.16
CA VAL A 299 15.17 -10.27 17.64
C VAL A 299 15.23 -11.62 18.42
N LEU A 300 14.08 -12.13 18.82
CA LEU A 300 14.00 -13.41 19.51
C LEU A 300 13.89 -14.52 18.47
N ILE A 301 14.78 -15.53 18.56
CA ILE A 301 14.72 -16.70 17.69
C ILE A 301 14.30 -17.87 18.56
N GLN A 302 13.06 -18.34 18.34
CA GLN A 302 12.53 -19.47 19.09
C GLN A 302 12.57 -20.74 18.26
N PHE A 303 13.49 -21.67 18.60
CA PHE A 303 13.64 -22.93 17.88
C PHE A 303 12.55 -23.89 18.34
N GLU A 304 11.97 -24.66 17.40
CA GLU A 304 10.96 -25.64 17.78
C GLU A 304 10.88 -26.81 16.87
N ASP A 305 10.51 -27.96 17.44
CA ASP A 305 10.29 -29.23 16.72
C ASP A 305 11.50 -29.71 15.90
N PHE A 306 12.69 -29.52 16.46
CA PHE A 306 13.94 -30.04 15.95
C PHE A 306 14.18 -31.40 16.62
N ALA A 307 14.99 -32.28 15.99
CA ALA A 307 15.31 -33.57 16.63
C ALA A 307 16.19 -33.24 17.86
N ASN A 308 16.16 -34.11 18.90
CA ASN A 308 16.83 -33.91 20.18
C ASN A 308 18.27 -33.38 20.11
N HIS A 309 19.17 -34.12 19.44
CA HIS A 309 20.59 -33.78 19.34
C HIS A 309 20.80 -32.42 18.63
N ASN A 310 20.16 -32.22 17.46
CA ASN A 310 20.21 -30.97 16.71
C ASN A 310 19.69 -29.82 17.60
N ALA A 311 18.52 -30.01 18.27
CA ALA A 311 17.96 -28.97 19.16
C ALA A 311 18.96 -28.57 20.24
N PHE A 312 19.61 -29.58 20.87
CA PHE A 312 20.64 -29.34 21.89
C PHE A 312 21.80 -28.51 21.29
N ASP A 313 22.32 -28.94 20.14
CA ASP A 313 23.46 -28.29 19.49
C ASP A 313 23.15 -26.86 19.09
N LEU A 314 21.97 -26.63 18.52
CA LEU A 314 21.54 -25.29 18.08
C LEU A 314 21.40 -24.36 19.29
N LEU A 315 20.81 -24.87 20.37
CA LEU A 315 20.63 -24.07 21.57
C LEU A 315 21.98 -23.73 22.21
N GLU A 316 22.91 -24.69 22.30
CA GLU A 316 24.22 -24.44 22.89
C GLU A 316 25.01 -23.40 22.07
N LYS A 317 25.02 -23.54 20.75
CA LYS A 317 25.73 -22.63 19.85
C LYS A 317 25.12 -21.22 19.79
N TYR A 318 23.85 -21.10 19.42
CA TYR A 318 23.28 -19.77 19.18
C TYR A 318 22.87 -18.98 20.43
N SER A 319 22.78 -19.64 21.60
N SER A 319 22.82 -19.64 21.61
CA SER A 319 22.45 -18.92 22.83
CA SER A 319 22.50 -18.93 22.87
C SER A 319 23.61 -17.98 23.25
C SER A 319 23.62 -17.98 23.25
N LYS A 320 24.83 -18.20 22.72
CA LYS A 320 26.01 -17.41 23.01
C LYS A 320 26.08 -16.16 22.12
N THR A 321 25.40 -16.17 20.98
CA THR A 321 25.51 -15.09 19.98
C THR A 321 24.22 -14.33 19.67
N HIS A 322 23.06 -14.89 20.04
CA HIS A 322 21.74 -14.32 19.73
C HIS A 322 20.82 -14.49 20.94
N LEU A 323 19.61 -13.86 20.87
CA LEU A 323 18.54 -13.99 21.85
C LEU A 323 17.78 -15.25 21.40
N VAL A 324 18.03 -16.35 22.10
N VAL A 324 17.96 -16.37 22.10
CA VAL A 324 17.53 -17.64 21.70
CA VAL A 324 17.31 -17.59 21.63
C VAL A 324 16.92 -18.38 22.86
C VAL A 324 16.59 -18.34 22.74
N PHE A 325 15.87 -19.14 22.55
N PHE A 325 15.55 -19.06 22.33
CA PHE A 325 15.31 -20.14 23.42
CA PHE A 325 14.77 -19.90 23.23
C PHE A 325 14.68 -21.22 22.54
C PHE A 325 14.34 -21.17 22.50
N ASN A 326 14.42 -22.36 23.16
CA ASN A 326 13.85 -23.56 22.55
C ASN A 326 12.70 -23.90 23.47
N ASP A 327 11.47 -23.72 22.98
CA ASP A 327 10.28 -23.99 23.77
C ASP A 327 10.18 -25.45 24.24
N ASP A 328 10.49 -26.42 23.37
CA ASP A 328 10.44 -27.85 23.71
C ASP A 328 11.37 -28.19 24.86
N ILE A 329 12.54 -27.58 24.91
CA ILE A 329 13.49 -27.86 25.98
C ILE A 329 13.22 -26.96 27.19
N GLN A 330 13.31 -25.65 26.98
CA GLN A 330 13.26 -24.68 28.07
C GLN A 330 11.86 -24.35 28.55
N GLY A 331 10.91 -24.24 27.64
CA GLY A 331 9.52 -23.93 27.99
C GLY A 331 8.88 -25.05 28.81
N THR A 332 9.17 -26.30 28.42
CA THR A 332 8.71 -27.53 29.09
C THR A 332 9.22 -27.58 30.53
N ALA A 333 10.55 -27.39 30.72
CA ALA A 333 11.12 -27.43 32.07
C ALA A 333 10.44 -26.37 32.96
N SER A 334 10.22 -25.18 32.40
CA SER A 334 9.61 -24.05 33.10
C SER A 334 8.14 -24.33 33.48
N VAL A 335 7.35 -24.86 32.56
CA VAL A 335 5.94 -25.09 32.87
C VAL A 335 5.74 -26.22 33.93
N VAL A 336 6.57 -27.26 33.88
CA VAL A 336 6.43 -28.37 34.82
C VAL A 336 6.92 -27.92 36.19
N LEU A 337 8.01 -27.12 36.24
CA LEU A 337 8.49 -26.57 37.52
C LEU A 337 7.37 -25.71 38.13
N ALA A 338 6.71 -24.87 37.31
CA ALA A 338 5.55 -24.06 37.79
C ALA A 338 4.44 -24.95 38.39
N GLY A 339 4.11 -26.06 37.71
CA GLY A 339 3.11 -27.03 38.20
C GLY A 339 3.49 -27.61 39.55
N LEU A 340 4.78 -27.94 39.72
CA LEU A 340 5.30 -28.48 40.97
C LEU A 340 5.27 -27.45 42.08
N LEU A 341 5.67 -26.20 41.79
CA LEU A 341 5.62 -25.14 42.81
C LEU A 341 4.16 -24.90 43.27
N ALA A 342 3.19 -24.92 42.33
CA ALA A 342 1.76 -24.76 42.61
C ALA A 342 1.21 -25.96 43.44
N ALA A 343 1.61 -27.21 43.07
CA ALA A 343 1.21 -28.43 43.79
C ALA A 343 1.67 -28.35 45.25
N LEU A 344 2.91 -27.82 45.48
CA LEU A 344 3.47 -27.68 46.82
C LEU A 344 2.78 -26.57 47.60
N LYS A 345 2.32 -25.52 46.92
CA LYS A 345 1.58 -24.43 47.55
C LYS A 345 0.19 -24.96 47.99
N MET A 346 -0.40 -25.85 47.18
CA MET A 346 -1.70 -26.49 47.43
C MET A 346 -1.70 -27.43 48.65
N VAL A 347 -0.70 -28.30 48.72
CA VAL A 347 -0.64 -29.38 49.68
C VAL A 347 0.46 -29.20 50.77
N GLY A 348 1.27 -28.17 50.64
CA GLY A 348 2.32 -27.87 51.62
C GLY A 348 3.61 -28.57 51.25
N GLY A 349 4.70 -28.09 51.82
CA GLY A 349 6.01 -28.66 51.59
C GLY A 349 6.91 -27.84 50.70
N THR A 350 8.21 -28.15 50.73
CA THR A 350 9.20 -27.44 49.93
C THR A 350 9.76 -28.38 48.88
N LEU A 351 10.40 -27.82 47.86
CA LEU A 351 11.04 -28.57 46.79
C LEU A 351 12.10 -29.52 47.33
N ALA A 352 12.93 -29.05 48.26
CA ALA A 352 14.05 -29.80 48.85
C ALA A 352 13.61 -31.03 49.64
N GLU A 353 12.47 -30.95 50.34
CA GLU A 353 11.90 -32.04 51.15
C GLU A 353 11.39 -33.21 50.29
N GLN A 354 11.19 -32.99 48.98
CA GLN A 354 10.62 -34.02 48.11
C GLN A 354 11.62 -35.08 47.64
N THR A 355 11.09 -36.23 47.23
CA THR A 355 11.83 -37.30 46.56
C THR A 355 11.11 -37.46 45.21
N TYR A 356 11.86 -37.31 44.12
CA TYR A 356 11.34 -37.30 42.75
C TYR A 356 11.67 -38.57 42.01
N LEU A 357 10.72 -39.07 41.27
CA LEU A 357 10.91 -40.23 40.42
C LEU A 357 10.29 -39.97 39.08
N PHE A 358 11.11 -40.10 38.03
CA PHE A 358 10.65 -39.91 36.66
C PHE A 358 10.60 -41.22 35.91
N LEU A 359 9.58 -41.36 35.08
CA LEU A 359 9.53 -42.47 34.12
C LEU A 359 9.81 -41.78 32.79
N GLY A 360 10.95 -42.09 32.20
CA GLY A 360 11.43 -41.46 30.98
C GLY A 360 12.53 -40.47 31.31
N ALA A 361 13.71 -40.65 30.71
CA ALA A 361 14.88 -39.81 30.99
C ALA A 361 15.48 -39.26 29.70
N GLY A 362 14.63 -38.59 28.92
CA GLY A 362 15.02 -38.01 27.65
C GLY A 362 15.11 -36.51 27.74
N GLU A 363 14.71 -35.83 26.67
CA GLU A 363 14.72 -34.38 26.60
C GLU A 363 13.87 -33.75 27.73
N ALA A 364 12.62 -34.22 27.91
CA ALA A 364 11.71 -33.70 28.94
C ALA A 364 12.10 -34.15 30.33
N GLY A 365 12.29 -35.45 30.55
CA GLY A 365 12.65 -36.00 31.85
C GLY A 365 13.86 -35.33 32.47
N THR A 366 15.01 -35.31 31.75
CA THR A 366 16.24 -34.70 32.24
C THR A 366 16.18 -33.15 32.24
N GLY A 367 15.48 -32.56 31.30
CA GLY A 367 15.34 -31.10 31.26
C GLY A 367 14.57 -30.58 32.47
N ILE A 368 13.45 -31.25 32.81
CA ILE A 368 12.63 -30.91 33.97
C ILE A 368 13.43 -31.16 35.25
N ALA A 369 14.07 -32.33 35.37
CA ALA A 369 14.86 -32.72 36.56
C ALA A 369 15.94 -31.67 36.83
N GLU A 370 16.63 -31.20 35.77
CA GLU A 370 17.67 -30.18 35.90
C GLU A 370 17.11 -28.85 36.44
N LEU A 371 15.95 -28.40 35.94
CA LEU A 371 15.36 -27.14 36.38
C LEU A 371 14.83 -27.22 37.82
N ILE A 372 14.32 -28.40 38.22
CA ILE A 372 13.89 -28.64 39.62
C ILE A 372 15.11 -28.51 40.53
N ALA A 373 16.21 -29.20 40.18
CA ALA A 373 17.47 -29.19 40.94
C ALA A 373 18.04 -27.75 40.99
N LEU A 374 17.92 -26.97 39.89
CA LEU A 374 18.39 -25.59 39.84
C LEU A 374 17.58 -24.68 40.78
N GLU A 375 16.23 -24.72 40.70
CA GLU A 375 15.38 -23.96 41.61
C GLU A 375 15.67 -24.36 43.08
N MET A 376 15.83 -25.67 43.33
CA MET A 376 16.15 -26.18 44.68
C MET A 376 17.50 -25.60 45.17
N SER A 377 18.49 -25.50 44.28
CA SER A 377 19.80 -24.93 44.66
C SER A 377 19.68 -23.46 45.06
N LYS A 378 18.74 -22.72 44.44
CA LYS A 378 18.56 -21.30 44.76
C LYS A 378 17.88 -21.17 46.10
N GLN A 379 16.85 -21.99 46.35
CA GLN A 379 16.09 -21.95 47.59
C GLN A 379 16.90 -22.39 48.81
N THR A 380 17.79 -23.39 48.63
CA THR A 380 18.55 -23.96 49.76
C THR A 380 19.96 -23.42 49.89
N LYS A 381 20.49 -22.77 48.84
CA LYS A 381 21.88 -22.28 48.76
C LYS A 381 22.87 -23.46 48.74
N ALA A 382 22.43 -24.62 48.27
CA ALA A 382 23.28 -25.81 48.20
C ALA A 382 23.73 -25.98 46.76
N PRO A 383 24.89 -26.63 46.47
CA PRO A 383 25.27 -26.86 45.05
C PRO A 383 24.22 -27.69 44.32
N ILE A 384 24.11 -27.50 43.00
CA ILE A 384 23.13 -28.24 42.20
C ILE A 384 23.37 -29.77 42.29
N GLU A 385 24.64 -30.20 42.38
CA GLU A 385 24.99 -31.64 42.52
C GLU A 385 24.31 -32.28 43.76
N GLU A 386 24.22 -31.53 44.88
CA GLU A 386 23.54 -31.99 46.10
C GLU A 386 22.03 -32.06 45.87
N CYS A 387 21.50 -31.12 45.10
CA CYS A 387 20.07 -31.02 44.78
C CYS A 387 19.58 -32.09 43.82
N ARG A 388 20.49 -32.73 43.08
CA ARG A 388 20.13 -33.80 42.15
C ARG A 388 19.97 -35.14 42.88
N LYS A 389 20.51 -35.27 44.11
CA LYS A 389 20.55 -36.53 44.90
C LYS A 389 19.20 -37.22 45.18
N LYS A 390 18.10 -36.45 45.37
CA LYS A 390 16.80 -37.10 45.60
C LYS A 390 15.93 -37.08 44.35
N VAL A 391 16.57 -36.90 43.20
CA VAL A 391 15.91 -36.92 41.87
C VAL A 391 16.37 -38.20 41.16
N TRP A 392 15.40 -39.07 40.81
CA TRP A 392 15.69 -40.37 40.21
C TRP A 392 14.93 -40.52 38.91
N LEU A 393 15.53 -41.24 37.95
CA LEU A 393 14.87 -41.46 36.67
C LEU A 393 15.01 -42.91 36.23
N VAL A 394 13.94 -43.41 35.64
CA VAL A 394 13.81 -44.74 35.06
C VAL A 394 13.73 -44.57 33.53
N ASP A 395 14.65 -45.17 32.78
CA ASP A 395 14.59 -45.10 31.31
C ASP A 395 14.10 -46.47 30.79
N SER A 396 14.24 -46.76 29.47
CA SER A 396 13.78 -48.03 28.90
C SER A 396 14.52 -49.27 29.45
N LYS A 397 15.67 -49.07 30.12
CA LYS A 397 16.45 -50.18 30.68
C LYS A 397 16.31 -50.28 32.21
N GLY A 398 15.59 -49.34 32.82
CA GLY A 398 15.35 -49.36 34.26
C GLY A 398 15.86 -48.12 34.97
N LEU A 399 16.03 -48.25 36.31
CA LEU A 399 16.53 -47.15 37.13
C LEU A 399 17.94 -46.74 36.69
N ILE A 400 18.16 -45.43 36.53
CA ILE A 400 19.46 -44.89 36.15
C ILE A 400 20.27 -44.84 37.45
N VAL A 401 21.35 -45.64 37.50
CA VAL A 401 22.18 -45.83 38.69
C VAL A 401 23.66 -45.74 38.36
N ASP A 402 24.48 -45.49 39.38
CA ASP A 402 25.93 -45.37 39.26
C ASP A 402 26.60 -46.54 38.52
N SER A 403 26.19 -47.79 38.82
CA SER A 403 26.77 -49.00 38.20
C SER A 403 26.55 -49.10 36.69
N ARG A 404 25.57 -48.34 36.16
CA ARG A 404 25.24 -48.29 34.74
C ARG A 404 26.04 -47.22 34.00
N LYS A 405 26.77 -46.35 34.73
CA LYS A 405 27.49 -45.17 34.19
C LYS A 405 28.27 -45.40 32.90
N SER A 406 29.03 -46.50 32.76
CA SER A 406 29.83 -46.78 31.57
C SER A 406 29.00 -46.91 30.28
N SER A 407 27.77 -47.39 30.38
CA SER A 407 26.87 -47.55 29.22
C SER A 407 25.83 -46.43 29.05
N LEU A 408 25.84 -45.40 29.92
CA LEU A 408 24.86 -44.30 29.82
C LEU A 408 25.26 -43.20 28.87
N ALA A 409 24.26 -42.56 28.23
CA ALA A 409 24.49 -41.37 27.42
C ALA A 409 25.01 -40.29 28.40
N PRO A 410 26.00 -39.44 28.03
CA PRO A 410 26.52 -38.44 29.00
C PRO A 410 25.47 -37.58 29.72
N PHE A 411 24.39 -37.13 29.07
CA PHE A 411 23.36 -36.32 29.74
C PHE A 411 22.60 -37.06 30.88
N LYS A 412 22.64 -38.42 30.90
CA LYS A 412 21.98 -39.22 31.96
C LYS A 412 22.87 -39.36 33.20
N LYS A 413 24.20 -39.28 33.02
CA LYS A 413 25.23 -39.45 34.06
C LYS A 413 25.04 -38.56 35.33
N PRO A 414 24.59 -37.27 35.27
CA PRO A 414 24.37 -36.51 36.53
C PRO A 414 23.30 -37.10 37.45
N TRP A 415 22.44 -38.00 36.90
CA TRP A 415 21.33 -38.61 37.64
C TRP A 415 21.62 -40.02 38.12
N ALA A 416 22.78 -40.57 37.74
CA ALA A 416 23.19 -41.94 38.07
C ALA A 416 23.76 -42.06 39.48
N HIS A 417 22.90 -41.96 40.49
CA HIS A 417 23.32 -42.06 41.90
C HIS A 417 23.54 -43.51 42.30
N GLU A 418 24.29 -43.74 43.38
CA GLU A 418 24.53 -45.08 43.90
C GLU A 418 23.23 -45.69 44.39
N HIS A 419 22.90 -46.89 43.90
CA HIS A 419 21.68 -47.61 44.24
C HIS A 419 21.73 -48.97 43.58
N GLU A 420 21.06 -49.97 44.18
CA GLU A 420 20.95 -51.31 43.59
C GLU A 420 20.20 -51.17 42.25
N PRO A 421 20.52 -51.98 41.21
CA PRO A 421 19.76 -51.87 39.96
C PRO A 421 18.31 -52.33 40.14
N LEU A 422 17.37 -51.67 39.45
CA LEU A 422 15.94 -52.00 39.47
C LEU A 422 15.44 -51.90 38.04
N THR A 423 14.66 -52.89 37.59
CA THR A 423 14.22 -52.93 36.19
C THR A 423 12.80 -52.41 35.94
N THR A 424 11.92 -52.38 36.96
CA THR A 424 10.56 -51.89 36.74
C THR A 424 10.29 -50.61 37.52
N LEU A 425 9.29 -49.83 37.06
CA LEU A 425 8.86 -48.62 37.74
C LEU A 425 8.27 -49.01 39.09
N TYR A 426 7.49 -50.10 39.14
CA TYR A 426 6.89 -50.57 40.38
C TYR A 426 7.96 -50.79 41.44
N ASP A 427 9.06 -51.50 41.10
CA ASP A 427 10.16 -51.73 42.05
C ASP A 427 10.83 -50.42 42.44
N ALA A 428 10.98 -49.50 41.48
CA ALA A 428 11.58 -48.18 41.73
C ALA A 428 10.71 -47.39 42.72
N VAL A 429 9.36 -47.39 42.54
CA VAL A 429 8.40 -46.72 43.44
C VAL A 429 8.53 -47.29 44.89
N GLN A 430 8.53 -48.62 45.03
CA GLN A 430 8.63 -49.30 46.32
C GLN A 430 9.96 -49.03 47.05
N SER A 431 11.07 -48.98 46.30
CA SER A 431 12.41 -48.80 46.87
C SER A 431 12.74 -47.34 47.15
N ILE A 432 12.44 -46.44 46.21
CA ILE A 432 12.76 -45.01 46.32
C ILE A 432 11.73 -44.27 47.17
N LYS A 433 10.44 -44.72 47.15
CA LYS A 433 9.34 -44.10 47.91
C LYS A 433 9.26 -42.60 47.57
N PRO A 434 9.06 -42.24 46.28
CA PRO A 434 9.01 -40.82 45.94
C PRO A 434 7.73 -40.19 46.48
N THR A 435 7.77 -38.87 46.65
CA THR A 435 6.61 -38.07 47.03
C THR A 435 6.02 -37.48 45.73
N VAL A 436 6.84 -37.44 44.67
CA VAL A 436 6.52 -36.86 43.34
C VAL A 436 6.87 -37.87 42.23
N LEU A 437 5.89 -38.21 41.39
CA LEU A 437 6.07 -39.14 40.28
C LEU A 437 5.71 -38.44 38.98
N ILE A 438 6.66 -38.37 38.06
CA ILE A 438 6.50 -37.67 36.77
C ILE A 438 6.71 -38.59 35.59
N GLY A 439 5.71 -38.65 34.72
CA GLY A 439 5.77 -39.47 33.52
C GLY A 439 6.09 -38.65 32.30
N THR A 440 7.24 -38.94 31.67
CA THR A 440 7.76 -38.31 30.44
C THR A 440 8.35 -39.45 29.58
N SER A 441 7.62 -40.56 29.49
CA SER A 441 8.07 -41.80 28.83
C SER A 441 7.63 -41.96 27.39
N GLY A 442 6.52 -41.31 27.05
CA GLY A 442 5.86 -41.45 25.75
C GLY A 442 5.12 -42.78 25.62
N VAL A 443 4.96 -43.51 26.75
CA VAL A 443 4.34 -44.85 26.78
C VAL A 443 3.10 -44.85 27.66
N GLY A 444 1.95 -45.04 27.03
CA GLY A 444 0.67 -45.07 27.72
C GLY A 444 0.50 -46.19 28.72
N ARG A 445 -0.24 -45.86 29.78
CA ARG A 445 -0.73 -46.75 30.83
C ARG A 445 0.39 -47.45 31.61
N THR A 446 1.55 -46.79 31.70
CA THR A 446 2.69 -47.28 32.48
C THR A 446 2.54 -46.90 33.96
N PHE A 447 1.60 -45.98 34.31
CA PHE A 447 1.30 -45.69 35.72
C PHE A 447 0.09 -46.57 36.01
N THR A 448 0.39 -47.83 36.32
CA THR A 448 -0.60 -48.88 36.56
C THR A 448 -1.29 -48.67 37.90
N LYS A 449 -2.39 -49.42 38.11
CA LYS A 449 -3.17 -49.42 39.34
C LYS A 449 -2.28 -49.66 40.56
N GLU A 450 -1.38 -50.65 40.47
CA GLU A 450 -0.43 -51.06 41.51
C GLU A 450 0.51 -49.91 41.87
N ILE A 451 1.06 -49.22 40.86
CA ILE A 451 1.99 -48.09 41.03
C ILE A 451 1.27 -46.91 41.70
N VAL A 452 0.08 -46.55 41.20
CA VAL A 452 -0.70 -45.42 41.71
C VAL A 452 -1.19 -45.71 43.14
N GLU A 453 -1.64 -46.95 43.41
CA GLU A 453 -2.02 -47.32 44.76
C GLU A 453 -0.82 -47.26 45.72
N ALA A 454 0.39 -47.71 45.26
CA ALA A 454 1.60 -47.65 46.09
C ALA A 454 1.97 -46.17 46.38
N MET A 455 1.78 -45.26 45.40
CA MET A 455 2.03 -43.82 45.60
C MET A 455 1.13 -43.26 46.70
N ALA A 456 -0.14 -43.71 46.72
CA ALA A 456 -1.17 -43.32 47.69
C ALA A 456 -0.98 -44.00 49.04
N SER A 457 -0.23 -45.11 49.10
CA SER A 457 0.08 -45.79 50.35
C SER A 457 1.28 -45.09 50.99
N ILE A 458 2.30 -44.73 50.18
CA ILE A 458 3.54 -44.04 50.60
C ILE A 458 3.23 -42.59 51.04
N ASN A 459 2.33 -41.90 50.33
CA ASN A 459 2.04 -40.50 50.58
C ASN A 459 0.60 -40.22 50.89
N GLU A 460 0.34 -39.20 51.75
CA GLU A 460 -1.03 -38.79 52.03
C GLU A 460 -1.61 -38.08 50.82
N ARG A 461 -0.79 -37.24 50.14
CA ARG A 461 -1.19 -36.54 48.92
C ARG A 461 -0.11 -36.76 47.83
N PRO A 462 -0.08 -37.94 47.16
CA PRO A 462 0.95 -38.14 46.12
C PRO A 462 0.80 -37.13 44.98
N ILE A 463 1.93 -36.59 44.50
CA ILE A 463 1.92 -35.67 43.37
C ILE A 463 2.25 -36.52 42.17
N ILE A 464 1.31 -36.61 41.24
CA ILE A 464 1.45 -37.46 40.06
C ILE A 464 1.24 -36.64 38.81
N PHE A 465 2.28 -36.54 38.00
CA PHE A 465 2.22 -35.83 36.73
C PHE A 465 2.36 -36.84 35.61
N SER A 466 1.30 -37.01 34.81
CA SER A 466 1.31 -37.92 33.70
C SER A 466 1.39 -37.04 32.44
N LEU A 467 2.60 -36.71 32.03
CA LEU A 467 2.81 -35.67 30.99
C LEU A 467 2.93 -36.13 29.56
N SER A 468 2.97 -37.46 29.32
CA SER A 468 3.07 -37.95 27.94
C SER A 468 1.85 -37.59 27.12
N ASN A 469 2.09 -37.10 25.91
CA ASN A 469 1.12 -36.57 24.95
C ASN A 469 1.06 -37.37 23.67
N PRO A 470 -0.12 -37.50 23.00
CA PRO A 470 -1.45 -36.99 23.38
C PRO A 470 -2.07 -37.89 24.46
N THR A 471 -3.37 -37.75 24.80
CA THR A 471 -3.98 -38.62 25.84
C THR A 471 -3.75 -40.12 25.61
N SER A 472 -3.65 -40.59 24.36
CA SER A 472 -3.42 -42.02 24.12
C SER A 472 -2.09 -42.53 24.71
N HIS A 473 -1.10 -41.63 24.90
CA HIS A 473 0.24 -41.93 25.42
C HIS A 473 0.39 -41.61 26.91
N SER A 474 -0.65 -41.03 27.50
CA SER A 474 -0.61 -40.64 28.89
C SER A 474 -0.36 -41.85 29.81
N GLU A 475 0.60 -41.72 30.74
CA GLU A 475 0.96 -42.78 31.73
C GLU A 475 -0.25 -43.32 32.49
N CYS A 476 -1.21 -42.44 32.79
CA CYS A 476 -2.51 -42.82 33.35
C CYS A 476 -3.50 -41.70 33.04
N THR A 477 -4.80 -41.97 33.20
CA THR A 477 -5.83 -40.95 32.96
C THR A 477 -6.13 -40.23 34.28
N ALA A 478 -6.91 -39.13 34.22
CA ALA A 478 -7.33 -38.41 35.44
C ALA A 478 -8.30 -39.29 36.25
N GLU A 479 -9.21 -40.02 35.55
CA GLU A 479 -10.17 -40.93 36.18
C GLU A 479 -9.44 -41.95 37.04
N GLN A 480 -8.38 -42.54 36.50
CA GLN A 480 -7.55 -43.55 37.16
C GLN A 480 -6.79 -42.95 38.32
N ALA A 481 -6.15 -41.77 38.14
CA ALA A 481 -5.39 -41.13 39.22
C ALA A 481 -6.26 -40.86 40.45
N TYR A 482 -7.50 -40.33 40.25
CA TYR A 482 -8.37 -40.01 41.37
C TYR A 482 -9.01 -41.25 42.01
N THR A 483 -9.47 -42.22 41.19
CA THR A 483 -10.08 -43.45 41.71
C THR A 483 -9.04 -44.26 42.50
N TRP A 484 -7.86 -44.50 41.89
CA TRP A 484 -6.81 -45.31 42.49
C TRP A 484 -6.14 -44.68 43.75
N THR A 485 -6.40 -43.38 44.02
CA THR A 485 -5.84 -42.71 45.22
C THR A 485 -6.94 -42.23 46.15
N GLN A 486 -8.21 -42.64 45.90
CA GLN A 486 -9.40 -42.21 46.65
C GLN A 486 -9.51 -40.68 46.75
N GLY A 487 -9.24 -40.01 45.63
CA GLY A 487 -9.29 -38.56 45.48
C GLY A 487 -8.17 -37.78 46.15
N ARG A 488 -7.09 -38.47 46.56
CA ARG A 488 -5.98 -37.84 47.29
C ARG A 488 -4.79 -37.41 46.42
N ALA A 489 -4.70 -37.90 45.16
CA ALA A 489 -3.60 -37.49 44.29
C ALA A 489 -3.74 -36.05 43.87
N VAL A 490 -2.60 -35.37 43.77
CA VAL A 490 -2.51 -34.04 43.19
C VAL A 490 -2.06 -34.39 41.78
N PHE A 491 -2.98 -34.31 40.82
CA PHE A 491 -2.74 -34.76 39.46
C PHE A 491 -2.69 -33.67 38.42
N ALA A 492 -1.80 -33.82 37.45
CA ALA A 492 -1.70 -32.97 36.26
C ALA A 492 -1.32 -33.88 35.11
N SER A 493 -1.72 -33.51 33.88
CA SER A 493 -1.41 -34.31 32.71
C SER A 493 -0.86 -33.41 31.61
N GLY A 494 -0.26 -33.99 30.58
CA GLY A 494 0.28 -33.17 29.48
C GLY A 494 -0.86 -32.74 28.59
N SER A 495 -1.84 -33.65 28.39
CA SER A 495 -3.01 -33.47 27.51
C SER A 495 -4.32 -33.36 28.29
N PRO A 496 -5.34 -32.59 27.83
CA PRO A 496 -6.59 -32.48 28.61
C PRO A 496 -7.43 -33.74 28.77
N PHE A 497 -7.92 -33.93 29.99
CA PHE A 497 -8.88 -34.96 30.36
C PHE A 497 -10.13 -34.22 30.81
N ALA A 498 -11.31 -34.83 30.61
CA ALA A 498 -12.59 -34.26 31.04
C ALA A 498 -12.64 -34.25 32.58
N PRO A 499 -13.45 -33.36 33.23
CA PRO A 499 -13.51 -33.38 34.70
C PRO A 499 -13.92 -34.76 35.24
N VAL A 500 -13.46 -35.07 36.45
CA VAL A 500 -13.70 -36.37 37.06
C VAL A 500 -14.64 -36.23 38.24
N GLU A 501 -15.73 -37.03 38.23
CA GLU A 501 -16.68 -37.09 39.35
C GLU A 501 -16.23 -38.23 40.23
N TYR A 502 -15.74 -37.92 41.42
CA TYR A 502 -15.30 -38.92 42.38
C TYR A 502 -15.86 -38.56 43.73
N ASP A 503 -16.50 -39.55 44.40
CA ASP A 503 -17.18 -39.36 45.67
C ASP A 503 -18.27 -38.29 45.36
N GLY A 504 -18.33 -37.20 46.12
CA GLY A 504 -19.30 -36.16 45.83
C GLY A 504 -18.66 -34.94 45.19
N LYS A 505 -17.38 -35.07 44.78
CA LYS A 505 -16.59 -33.98 44.24
C LYS A 505 -16.28 -34.05 42.74
N THR A 506 -15.98 -32.86 42.16
CA THR A 506 -15.56 -32.72 40.77
C THR A 506 -14.09 -32.29 40.79
N PHE A 507 -13.25 -33.04 40.09
CA PHE A 507 -11.82 -32.80 39.98
C PHE A 507 -11.53 -32.36 38.55
N VAL A 508 -10.93 -31.17 38.38
CA VAL A 508 -10.54 -30.60 37.08
C VAL A 508 -9.01 -30.68 36.99
N PRO A 509 -8.46 -31.76 36.44
CA PRO A 509 -6.98 -31.86 36.40
C PRO A 509 -6.39 -30.82 35.41
N GLY A 510 -5.37 -30.11 35.86
CA GLY A 510 -4.68 -29.11 35.03
C GLY A 510 -3.75 -29.76 34.02
N GLN A 511 -3.38 -29.02 32.94
CA GLN A 511 -2.45 -29.49 31.91
C GLN A 511 -1.14 -28.70 31.90
N SER A 512 -0.03 -29.40 31.71
CA SER A 512 1.31 -28.75 31.64
C SER A 512 1.55 -28.16 30.23
N ASN A 513 0.57 -27.39 29.72
CA ASN A 513 0.65 -26.82 28.39
C ASN A 513 1.76 -25.77 28.31
N ASN A 514 2.73 -25.96 27.41
CA ASN A 514 3.82 -24.96 27.20
C ASN A 514 3.30 -23.54 26.95
N ALA A 515 2.07 -23.42 26.38
CA ALA A 515 1.38 -22.14 26.08
C ALA A 515 1.15 -21.28 27.32
N TYR A 516 1.22 -21.86 28.53
CA TYR A 516 1.15 -21.08 29.75
C TYR A 516 2.40 -20.18 29.91
N ILE A 517 3.57 -20.64 29.43
CA ILE A 517 4.85 -19.98 29.64
C ILE A 517 5.41 -19.15 28.48
N PHE A 518 5.57 -19.75 27.29
CA PHE A 518 6.28 -19.08 26.20
C PHE A 518 5.67 -17.71 25.82
N PRO A 519 4.33 -17.48 25.78
CA PRO A 519 3.84 -16.15 25.38
C PRO A 519 4.34 -15.02 26.27
N GLY A 520 4.22 -15.18 27.59
CA GLY A 520 4.68 -14.21 28.57
C GLY A 520 6.19 -14.11 28.65
N LEU A 521 6.89 -15.26 28.50
CA LEU A 521 8.37 -15.24 28.46
C LEU A 521 8.88 -14.41 27.25
N GLY A 522 8.34 -14.69 26.07
CA GLY A 522 8.68 -13.95 24.86
C GLY A 522 8.39 -12.48 25.03
N LEU A 523 7.18 -12.12 25.55
CA LEU A 523 6.83 -10.72 25.81
C LEU A 523 7.81 -10.03 26.77
N GLY A 524 8.19 -10.72 27.85
CA GLY A 524 9.13 -10.21 28.84
C GLY A 524 10.49 -9.87 28.24
N LEU A 525 10.95 -10.70 27.32
CA LEU A 525 12.22 -10.46 26.61
C LEU A 525 12.12 -9.26 25.69
N VAL A 526 11.02 -9.17 24.92
CA VAL A 526 10.78 -8.08 23.98
C VAL A 526 10.70 -6.71 24.67
N ILE A 527 9.87 -6.62 25.73
CA ILE A 527 9.59 -5.34 26.40
C ILE A 527 10.80 -4.81 27.19
N SER A 528 11.71 -5.70 27.62
CA SER A 528 12.92 -5.32 28.36
C SER A 528 14.11 -5.08 27.40
N GLY A 529 13.93 -5.44 26.13
CA GLY A 529 15.01 -5.36 25.15
C GLY A 529 16.14 -6.32 25.52
N ALA A 530 15.78 -7.50 26.07
CA ALA A 530 16.77 -8.53 26.46
C ALA A 530 17.61 -8.98 25.26
N VAL A 531 18.92 -9.21 25.48
CA VAL A 531 19.80 -9.66 24.38
C VAL A 531 20.15 -11.14 24.53
N ARG A 532 19.94 -11.71 25.72
CA ARG A 532 20.20 -13.12 25.97
C ARG A 532 19.14 -13.70 26.89
N VAL A 533 18.86 -14.99 26.73
CA VAL A 533 17.98 -15.70 27.66
C VAL A 533 18.90 -16.29 28.74
N HIS A 534 18.53 -16.15 30.00
CA HIS A 534 19.30 -16.73 31.10
C HIS A 534 18.37 -17.72 31.81
N GLU A 535 18.91 -18.83 32.33
CA GLU A 535 18.15 -19.87 33.05
C GLU A 535 17.32 -19.29 34.22
N ASP A 536 17.81 -18.20 34.84
CA ASP A 536 17.09 -17.55 35.95
C ASP A 536 15.76 -16.94 35.49
N MET A 537 15.66 -16.58 34.18
CA MET A 537 14.40 -16.06 33.61
C MET A 537 13.36 -17.17 33.57
N LEU A 538 13.81 -18.43 33.32
CA LEU A 538 12.94 -19.63 33.33
C LEU A 538 12.42 -19.85 34.74
N LEU A 539 13.29 -19.67 35.76
CA LEU A 539 12.87 -19.80 37.16
C LEU A 539 11.88 -18.69 37.54
N ALA A 540 12.12 -17.47 37.04
CA ALA A 540 11.23 -16.33 37.33
C ALA A 540 9.85 -16.57 36.69
N ALA A 541 9.82 -17.12 35.47
CA ALA A 541 8.56 -17.42 34.77
C ALA A 541 7.79 -18.49 35.53
N SER A 542 8.46 -19.59 35.93
CA SER A 542 7.83 -20.70 36.70
C SER A 542 7.23 -20.15 37.98
N ALA A 543 8.01 -19.32 38.74
CA ALA A 543 7.55 -18.75 40.01
C ALA A 543 6.33 -17.85 39.79
N ALA A 544 6.33 -17.05 38.69
CA ALA A 544 5.24 -16.13 38.32
C ALA A 544 3.96 -16.89 37.95
N LEU A 545 4.09 -17.99 37.19
CA LEU A 545 2.94 -18.84 36.83
C LEU A 545 2.36 -19.51 38.08
N ALA A 546 3.21 -20.14 38.92
CA ALA A 546 2.75 -20.80 40.16
C ALA A 546 2.05 -19.79 41.08
N ASP A 547 2.54 -18.52 41.13
CA ASP A 547 1.96 -17.46 41.97
C ASP A 547 0.52 -17.14 41.53
N GLN A 548 0.17 -17.44 40.26
CA GLN A 548 -1.16 -17.24 39.72
C GLN A 548 -2.12 -18.38 40.05
N ALA A 549 -1.58 -19.51 40.52
CA ALA A 549 -2.41 -20.62 40.93
C ALA A 549 -2.88 -20.31 42.35
N THR A 550 -4.20 -20.25 42.54
CA THR A 550 -4.77 -19.94 43.86
C THR A 550 -5.75 -21.00 44.32
N GLU A 551 -6.33 -20.81 45.52
CA GLU A 551 -7.33 -21.71 46.12
C GLU A 551 -8.55 -21.84 45.22
N GLU A 552 -8.86 -20.79 44.43
CA GLU A 552 -9.92 -20.77 43.43
C GLU A 552 -9.75 -21.93 42.45
N ASN A 553 -8.50 -22.22 41.99
CA ASN A 553 -8.26 -23.34 41.10
C ASN A 553 -7.90 -24.62 41.88
N PHE A 554 -7.23 -24.51 43.05
CA PHE A 554 -6.87 -25.65 43.88
C PHE A 554 -8.10 -26.45 44.36
N VAL A 555 -9.20 -25.75 44.73
CA VAL A 555 -10.46 -26.36 45.20
C VAL A 555 -11.06 -27.31 44.13
N THR A 556 -10.80 -27.04 42.83
CA THR A 556 -11.28 -27.86 41.72
C THR A 556 -10.27 -28.95 41.37
N GLY A 557 -9.12 -29.00 42.03
CA GLY A 557 -8.08 -29.98 41.75
C GLY A 557 -7.04 -29.51 40.75
N SER A 558 -7.23 -28.33 40.14
CA SER A 558 -6.28 -27.82 39.15
C SER A 558 -5.11 -27.05 39.78
N ILE A 559 -3.89 -27.48 39.47
CA ILE A 559 -2.71 -26.79 39.97
C ILE A 559 -2.37 -25.58 39.11
N PHE A 560 -2.88 -25.55 37.85
CA PHE A 560 -2.64 -24.38 36.99
C PHE A 560 -3.90 -23.50 36.96
N PRO A 561 -3.76 -22.17 36.90
CA PRO A 561 -4.96 -21.32 36.71
C PRO A 561 -5.54 -21.57 35.30
N PRO A 562 -6.83 -21.29 35.02
CA PRO A 562 -7.35 -21.61 33.67
C PRO A 562 -6.84 -20.66 32.59
N PHE A 563 -6.96 -21.06 31.31
CA PHE A 563 -6.53 -20.20 30.21
C PHE A 563 -7.45 -18.98 30.01
N THR A 564 -8.62 -18.95 30.68
CA THR A 564 -9.57 -17.83 30.58
C THR A 564 -8.94 -16.49 30.99
N ASN A 565 -7.97 -16.50 31.92
CA ASN A 565 -7.28 -15.28 32.39
C ASN A 565 -5.82 -15.26 31.87
N ILE A 566 -5.55 -15.88 30.70
CA ILE A 566 -4.19 -15.99 30.17
C ILE A 566 -3.49 -14.61 29.93
N ARG A 567 -4.24 -13.57 29.54
CA ARG A 567 -3.62 -12.26 29.31
C ARG A 567 -3.02 -11.70 30.58
N LYS A 568 -3.71 -11.86 31.72
CA LYS A 568 -3.24 -11.40 33.01
C LYS A 568 -2.03 -12.21 33.44
N ILE A 569 -2.11 -13.54 33.26
CA ILE A 569 -1.02 -14.48 33.61
C ILE A 569 0.24 -14.12 32.85
N SER A 570 0.12 -13.95 31.52
CA SER A 570 1.24 -13.57 30.65
C SER A 570 1.87 -12.23 31.05
N ALA A 571 1.06 -11.26 31.51
CA ALA A 571 1.57 -9.94 31.97
C ALA A 571 2.47 -10.13 33.21
N TYR A 572 2.04 -11.00 34.17
CA TYR A 572 2.85 -11.31 35.36
C TYR A 572 4.13 -12.07 35.01
N ILE A 573 4.07 -13.06 34.12
CA ILE A 573 5.25 -13.79 33.68
C ILE A 573 6.23 -12.82 32.97
N ALA A 574 5.68 -11.99 32.04
CA ALA A 574 6.45 -10.97 31.28
C ALA A 574 7.19 -10.03 32.21
N ALA A 575 6.52 -9.53 33.26
CA ALA A 575 7.09 -8.63 34.26
C ALA A 575 8.22 -9.31 35.04
N ALA A 576 8.06 -10.59 35.41
CA ALA A 576 9.06 -11.35 36.17
C ALA A 576 10.30 -11.63 35.30
N VAL A 577 10.09 -11.98 34.02
CA VAL A 577 11.17 -12.23 33.07
C VAL A 577 11.93 -10.90 32.79
N ALA A 578 11.19 -9.78 32.56
CA ALA A 578 11.77 -8.45 32.32
C ALA A 578 12.59 -8.02 33.55
N ALA A 579 12.04 -8.19 34.78
CA ALA A 579 12.76 -7.85 36.04
C ALA A 579 14.07 -8.61 36.11
N LYS A 580 14.05 -9.90 35.75
CA LYS A 580 15.24 -10.75 35.75
C LYS A 580 16.27 -10.24 34.73
N ALA A 581 15.83 -9.86 33.51
CA ALA A 581 16.71 -9.27 32.50
C ALA A 581 17.44 -7.99 33.02
N TYR A 582 16.69 -7.10 33.69
CA TYR A 582 17.25 -5.86 34.28
C TYR A 582 18.25 -6.20 35.39
N GLU A 583 17.87 -7.12 36.30
CA GLU A 583 18.71 -7.56 37.43
C GLU A 583 20.04 -8.18 36.92
N LEU A 584 19.98 -8.97 35.83
CA LEU A 584 21.17 -9.63 35.28
C LEU A 584 22.02 -8.76 34.33
N GLY A 585 21.56 -7.54 34.04
CA GLY A 585 22.26 -6.63 33.13
C GLY A 585 22.15 -7.07 31.68
N LEU A 586 21.05 -7.78 31.34
CA LEU A 586 20.81 -8.27 29.98
C LEU A 586 19.76 -7.45 29.22
N ALA A 587 19.12 -6.48 29.88
CA ALA A 587 18.10 -5.64 29.28
C ALA A 587 18.69 -4.38 28.63
N THR A 588 18.12 -3.94 27.50
CA THR A 588 18.60 -2.73 26.81
C THR A 588 17.58 -1.58 26.86
N ARG A 589 16.31 -1.85 27.26
CA ARG A 589 15.30 -0.79 27.33
C ARG A 589 15.44 -0.15 28.70
N LEU A 590 16.41 0.77 28.78
CA LEU A 590 16.81 1.42 30.03
C LEU A 590 16.34 2.87 30.14
N PRO A 591 15.90 3.33 31.35
CA PRO A 591 15.84 2.60 32.63
C PRO A 591 14.61 1.68 32.73
N PRO A 592 14.56 0.69 33.66
CA PRO A 592 13.34 -0.13 33.77
C PRO A 592 12.14 0.70 34.23
N PRO A 593 10.92 0.50 33.69
CA PRO A 593 9.76 1.20 34.26
C PRO A 593 9.54 0.73 35.71
N LYS A 594 8.96 1.57 36.57
CA LYS A 594 8.75 1.23 38.00
C LYS A 594 7.75 0.08 38.23
N ASP A 595 6.68 0.00 37.42
CA ASP A 595 5.66 -1.04 37.55
C ASP A 595 5.71 -1.87 36.27
N LEU A 596 6.44 -2.98 36.32
CA LEU A 596 6.66 -3.86 35.17
C LEU A 596 5.41 -4.60 34.73
N VAL A 597 4.47 -4.87 35.66
CA VAL A 597 3.19 -5.52 35.32
C VAL A 597 2.34 -4.56 34.46
N ALA A 598 2.15 -3.31 34.93
CA ALA A 598 1.39 -2.29 34.17
C ALA A 598 2.11 -2.01 32.85
N TYR A 599 3.45 -2.00 32.84
CA TYR A 599 4.21 -1.78 31.59
C TYR A 599 3.98 -2.93 30.59
N ALA A 600 4.05 -4.20 31.05
CA ALA A 600 3.78 -5.37 30.19
C ALA A 600 2.36 -5.27 29.58
N GLU A 601 1.35 -4.93 30.40
CA GLU A 601 -0.04 -4.80 29.93
C GLU A 601 -0.21 -3.69 28.90
N SER A 602 0.50 -2.55 29.09
CA SER A 602 0.46 -1.43 28.17
C SER A 602 1.06 -1.78 26.80
N CYS A 603 1.98 -2.79 26.76
CA CYS A 603 2.65 -3.24 25.53
C CYS A 603 1.86 -4.29 24.77
N MET A 604 0.80 -4.85 25.39
CA MET A 604 0.09 -5.97 24.77
C MET A 604 -0.83 -5.54 23.64
N TYR A 605 -0.74 -6.25 22.52
CA TYR A 605 -1.61 -6.02 21.37
C TYR A 605 -3.07 -6.32 21.75
N SER A 606 -3.96 -5.40 21.42
CA SER A 606 -5.37 -5.58 21.67
C SER A 606 -6.04 -5.84 20.30
N PRO A 607 -6.78 -6.96 20.13
CA PRO A 607 -7.41 -7.22 18.83
C PRO A 607 -8.76 -6.52 18.62
N VAL A 608 -9.09 -5.50 19.44
CA VAL A 608 -10.33 -4.72 19.21
C VAL A 608 -10.10 -3.95 17.89
N TYR A 609 -11.11 -3.88 17.01
CA TYR A 609 -10.98 -3.17 15.76
C TYR A 609 -10.58 -1.71 15.94
N ARG A 610 -9.80 -1.20 15.01
CA ARG A 610 -9.47 0.22 14.98
C ARG A 610 -10.59 0.95 14.25
N ASN A 611 -10.68 2.26 14.46
CA ASN A 611 -11.57 3.15 13.75
C ASN A 611 -10.71 3.72 12.62
N TYR A 612 -11.32 3.82 11.44
N TYR A 612 -11.25 3.80 11.40
CA TYR A 612 -10.76 4.35 10.21
CA TYR A 612 -10.40 4.30 10.32
C TYR A 612 -11.63 5.55 9.81
C TYR A 612 -10.67 5.72 9.92
N GLN A 613 -12.41 6.04 10.81
N GLN A 613 -9.58 6.44 9.62
CA GLN A 613 -13.40 7.15 10.84
CA GLN A 613 -9.60 7.78 9.06
C GLN A 613 -13.41 8.00 9.57
C GLN A 613 -9.72 7.57 7.57
N GLU B 61 -18.56 16.04 -17.35
CA GLU B 61 -19.12 16.79 -16.22
C GLU B 61 -19.24 15.90 -14.97
N LEU B 62 -19.70 14.64 -15.14
CA LEU B 62 -19.84 13.67 -14.06
C LEU B 62 -18.47 13.36 -13.43
N PRO B 63 -18.42 13.21 -12.08
CA PRO B 63 -17.15 12.87 -11.43
C PRO B 63 -16.59 11.52 -11.89
N VAL B 64 -15.27 11.38 -11.85
CA VAL B 64 -14.65 10.10 -12.23
C VAL B 64 -13.79 9.62 -11.07
N MET B 65 -13.58 8.31 -11.00
CA MET B 65 -12.72 7.78 -9.98
C MET B 65 -11.26 7.80 -10.50
N PRO B 66 -10.29 8.38 -9.75
CA PRO B 66 -8.89 8.30 -10.22
C PRO B 66 -8.30 6.94 -9.83
N TRP B 67 -8.03 6.10 -10.81
CA TRP B 67 -7.46 4.77 -10.54
C TRP B 67 -5.95 4.80 -10.81
N ALA B 68 -5.16 4.16 -9.97
CA ALA B 68 -3.71 4.02 -10.05
C ALA B 68 -3.42 2.56 -10.43
N THR B 69 -2.47 2.34 -11.34
CA THR B 69 -2.07 0.99 -11.76
C THR B 69 -0.61 0.75 -11.42
N SER B 70 -0.28 -0.44 -10.93
CA SER B 70 1.08 -0.84 -10.63
C SER B 70 1.22 -2.35 -10.87
N VAL B 71 2.45 -2.83 -10.97
CA VAL B 71 2.74 -4.26 -11.15
C VAL B 71 2.40 -4.97 -9.84
N ALA B 72 1.59 -6.03 -9.91
CA ALA B 72 1.26 -6.80 -8.71
C ALA B 72 2.44 -7.73 -8.39
N SER B 73 2.90 -7.71 -7.13
CA SER B 73 3.98 -8.59 -6.66
C SER B 73 3.72 -8.90 -5.19
N GLY B 74 4.48 -9.83 -4.62
CA GLY B 74 4.34 -10.22 -3.21
C GLY B 74 2.92 -10.59 -2.80
N TYR B 75 2.50 -10.18 -1.59
CA TYR B 75 1.13 -10.48 -1.12
C TYR B 75 0.05 -9.79 -1.92
N THR B 76 0.36 -8.67 -2.60
CA THR B 76 -0.64 -8.00 -3.47
C THR B 76 -1.05 -8.94 -4.61
N LEU B 77 -0.08 -9.66 -5.16
CA LEU B 77 -0.32 -10.63 -6.21
C LEU B 77 -1.02 -11.90 -5.65
N LEU B 78 -0.55 -12.41 -4.49
CA LEU B 78 -1.15 -13.60 -3.87
C LEU B 78 -2.61 -13.38 -3.45
N ARG B 79 -2.98 -12.12 -3.08
CA ARG B 79 -4.31 -11.76 -2.62
C ARG B 79 -5.25 -11.25 -3.69
N ASP B 80 -4.81 -11.24 -4.94
CA ASP B 80 -5.64 -10.86 -6.07
C ASP B 80 -6.16 -12.16 -6.70
N PRO B 81 -7.47 -12.52 -6.54
CA PRO B 81 -7.97 -13.78 -7.12
C PRO B 81 -7.87 -13.89 -8.64
N ARG B 82 -7.77 -12.76 -9.35
CA ARG B 82 -7.65 -12.74 -10.81
C ARG B 82 -6.25 -13.21 -11.24
N HIS B 83 -5.22 -12.93 -10.41
CA HIS B 83 -3.84 -13.30 -10.77
C HIS B 83 -3.22 -14.41 -9.94
N ASN B 84 -3.75 -14.63 -8.73
CA ASN B 84 -3.23 -15.65 -7.84
C ASN B 84 -3.35 -17.06 -8.45
N LYS B 85 -2.23 -17.80 -8.44
CA LYS B 85 -2.13 -19.17 -8.97
C LYS B 85 -1.75 -20.12 -7.80
N GLY B 86 -1.60 -19.56 -6.60
CA GLY B 86 -1.20 -20.32 -5.42
C GLY B 86 0.16 -20.98 -5.62
N LEU B 87 0.22 -22.31 -5.43
CA LEU B 87 1.45 -23.07 -5.63
C LEU B 87 1.79 -23.34 -7.10
N ALA B 88 0.91 -22.91 -8.04
CA ALA B 88 1.20 -23.09 -9.45
C ALA B 88 2.15 -22.00 -10.00
N PHE B 89 2.44 -20.95 -9.21
CA PHE B 89 3.47 -19.98 -9.64
C PHE B 89 4.79 -20.77 -9.81
N THR B 90 5.44 -20.63 -10.97
CA THR B 90 6.69 -21.35 -11.25
C THR B 90 7.81 -20.66 -10.47
N GLU B 91 8.97 -21.33 -10.35
N GLU B 91 8.97 -21.32 -10.33
CA GLU B 91 10.15 -20.77 -9.68
CA GLU B 91 10.12 -20.76 -9.64
C GLU B 91 10.54 -19.42 -10.29
C GLU B 91 10.52 -19.41 -10.29
N ARG B 92 10.47 -19.33 -11.64
CA ARG B 92 10.81 -18.10 -12.42
C ARG B 92 9.79 -16.99 -12.11
N GLU B 93 8.49 -17.30 -12.05
CA GLU B 93 7.47 -16.30 -11.68
C GLU B 93 7.63 -15.82 -10.26
N ARG B 94 7.98 -16.75 -9.34
CA ARG B 94 8.19 -16.40 -7.92
C ARG B 94 9.37 -15.43 -7.79
N ASP B 95 10.47 -15.70 -8.51
CA ASP B 95 11.64 -14.82 -8.49
C ASP B 95 11.32 -13.43 -9.04
N ALA B 96 10.62 -13.39 -10.19
CA ALA B 96 10.29 -12.11 -10.84
C ALA B 96 9.25 -11.29 -10.07
N HIS B 97 8.39 -11.93 -9.25
CA HIS B 97 7.34 -11.15 -8.59
CA HIS B 97 7.32 -11.21 -8.56
C HIS B 97 7.42 -11.20 -7.05
N TYR B 98 8.64 -11.35 -6.53
CA TYR B 98 8.93 -11.26 -5.09
C TYR B 98 8.05 -12.19 -4.22
N LEU B 99 7.92 -13.45 -4.66
CA LEU B 99 7.18 -14.51 -3.95
C LEU B 99 8.09 -15.54 -3.33
N ARG B 100 9.39 -15.52 -3.67
CA ARG B 100 10.32 -16.52 -3.17
C ARG B 100 10.34 -16.45 -1.62
N GLY B 101 10.06 -17.58 -0.98
CA GLY B 101 9.99 -17.69 0.47
C GLY B 101 8.58 -17.53 1.00
N LEU B 102 7.72 -16.79 0.28
CA LEU B 102 6.30 -16.61 0.69
C LEU B 102 5.50 -17.89 0.47
N LEU B 103 6.03 -18.77 -0.40
CA LEU B 103 5.40 -20.03 -0.72
C LEU B 103 6.37 -21.15 -0.42
N PRO B 104 5.86 -22.37 -0.08
CA PRO B 104 6.77 -23.52 0.12
C PRO B 104 7.44 -23.88 -1.22
N PRO B 105 8.55 -24.65 -1.22
CA PRO B 105 9.29 -24.90 -2.48
C PRO B 105 8.55 -25.56 -3.64
N ALA B 106 7.60 -26.47 -3.38
CA ALA B 106 6.91 -27.16 -4.46
C ALA B 106 6.12 -26.28 -5.41
N VAL B 107 6.22 -26.62 -6.70
CA VAL B 107 5.43 -26.01 -7.78
C VAL B 107 4.35 -27.07 -8.04
N VAL B 108 3.07 -26.71 -7.87
CA VAL B 108 1.98 -27.65 -7.98
C VAL B 108 1.00 -27.19 -9.05
N SER B 109 0.83 -28.03 -10.11
CA SER B 109 0.00 -27.76 -11.29
C SER B 109 -1.44 -27.43 -10.96
N GLN B 110 -2.13 -26.75 -11.90
CA GLN B 110 -3.55 -26.44 -11.77
C GLN B 110 -4.35 -27.76 -11.59
N GLU B 111 -3.97 -28.81 -12.32
CA GLU B 111 -4.61 -30.14 -12.29
C GLU B 111 -4.49 -30.78 -10.87
N LEU B 112 -3.30 -30.71 -10.24
CA LEU B 112 -3.09 -31.21 -8.88
C LEU B 112 -3.90 -30.39 -7.86
N GLN B 113 -3.97 -29.06 -8.04
CA GLN B 113 -4.77 -28.19 -7.17
C GLN B 113 -6.26 -28.50 -7.25
N ILE B 114 -6.74 -28.88 -8.46
CA ILE B 114 -8.15 -29.28 -8.63
C ILE B 114 -8.42 -30.57 -7.84
N LYS B 115 -7.50 -31.56 -7.97
CA LYS B 115 -7.63 -32.84 -7.31
C LYS B 115 -7.69 -32.69 -5.77
N LYS B 116 -6.76 -31.90 -5.22
CA LYS B 116 -6.63 -31.60 -3.80
C LYS B 116 -7.94 -30.91 -3.31
N PHE B 117 -8.45 -29.92 -4.07
CA PHE B 117 -9.67 -29.23 -3.69
C PHE B 117 -10.88 -30.17 -3.67
N MET B 118 -11.05 -30.98 -4.72
CA MET B 118 -12.15 -31.96 -4.82
C MET B 118 -12.07 -32.98 -3.66
N ASN B 119 -10.86 -33.47 -3.29
CA ASN B 119 -10.66 -34.39 -2.18
C ASN B 119 -11.18 -33.81 -0.87
N ASN B 120 -10.86 -32.54 -0.60
CA ASN B 120 -11.32 -31.87 0.61
C ASN B 120 -12.81 -31.59 0.59
N LEU B 121 -13.32 -31.17 -0.56
CA LEU B 121 -14.72 -30.80 -0.70
C LEU B 121 -15.65 -31.98 -0.39
N ARG B 122 -15.28 -33.19 -0.83
CA ARG B 122 -16.05 -34.43 -0.64
C ARG B 122 -16.10 -34.86 0.83
N GLN B 123 -15.26 -34.26 1.68
CA GLN B 123 -15.24 -34.60 3.11
C GLN B 123 -16.16 -33.72 3.95
N TYR B 124 -16.76 -32.66 3.35
CA TYR B 124 -17.70 -31.85 4.15
C TYR B 124 -18.99 -32.62 4.31
N GLN B 125 -19.46 -32.69 5.55
CA GLN B 125 -20.71 -33.40 5.84
C GLN B 125 -21.92 -32.67 5.25
N LEU B 126 -21.91 -31.33 5.27
CA LEU B 126 -23.09 -30.59 4.79
C LEU B 126 -22.90 -29.91 3.44
N PRO B 127 -23.93 -29.97 2.55
CA PRO B 127 -23.84 -29.26 1.26
C PRO B 127 -23.50 -27.77 1.41
N ILE B 128 -24.04 -27.07 2.44
CA ILE B 128 -23.73 -25.65 2.67
C ILE B 128 -22.22 -25.42 2.90
N GLN B 129 -21.54 -26.39 3.54
CA GLN B 129 -20.09 -26.31 3.78
C GLN B 129 -19.34 -26.44 2.46
N CYS B 130 -19.82 -27.25 1.49
CA CYS B 130 -19.25 -27.35 0.12
C CYS B 130 -19.43 -25.99 -0.59
N TYR B 131 -20.65 -25.42 -0.48
CA TYR B 131 -20.93 -24.12 -1.06
C TYR B 131 -19.97 -23.03 -0.52
N MET B 132 -19.76 -23.00 0.80
CA MET B 132 -18.86 -22.02 1.42
C MET B 132 -17.43 -22.15 0.94
N ALA B 133 -16.95 -23.40 0.83
CA ALA B 133 -15.59 -23.66 0.36
C ALA B 133 -15.46 -23.20 -1.12
N MET B 134 -16.51 -23.44 -1.93
CA MET B 134 -16.54 -23.01 -3.35
C MET B 134 -16.48 -21.47 -3.48
N MET B 135 -17.25 -20.74 -2.63
CA MET B 135 -17.26 -19.27 -2.69
C MET B 135 -15.89 -18.72 -2.27
N ASN B 136 -15.31 -19.32 -1.24
CA ASN B 136 -14.00 -18.91 -0.76
C ASN B 136 -12.93 -19.13 -1.88
N LEU B 137 -13.02 -20.23 -2.63
CA LEU B 137 -12.12 -20.53 -3.75
C LEU B 137 -12.31 -19.47 -4.85
N GLN B 138 -13.57 -19.17 -5.22
CA GLN B 138 -13.86 -18.17 -6.27
C GLN B 138 -13.18 -16.82 -5.93
N GLU B 139 -13.17 -16.50 -4.63
CA GLU B 139 -12.62 -15.23 -4.16
C GLU B 139 -11.15 -15.31 -3.76
N THR B 140 -10.47 -16.42 -4.06
CA THR B 140 -9.03 -16.55 -3.75
C THR B 140 -8.22 -16.90 -4.99
N ASP B 141 -8.74 -17.79 -5.86
CA ASP B 141 -8.08 -18.18 -7.10
C ASP B 141 -9.20 -18.43 -8.09
N GLU B 142 -9.56 -17.40 -8.86
CA GLU B 142 -10.71 -17.55 -9.74
C GLU B 142 -10.46 -18.48 -10.92
N ARG B 143 -9.24 -18.53 -11.50
CA ARG B 143 -8.97 -19.47 -12.59
C ARG B 143 -9.10 -20.91 -12.13
N LEU B 144 -8.63 -21.20 -10.91
CA LEU B 144 -8.75 -22.54 -10.35
C LEU B 144 -10.23 -22.87 -10.15
N PHE B 145 -10.99 -21.93 -9.57
CA PHE B 145 -12.43 -22.07 -9.37
C PHE B 145 -13.13 -22.45 -10.68
N TYR B 146 -12.93 -21.65 -11.76
CA TYR B 146 -13.63 -21.91 -13.03
C TYR B 146 -13.18 -23.20 -13.71
N LYS B 147 -11.89 -23.52 -13.68
CA LYS B 147 -11.41 -24.78 -14.28
C LYS B 147 -11.98 -25.99 -13.50
N LEU B 148 -11.99 -25.89 -12.15
CA LEU B 148 -12.53 -26.96 -11.30
C LEU B 148 -14.04 -27.16 -11.59
N LEU B 149 -14.79 -26.04 -11.70
CA LEU B 149 -16.22 -26.06 -11.98
C LEU B 149 -16.53 -26.71 -13.34
N ILE B 150 -15.81 -26.32 -14.40
CA ILE B 150 -15.98 -26.89 -15.74
C ILE B 150 -15.74 -28.41 -15.73
N GLU B 151 -14.63 -28.82 -15.12
CA GLU B 151 -14.22 -30.24 -15.09
C GLU B 151 -15.10 -31.12 -14.22
N ASN B 152 -15.78 -30.52 -13.23
CA ASN B 152 -16.60 -31.28 -12.27
C ASN B 152 -18.00 -30.74 -12.22
N VAL B 153 -18.50 -30.24 -13.35
CA VAL B 153 -19.79 -29.56 -13.45
C VAL B 153 -20.97 -30.42 -12.94
N VAL B 154 -21.03 -31.71 -13.34
CA VAL B 154 -22.14 -32.57 -12.91
C VAL B 154 -22.17 -32.68 -11.40
N GLU B 155 -21.03 -32.95 -10.80
CA GLU B 155 -20.92 -33.10 -9.36
C GLU B 155 -21.18 -31.78 -8.58
N LEU B 156 -20.72 -30.65 -9.12
CA LEU B 156 -20.73 -29.37 -8.40
C LEU B 156 -21.93 -28.49 -8.60
N LEU B 157 -22.65 -28.62 -9.73
CA LEU B 157 -23.87 -27.84 -9.98
C LEU B 157 -24.85 -27.89 -8.81
N PRO B 158 -25.14 -29.06 -8.16
CA PRO B 158 -26.06 -29.03 -7.00
C PRO B 158 -25.61 -28.21 -5.79
N TYR B 159 -24.31 -27.87 -5.72
CA TYR B 159 -23.69 -27.12 -4.61
C TYR B 159 -23.56 -25.64 -4.88
N VAL B 160 -23.31 -25.27 -6.11
CA VAL B 160 -23.05 -23.88 -6.50
C VAL B 160 -24.31 -23.23 -7.09
N TYR B 161 -25.28 -24.05 -7.46
CA TYR B 161 -26.56 -23.66 -8.06
C TYR B 161 -27.68 -24.41 -7.34
N THR B 162 -28.82 -24.64 -7.98
CA THR B 162 -29.94 -25.30 -7.31
C THR B 162 -29.63 -26.79 -6.97
N PRO B 163 -30.02 -27.28 -5.78
CA PRO B 163 -30.76 -26.60 -4.71
C PRO B 163 -29.97 -25.83 -3.63
N THR B 164 -28.67 -26.17 -3.40
CA THR B 164 -27.87 -25.58 -2.32
C THR B 164 -27.85 -24.06 -2.31
N VAL B 165 -27.81 -23.43 -3.49
CA VAL B 165 -27.79 -21.97 -3.56
C VAL B 165 -29.06 -21.34 -2.85
N GLY B 166 -30.18 -22.08 -2.84
CA GLY B 166 -31.39 -21.64 -2.15
C GLY B 166 -31.16 -21.63 -0.65
N GLU B 167 -30.50 -22.66 -0.14
CA GLU B 167 -30.14 -22.72 1.28
C GLU B 167 -29.10 -21.63 1.63
N ALA B 168 -28.14 -21.38 0.70
CA ALA B 168 -27.13 -20.31 0.87
C ALA B 168 -27.81 -18.97 1.03
N CYS B 169 -28.86 -18.64 0.22
CA CYS B 169 -29.58 -17.38 0.34
C CYS B 169 -30.33 -17.31 1.67
N GLN B 170 -30.93 -18.42 2.13
CA GLN B 170 -31.62 -18.44 3.42
C GLN B 170 -30.65 -18.15 4.58
N LYS B 171 -29.40 -18.63 4.48
CA LYS B 171 -28.38 -18.50 5.53
C LYS B 171 -27.26 -17.52 5.20
N TYR B 172 -27.45 -16.66 4.18
CA TYR B 172 -26.43 -15.78 3.58
C TYR B 172 -25.70 -14.90 4.59
N GLY B 173 -26.43 -14.24 5.47
CA GLY B 173 -25.82 -13.45 6.53
C GLY B 173 -24.99 -14.28 7.50
N SER B 174 -25.50 -15.45 7.93
CA SER B 174 -24.74 -16.26 8.88
C SER B 174 -23.49 -16.91 8.27
N ILE B 175 -23.42 -17.06 6.95
CA ILE B 175 -22.26 -17.69 6.31
C ILE B 175 -21.39 -16.66 5.57
N PHE B 176 -21.72 -15.37 5.72
CA PHE B 176 -21.03 -14.29 5.02
C PHE B 176 -19.51 -14.35 5.15
N GLY B 177 -18.83 -14.45 4.02
CA GLY B 177 -17.38 -14.58 3.98
C GLY B 177 -16.72 -13.47 3.19
N ARG B 178 -16.21 -13.79 2.01
CA ARG B 178 -15.56 -12.81 1.15
C ARG B 178 -16.58 -12.03 0.39
N PRO B 179 -16.41 -10.69 0.27
CA PRO B 179 -17.43 -9.88 -0.44
C PRO B 179 -17.53 -10.21 -1.92
N GLN B 180 -18.77 -10.39 -2.40
CA GLN B 180 -19.04 -10.68 -3.81
C GLN B 180 -20.18 -9.77 -4.28
N GLY B 181 -20.03 -9.20 -5.48
CA GLY B 181 -21.05 -8.37 -6.08
C GLY B 181 -21.18 -6.96 -5.53
N LEU B 182 -22.18 -6.27 -6.03
CA LEU B 182 -22.46 -4.90 -5.66
C LEU B 182 -23.87 -4.76 -5.11
N TYR B 183 -24.02 -4.06 -3.97
CA TYR B 183 -25.33 -3.83 -3.35
C TYR B 183 -25.71 -2.38 -3.55
N VAL B 184 -26.94 -2.16 -4.02
CA VAL B 184 -27.49 -0.84 -4.25
C VAL B 184 -28.75 -0.87 -3.36
N SER B 185 -28.83 0.00 -2.36
CA SER B 185 -30.00 0.01 -1.48
C SER B 185 -30.75 1.33 -1.57
N LEU B 186 -31.87 1.43 -0.84
CA LEU B 186 -32.65 2.67 -0.73
C LEU B 186 -31.81 3.80 -0.16
N LYS B 187 -30.81 3.48 0.68
CA LYS B 187 -29.89 4.48 1.24
C LYS B 187 -28.98 5.13 0.17
N ASP B 188 -28.92 4.53 -1.02
CA ASP B 188 -28.14 5.04 -2.17
C ASP B 188 -28.93 5.89 -3.16
N LYS B 189 -30.18 6.27 -2.82
CA LYS B 189 -31.01 7.13 -3.67
C LYS B 189 -30.25 8.43 -3.97
N GLY B 190 -30.19 8.80 -5.25
CA GLY B 190 -29.48 9.98 -5.71
C GLY B 190 -27.98 9.73 -5.82
N ARG B 191 -27.49 8.52 -5.46
CA ARG B 191 -26.05 8.20 -5.46
C ARG B 191 -25.74 6.90 -6.14
N VAL B 192 -26.65 6.38 -6.97
CA VAL B 192 -26.45 5.06 -7.61
C VAL B 192 -25.20 5.06 -8.50
N LEU B 193 -25.04 6.12 -9.34
CA LEU B 193 -23.85 6.23 -10.18
C LEU B 193 -22.56 6.21 -9.34
N GLU B 194 -22.55 6.92 -8.20
CA GLU B 194 -21.40 6.94 -7.29
C GLU B 194 -21.07 5.51 -6.80
N VAL B 195 -22.11 4.69 -6.49
CA VAL B 195 -21.91 3.31 -6.05
C VAL B 195 -21.27 2.47 -7.18
N LEU B 196 -21.77 2.60 -8.42
CA LEU B 196 -21.22 1.88 -9.57
C LEU B 196 -19.74 2.19 -9.78
N ARG B 197 -19.33 3.45 -9.52
CA ARG B 197 -17.94 3.88 -9.69
CA ARG B 197 -17.94 3.89 -9.69
C ARG B 197 -16.96 3.17 -8.76
N ASN B 198 -17.46 2.60 -7.64
CA ASN B 198 -16.62 1.85 -6.70
C ASN B 198 -16.27 0.46 -7.25
N TRP B 199 -17.03 -0.01 -8.28
CA TRP B 199 -16.78 -1.31 -8.88
C TRP B 199 -15.50 -1.22 -9.72
N PRO B 200 -14.45 -2.03 -9.41
CA PRO B 200 -13.16 -1.84 -10.07
C PRO B 200 -13.01 -2.36 -11.52
N HIS B 201 -14.10 -2.79 -12.17
CA HIS B 201 -14.03 -3.22 -13.57
C HIS B 201 -14.86 -2.26 -14.37
N ARG B 202 -14.22 -1.53 -15.29
CA ARG B 202 -14.89 -0.51 -16.10
C ARG B 202 -15.78 -1.07 -17.22
N ASN B 203 -15.33 -2.13 -17.88
CA ASN B 203 -16.02 -2.68 -19.05
C ASN B 203 -16.95 -3.86 -18.72
N VAL B 204 -18.05 -3.54 -18.03
CA VAL B 204 -19.02 -4.58 -17.62
C VAL B 204 -19.84 -4.99 -18.87
N GLN B 205 -19.99 -6.29 -19.09
CA GLN B 205 -20.78 -6.80 -20.21
C GLN B 205 -22.10 -7.40 -19.79
N VAL B 206 -22.09 -8.08 -18.63
CA VAL B 206 -23.26 -8.81 -18.13
C VAL B 206 -23.52 -8.47 -16.66
N ILE B 207 -24.69 -7.91 -16.40
CA ILE B 207 -25.17 -7.63 -15.05
C ILE B 207 -26.31 -8.61 -14.79
N CYS B 208 -26.27 -9.28 -13.64
N CYS B 208 -26.27 -9.24 -13.62
CA CYS B 208 -27.35 -10.13 -13.17
CA CYS B 208 -27.32 -10.10 -13.14
C CYS B 208 -27.83 -9.39 -11.93
C CYS B 208 -27.84 -9.41 -11.89
N VAL B 209 -29.07 -8.89 -11.97
CA VAL B 209 -29.65 -8.09 -10.89
C VAL B 209 -30.89 -8.74 -10.30
N THR B 210 -30.99 -8.65 -8.96
CA THR B 210 -32.14 -9.14 -8.21
C THR B 210 -32.55 -8.14 -7.10
N ASP B 211 -33.81 -8.22 -6.67
CA ASP B 211 -34.27 -7.52 -5.47
C ASP B 211 -34.58 -8.58 -4.38
N GLY B 212 -34.35 -9.86 -4.71
CA GLY B 212 -34.50 -11.03 -3.82
C GLY B 212 -35.89 -11.37 -3.36
N GLU B 213 -36.93 -10.88 -4.06
CA GLU B 213 -38.30 -11.16 -3.61
C GLU B 213 -38.80 -12.60 -3.96
N ARG B 214 -38.18 -13.28 -4.90
CA ARG B 214 -38.63 -14.61 -5.35
C ARG B 214 -37.41 -15.51 -5.59
N ILE B 215 -36.90 -16.13 -4.54
CA ILE B 215 -35.72 -16.98 -4.66
C ILE B 215 -36.21 -18.41 -4.83
N LEU B 216 -36.01 -19.06 -6.00
CA LEU B 216 -36.56 -20.43 -6.24
C LEU B 216 -38.06 -20.42 -5.84
N GLY B 217 -38.52 -21.44 -5.11
CA GLY B 217 -39.89 -21.46 -4.61
C GLY B 217 -39.91 -21.05 -3.15
N LEU B 218 -38.83 -20.40 -2.69
CA LEU B 218 -38.65 -20.02 -1.29
C LEU B 218 -39.17 -18.62 -0.93
N GLY B 219 -39.60 -17.85 -1.92
CA GLY B 219 -40.13 -16.52 -1.66
C GLY B 219 -39.05 -15.49 -1.37
N ASP B 220 -39.41 -14.52 -0.51
CA ASP B 220 -38.66 -13.32 -0.18
C ASP B 220 -37.52 -13.58 0.80
N LEU B 221 -36.26 -13.39 0.31
CA LEU B 221 -35.07 -13.50 1.14
C LEU B 221 -34.28 -12.18 1.17
N GLY B 222 -34.92 -11.13 0.70
CA GLY B 222 -34.42 -9.75 0.65
C GLY B 222 -33.00 -9.63 0.14
N CYS B 223 -32.15 -8.94 0.92
CA CYS B 223 -30.77 -8.68 0.55
C CYS B 223 -29.92 -9.95 0.40
N GLN B 224 -30.38 -11.03 1.06
CA GLN B 224 -29.69 -12.32 1.03
C GLN B 224 -29.92 -13.06 -0.29
N GLY B 225 -30.74 -12.48 -1.17
CA GLY B 225 -30.95 -12.96 -2.54
C GLY B 225 -29.70 -12.87 -3.41
N MET B 226 -28.65 -12.18 -2.95
CA MET B 226 -27.37 -11.99 -3.68
C MET B 226 -26.72 -13.32 -4.10
N GLY B 227 -26.97 -14.40 -3.34
CA GLY B 227 -26.44 -15.72 -3.70
C GLY B 227 -26.83 -16.16 -5.11
N ILE B 228 -28.05 -15.82 -5.56
CA ILE B 228 -28.51 -16.26 -6.89
C ILE B 228 -27.69 -15.60 -8.03
N PRO B 229 -27.64 -14.25 -8.15
CA PRO B 229 -26.87 -13.65 -9.27
C PRO B 229 -25.38 -13.98 -9.21
N VAL B 230 -24.82 -14.18 -8.02
CA VAL B 230 -23.41 -14.56 -7.87
C VAL B 230 -23.24 -15.98 -8.49
N GLY B 231 -24.19 -16.90 -8.23
CA GLY B 231 -24.17 -18.24 -8.78
C GLY B 231 -24.40 -18.23 -10.28
N LYS B 232 -25.40 -17.43 -10.74
CA LYS B 232 -25.70 -17.37 -12.19
C LYS B 232 -24.49 -16.88 -12.98
N LEU B 233 -23.86 -15.80 -12.52
CA LEU B 233 -22.69 -15.29 -13.26
C LEU B 233 -21.51 -16.27 -13.29
N ALA B 234 -21.29 -17.07 -12.19
CA ALA B 234 -20.21 -18.07 -12.22
C ALA B 234 -20.50 -19.05 -13.34
N LEU B 235 -21.82 -19.31 -13.63
CA LEU B 235 -22.21 -20.21 -14.72
C LEU B 235 -22.10 -19.53 -16.08
N TYR B 236 -22.40 -18.21 -16.18
CA TYR B 236 -22.15 -17.49 -17.46
C TYR B 236 -20.65 -17.67 -17.79
N THR B 237 -19.74 -17.59 -16.79
CA THR B 237 -18.30 -17.74 -17.04
C THR B 237 -17.90 -19.19 -17.32
N ALA B 238 -18.19 -20.10 -16.35
CA ALA B 238 -17.80 -21.51 -16.51
C ALA B 238 -18.46 -22.19 -17.71
N LEU B 239 -19.75 -21.96 -17.94
CA LEU B 239 -20.47 -22.70 -18.99
C LEU B 239 -20.55 -21.97 -20.29
N GLY B 240 -20.55 -20.64 -20.24
CA GLY B 240 -20.68 -19.85 -21.45
C GLY B 240 -19.43 -19.12 -21.91
N GLY B 241 -18.37 -19.10 -21.11
CA GLY B 241 -17.13 -18.41 -21.44
C GLY B 241 -17.17 -16.88 -21.40
N VAL B 242 -18.12 -16.30 -20.66
CA VAL B 242 -18.16 -14.84 -20.51
C VAL B 242 -17.00 -14.53 -19.56
N ASP B 243 -16.15 -13.54 -19.88
CA ASP B 243 -15.03 -13.19 -19.00
C ASP B 243 -15.56 -12.79 -17.62
N PRO B 244 -15.04 -13.39 -16.51
CA PRO B 244 -15.54 -13.03 -15.18
C PRO B 244 -15.31 -11.56 -14.80
N SER B 245 -14.25 -10.91 -15.34
N SER B 245 -14.24 -10.91 -15.34
CA SER B 245 -14.00 -9.50 -15.05
CA SER B 245 -14.00 -9.49 -15.05
C SER B 245 -15.08 -8.60 -15.73
C SER B 245 -15.11 -8.61 -15.70
N ALA B 246 -15.88 -9.18 -16.64
CA ALA B 246 -16.97 -8.46 -17.33
C ALA B 246 -18.36 -8.75 -16.72
N CYS B 247 -18.38 -9.54 -15.62
CA CYS B 247 -19.61 -9.94 -14.92
C CYS B 247 -19.85 -9.12 -13.68
N LEU B 248 -21.11 -8.70 -13.46
CA LEU B 248 -21.41 -7.89 -12.30
C LEU B 248 -22.72 -8.33 -11.61
N PRO B 249 -22.60 -9.00 -10.43
CA PRO B 249 -23.82 -9.41 -9.69
C PRO B 249 -24.29 -8.24 -8.86
N ILE B 250 -25.58 -7.91 -8.94
CA ILE B 250 -26.12 -6.78 -8.18
C ILE B 250 -27.35 -7.18 -7.40
N THR B 251 -27.40 -6.76 -6.13
CA THR B 251 -28.62 -6.89 -5.35
C THR B 251 -29.12 -5.51 -5.06
N ILE B 252 -30.40 -5.28 -5.38
CA ILE B 252 -31.09 -4.05 -5.06
C ILE B 252 -31.82 -4.33 -3.74
N ASP B 253 -31.45 -3.61 -2.68
CA ASP B 253 -32.05 -3.82 -1.36
C ASP B 253 -33.07 -2.73 -1.03
N VAL B 254 -34.34 -3.10 -1.07
CA VAL B 254 -35.43 -2.19 -0.75
C VAL B 254 -36.16 -2.64 0.51
N GLY B 255 -35.52 -3.55 1.27
CA GLY B 255 -36.11 -4.12 2.46
C GLY B 255 -36.62 -5.53 2.18
N THR B 256 -37.30 -6.15 3.16
CA THR B 256 -37.82 -7.51 3.02
C THR B 256 -39.09 -7.72 3.82
N ASN B 257 -39.99 -8.55 3.30
CA ASN B 257 -41.22 -8.84 4.04
C ASN B 257 -41.07 -10.09 4.85
N ASN B 258 -39.86 -10.70 4.81
CA ASN B 258 -39.59 -11.93 5.53
C ASN B 258 -39.36 -11.58 7.01
N GLU B 259 -40.34 -11.92 7.87
CA GLU B 259 -40.27 -11.63 9.32
C GLU B 259 -39.15 -12.33 10.05
N LYS B 260 -38.85 -13.57 9.65
CA LYS B 260 -37.73 -14.35 10.22
C LYS B 260 -36.41 -13.61 9.94
N LEU B 261 -36.18 -13.13 8.72
CA LEU B 261 -34.96 -12.35 8.41
C LEU B 261 -34.90 -11.02 9.15
N LEU B 262 -36.04 -10.29 9.24
CA LEU B 262 -36.07 -9.03 10.01
C LEU B 262 -35.75 -9.22 11.49
N ASN B 263 -36.07 -10.42 12.05
CA ASN B 263 -35.75 -10.78 13.44
C ASN B 263 -34.36 -11.39 13.60
N ASP B 264 -33.72 -11.76 12.48
CA ASP B 264 -32.43 -12.45 12.52
C ASP B 264 -31.29 -11.49 12.76
N GLU B 265 -30.56 -11.65 13.89
CA GLU B 265 -29.41 -10.77 14.17
C GLU B 265 -28.32 -10.82 13.05
N PHE B 266 -28.27 -11.91 12.25
CA PHE B 266 -27.27 -12.04 11.18
C PHE B 266 -27.74 -11.54 9.82
N TYR B 267 -29.00 -11.04 9.70
CA TYR B 267 -29.47 -10.51 8.42
C TYR B 267 -28.55 -9.34 7.95
N ILE B 268 -28.19 -9.33 6.67
CA ILE B 268 -27.26 -8.35 6.09
C ILE B 268 -27.91 -7.16 5.38
N GLY B 269 -29.23 -7.15 5.26
CA GLY B 269 -29.89 -6.06 4.53
C GLY B 269 -30.46 -4.98 5.42
N LEU B 270 -31.15 -4.01 4.80
CA LEU B 270 -31.89 -2.96 5.52
C LEU B 270 -32.96 -3.68 6.32
N ARG B 271 -33.01 -3.40 7.63
CA ARG B 271 -33.95 -4.05 8.54
C ARG B 271 -35.33 -3.38 8.53
N GLN B 272 -35.95 -3.39 7.33
CA GLN B 272 -37.24 -2.76 7.09
C GLN B 272 -38.06 -3.61 6.14
N LYS B 273 -39.39 -3.38 6.13
CA LYS B 273 -40.31 -4.03 5.19
C LYS B 273 -40.02 -3.50 3.77
N ARG B 274 -40.44 -4.23 2.72
CA ARG B 274 -40.18 -3.85 1.32
C ARG B 274 -40.82 -2.54 0.91
N ALA B 275 -40.03 -1.63 0.33
CA ALA B 275 -40.60 -0.41 -0.25
C ALA B 275 -41.36 -0.83 -1.51
N ARG B 276 -42.45 -0.15 -1.81
CA ARG B 276 -43.28 -0.44 -2.98
C ARG B 276 -43.67 0.87 -3.60
N GLY B 277 -44.26 0.83 -4.78
CA GLY B 277 -44.76 2.02 -5.44
C GLY B 277 -43.68 2.97 -5.90
N GLU B 278 -43.96 4.27 -5.76
CA GLU B 278 -43.09 5.37 -6.19
C GLU B 278 -41.66 5.31 -5.66
N GLU B 279 -41.46 5.05 -4.35
CA GLU B 279 -40.12 5.00 -3.78
C GLU B 279 -39.29 3.89 -4.46
N TYR B 280 -39.89 2.71 -4.69
CA TYR B 280 -39.26 1.60 -5.38
C TYR B 280 -38.95 1.99 -6.84
N ASP B 281 -39.97 2.49 -7.57
CA ASP B 281 -39.89 2.89 -8.98
C ASP B 281 -38.78 3.90 -9.24
N GLU B 282 -38.69 4.93 -8.39
CA GLU B 282 -37.65 5.96 -8.52
C GLU B 282 -36.21 5.37 -8.38
N LEU B 283 -36.01 4.39 -7.47
CA LEU B 283 -34.70 3.77 -7.30
C LEU B 283 -34.38 2.91 -8.52
N MET B 284 -35.37 2.13 -8.99
CA MET B 284 -35.18 1.26 -10.16
C MET B 284 -34.87 2.11 -11.41
N GLU B 285 -35.61 3.23 -11.60
CA GLU B 285 -35.37 4.14 -12.73
C GLU B 285 -33.95 4.75 -12.65
N GLU B 286 -33.53 5.17 -11.45
CA GLU B 286 -32.20 5.74 -11.26
C GLU B 286 -31.14 4.68 -11.56
N PHE B 287 -31.38 3.42 -11.10
CA PHE B 287 -30.47 2.31 -11.32
C PHE B 287 -30.30 2.03 -12.83
N MET B 288 -31.43 1.87 -13.55
CA MET B 288 -31.38 1.57 -14.99
C MET B 288 -30.76 2.71 -15.80
N ALA B 289 -31.00 3.98 -15.38
CA ALA B 289 -30.38 5.14 -16.05
C ALA B 289 -28.86 5.13 -15.76
N ALA B 290 -28.45 4.80 -14.51
CA ALA B 290 -27.03 4.78 -14.10
C ALA B 290 -26.25 3.70 -14.89
N VAL B 291 -26.87 2.50 -15.06
CA VAL B 291 -26.25 1.39 -15.81
C VAL B 291 -25.99 1.81 -17.27
N LYS B 292 -26.97 2.47 -17.91
CA LYS B 292 -26.80 2.94 -19.30
C LYS B 292 -25.72 4.04 -19.38
N THR B 293 -25.79 5.04 -18.46
CA THR B 293 -24.82 6.14 -18.43
C THR B 293 -23.39 5.61 -18.31
N PHE B 294 -23.16 4.71 -17.35
CA PHE B 294 -21.85 4.19 -17.04
C PHE B 294 -21.34 3.07 -17.95
N TYR B 295 -22.19 2.12 -18.32
CA TYR B 295 -21.79 0.95 -19.11
C TYR B 295 -22.22 0.95 -20.58
N GLY B 296 -22.96 1.98 -21.01
CA GLY B 296 -23.37 2.10 -22.41
C GLY B 296 -24.60 1.30 -22.80
N GLU B 297 -24.91 1.30 -24.11
CA GLU B 297 -26.08 0.67 -24.73
C GLU B 297 -26.02 -0.84 -24.84
N LYS B 298 -24.82 -1.41 -24.84
CA LYS B 298 -24.64 -2.84 -25.12
C LYS B 298 -24.53 -3.73 -23.90
N VAL B 299 -24.53 -3.15 -22.69
CA VAL B 299 -24.48 -3.96 -21.47
C VAL B 299 -25.76 -4.82 -21.34
N LEU B 300 -25.60 -6.09 -21.01
CA LEU B 300 -26.74 -6.97 -20.82
C LEU B 300 -27.21 -6.86 -19.36
N ILE B 301 -28.51 -6.58 -19.15
CA ILE B 301 -29.10 -6.54 -17.82
C ILE B 301 -30.04 -7.73 -17.73
N GLN B 302 -29.66 -8.71 -16.95
CA GLN B 302 -30.44 -9.91 -16.78
C GLN B 302 -31.14 -9.83 -15.42
N PHE B 303 -32.47 -9.62 -15.45
CA PHE B 303 -33.29 -9.55 -14.24
C PHE B 303 -33.52 -10.96 -13.73
N GLU B 304 -33.49 -11.14 -12.42
CA GLU B 304 -33.75 -12.44 -11.85
C GLU B 304 -34.27 -12.33 -10.43
N ASP B 305 -35.07 -13.31 -10.04
CA ASP B 305 -35.65 -13.50 -8.71
C ASP B 305 -36.51 -12.32 -8.22
N PHE B 306 -37.22 -11.69 -9.14
CA PHE B 306 -38.20 -10.63 -8.84
C PHE B 306 -39.55 -11.32 -8.73
N ALA B 307 -40.47 -10.78 -7.90
CA ALA B 307 -41.83 -11.34 -7.77
C ALA B 307 -42.56 -11.05 -9.09
N ASN B 308 -43.59 -11.84 -9.42
CA ASN B 308 -44.16 -11.87 -10.77
C ASN B 308 -44.71 -10.55 -11.33
N HIS B 309 -45.58 -9.80 -10.62
CA HIS B 309 -46.08 -8.56 -11.21
C HIS B 309 -44.95 -7.62 -11.58
N ASN B 310 -43.99 -7.46 -10.64
CA ASN B 310 -42.80 -6.63 -10.82
C ASN B 310 -41.94 -7.13 -12.00
N ALA B 311 -41.64 -8.44 -12.06
CA ALA B 311 -40.83 -9.04 -13.13
C ALA B 311 -41.41 -8.71 -14.51
N PHE B 312 -42.74 -8.89 -14.69
CA PHE B 312 -43.39 -8.59 -15.98
C PHE B 312 -43.37 -7.09 -16.29
N ASP B 313 -43.57 -6.23 -15.27
CA ASP B 313 -43.53 -4.77 -15.49
C ASP B 313 -42.15 -4.30 -15.87
N LEU B 314 -41.11 -4.79 -15.18
CA LEU B 314 -39.71 -4.44 -15.46
C LEU B 314 -39.31 -4.88 -16.85
N LEU B 315 -39.70 -6.11 -17.22
CA LEU B 315 -39.40 -6.65 -18.54
C LEU B 315 -40.08 -5.83 -19.65
N GLU B 316 -41.36 -5.49 -19.48
CA GLU B 316 -42.10 -4.71 -20.48
C GLU B 316 -41.47 -3.32 -20.69
N LYS B 317 -41.15 -2.65 -19.57
CA LYS B 317 -40.60 -1.31 -19.61
C LYS B 317 -39.15 -1.26 -20.16
N TYR B 318 -38.22 -1.99 -19.53
CA TYR B 318 -36.80 -1.85 -19.89
C TYR B 318 -36.39 -2.60 -21.17
N SER B 319 -37.21 -3.53 -21.69
N SER B 319 -37.23 -3.51 -21.70
CA SER B 319 -36.87 -4.22 -22.94
CA SER B 319 -36.91 -4.22 -22.96
C SER B 319 -36.93 -3.27 -24.15
C SER B 319 -36.94 -3.25 -24.16
N LYS B 320 -37.61 -2.12 -24.00
CA LYS B 320 -37.74 -1.10 -25.05
C LYS B 320 -36.55 -0.17 -25.08
N THR B 321 -35.80 -0.06 -23.96
CA THR B 321 -34.74 0.95 -23.82
C THR B 321 -33.35 0.38 -23.57
N HIS B 322 -33.24 -0.89 -23.19
CA HIS B 322 -31.98 -1.52 -22.84
C HIS B 322 -31.94 -2.95 -23.39
N LEU B 323 -30.76 -3.56 -23.35
CA LEU B 323 -30.57 -4.96 -23.72
C LEU B 323 -30.89 -5.73 -22.41
N VAL B 324 -32.07 -6.34 -22.35
CA VAL B 324 -32.49 -7.01 -21.13
C VAL B 324 -33.14 -8.37 -21.39
N PHE B 325 -33.07 -9.23 -20.38
CA PHE B 325 -33.92 -10.40 -20.36
C PHE B 325 -34.13 -10.83 -18.91
N ASN B 326 -35.22 -11.55 -18.69
CA ASN B 326 -35.53 -12.05 -17.37
C ASN B 326 -35.37 -13.53 -17.46
N ASP B 327 -34.37 -14.04 -16.75
CA ASP B 327 -34.09 -15.47 -16.80
C ASP B 327 -35.24 -16.35 -16.33
N ASP B 328 -35.97 -15.92 -15.31
CA ASP B 328 -37.10 -16.70 -14.74
C ASP B 328 -38.26 -16.82 -15.68
N ILE B 329 -38.46 -15.81 -16.54
CA ILE B 329 -39.55 -15.83 -17.52
C ILE B 329 -39.04 -16.44 -18.86
N GLN B 330 -38.07 -15.76 -19.48
CA GLN B 330 -37.57 -16.09 -20.81
C GLN B 330 -36.55 -17.22 -20.85
N GLY B 331 -35.63 -17.26 -19.88
CA GLY B 331 -34.65 -18.33 -19.81
C GLY B 331 -35.35 -19.67 -19.58
N THR B 332 -36.30 -19.69 -18.64
CA THR B 332 -37.10 -20.88 -18.31
C THR B 332 -37.89 -21.31 -19.53
N ALA B 333 -38.57 -20.36 -20.19
CA ALA B 333 -39.36 -20.67 -21.40
C ALA B 333 -38.51 -21.38 -22.43
N SER B 334 -37.31 -20.86 -22.68
CA SER B 334 -36.38 -21.38 -23.70
C SER B 334 -35.86 -22.79 -23.37
N VAL B 335 -35.46 -23.08 -22.11
CA VAL B 335 -34.98 -24.43 -21.79
C VAL B 335 -36.13 -25.47 -21.84
N VAL B 336 -37.31 -25.07 -21.38
CA VAL B 336 -38.46 -25.96 -21.37
C VAL B 336 -38.94 -26.26 -22.78
N LEU B 337 -39.02 -25.23 -23.65
CA LEU B 337 -39.35 -25.49 -25.06
C LEU B 337 -38.33 -26.47 -25.68
N ALA B 338 -37.02 -26.28 -25.39
CA ALA B 338 -35.98 -27.20 -25.90
C ALA B 338 -36.24 -28.63 -25.40
N GLY B 339 -36.60 -28.78 -24.12
CA GLY B 339 -36.93 -30.07 -23.52
C GLY B 339 -38.12 -30.73 -24.21
N LEU B 340 -39.16 -29.94 -24.52
CA LEU B 340 -40.34 -30.42 -25.24
C LEU B 340 -40.01 -30.81 -26.66
N LEU B 341 -39.18 -30.01 -27.37
CA LEU B 341 -38.78 -30.37 -28.74
C LEU B 341 -37.99 -31.69 -28.72
N ALA B 342 -37.11 -31.86 -27.71
CA ALA B 342 -36.31 -33.07 -27.50
C ALA B 342 -37.20 -34.28 -27.16
N ALA B 343 -38.16 -34.11 -26.24
CA ALA B 343 -39.13 -35.16 -25.83
C ALA B 343 -39.91 -35.65 -27.05
N LEU B 344 -40.30 -34.71 -27.95
CA LEU B 344 -41.04 -35.03 -29.18
C LEU B 344 -40.20 -35.74 -30.20
N LYS B 345 -38.90 -35.42 -30.26
CA LYS B 345 -37.94 -36.10 -31.14
C LYS B 345 -37.75 -37.55 -30.61
N MET B 346 -37.71 -37.71 -29.29
CA MET B 346 -37.53 -39.01 -28.62
C MET B 346 -38.71 -39.99 -28.80
N VAL B 347 -39.92 -39.48 -28.60
CA VAL B 347 -41.13 -40.28 -28.55
C VAL B 347 -42.09 -40.09 -29.77
N GLY B 348 -41.78 -39.11 -30.63
CA GLY B 348 -42.59 -38.82 -31.82
C GLY B 348 -43.67 -37.79 -31.50
N GLY B 349 -44.24 -37.21 -32.54
CA GLY B 349 -45.31 -36.22 -32.40
C GLY B 349 -44.87 -34.80 -32.71
N THR B 350 -45.85 -33.90 -32.88
CA THR B 350 -45.55 -32.47 -33.14
C THR B 350 -46.03 -31.61 -31.97
N LEU B 351 -45.50 -30.36 -31.86
CA LEU B 351 -45.92 -29.41 -30.82
C LEU B 351 -47.40 -29.12 -30.92
N ALA B 352 -47.90 -28.90 -32.15
CA ALA B 352 -49.30 -28.55 -32.43
C ALA B 352 -50.31 -29.60 -32.01
N GLU B 353 -49.98 -30.90 -32.17
CA GLU B 353 -50.85 -32.04 -31.82
C GLU B 353 -51.03 -32.17 -30.29
N GLN B 354 -50.17 -31.54 -29.48
CA GLN B 354 -50.24 -31.71 -28.03
C GLN B 354 -51.34 -30.92 -27.34
N THR B 355 -51.68 -31.35 -26.11
CA THR B 355 -52.56 -30.63 -25.22
C THR B 355 -51.71 -30.42 -23.96
N TYR B 356 -51.54 -29.17 -23.54
CA TYR B 356 -50.68 -28.77 -22.44
C TYR B 356 -51.48 -28.35 -21.23
N LEU B 357 -51.01 -28.79 -20.07
CA LEU B 357 -51.59 -28.42 -18.80
C LEU B 357 -50.49 -28.06 -17.84
N PHE B 358 -50.59 -26.85 -17.27
CA PHE B 358 -49.63 -26.36 -16.30
C PHE B 358 -50.24 -26.26 -14.93
N LEU B 359 -49.43 -26.59 -13.91
CA LEU B 359 -49.79 -26.31 -12.54
C LEU B 359 -48.87 -25.14 -12.16
N GLY B 360 -49.48 -23.97 -11.95
CA GLY B 360 -48.74 -22.74 -11.66
C GLY B 360 -48.77 -21.86 -12.89
N ALA B 361 -49.23 -20.63 -12.75
CA ALA B 361 -49.40 -19.73 -13.88
C ALA B 361 -48.76 -18.36 -13.60
N GLY B 362 -47.49 -18.39 -13.24
CA GLY B 362 -46.75 -17.18 -12.90
C GLY B 362 -45.70 -16.89 -13.96
N GLU B 363 -44.49 -16.52 -13.52
CA GLU B 363 -43.37 -16.20 -14.41
C GLU B 363 -43.00 -17.40 -15.27
N ALA B 364 -42.80 -18.57 -14.65
CA ALA B 364 -42.39 -19.76 -15.40
C ALA B 364 -43.57 -20.32 -16.22
N GLY B 365 -44.72 -20.55 -15.58
CA GLY B 365 -45.90 -21.11 -16.24
C GLY B 365 -46.31 -20.35 -17.48
N THR B 366 -46.57 -19.05 -17.36
CA THR B 366 -47.01 -18.24 -18.53
C THR B 366 -45.86 -17.96 -19.51
N GLY B 367 -44.65 -17.82 -19.00
CA GLY B 367 -43.48 -17.59 -19.87
C GLY B 367 -43.25 -18.76 -20.81
N ILE B 368 -43.31 -19.99 -20.25
CA ILE B 368 -43.16 -21.22 -21.04
C ILE B 368 -44.33 -21.36 -22.02
N ALA B 369 -45.60 -21.18 -21.53
CA ALA B 369 -46.80 -21.32 -22.35
C ALA B 369 -46.71 -20.39 -23.59
N GLU B 370 -46.30 -19.13 -23.38
CA GLU B 370 -46.13 -18.16 -24.46
C GLU B 370 -45.13 -18.62 -25.52
N LEU B 371 -43.95 -19.11 -25.09
CA LEU B 371 -42.93 -19.56 -26.03
C LEU B 371 -43.37 -20.82 -26.80
N ILE B 372 -44.11 -21.74 -26.12
CA ILE B 372 -44.67 -22.93 -26.80
C ILE B 372 -45.60 -22.47 -27.92
N ALA B 373 -46.54 -21.56 -27.59
CA ALA B 373 -47.54 -21.05 -28.55
C ALA B 373 -46.83 -20.32 -29.70
N LEU B 374 -45.75 -19.57 -29.40
CA LEU B 374 -44.97 -18.86 -30.41
C LEU B 374 -44.27 -19.84 -31.37
N GLU B 375 -43.55 -20.84 -30.83
CA GLU B 375 -42.89 -21.87 -31.66
C GLU B 375 -43.93 -22.62 -32.51
N MET B 376 -45.09 -22.95 -31.89
CA MET B 376 -46.18 -23.62 -32.61
C MET B 376 -46.69 -22.75 -33.78
N SER B 377 -46.83 -21.42 -33.57
CA SER B 377 -47.29 -20.53 -34.64
C SER B 377 -46.28 -20.47 -35.80
N LYS B 378 -44.98 -20.64 -35.52
CA LYS B 378 -43.96 -20.64 -36.58
C LYS B 378 -44.01 -21.95 -37.36
N GLN B 379 -44.23 -23.08 -36.65
CA GLN B 379 -44.28 -24.39 -37.28
C GLN B 379 -45.51 -24.61 -38.14
N THR B 380 -46.68 -24.09 -37.68
CA THR B 380 -47.96 -24.28 -38.36
C THR B 380 -48.37 -23.11 -39.26
N LYS B 381 -47.77 -21.92 -39.06
CA LYS B 381 -48.13 -20.67 -39.77
C LYS B 381 -49.53 -20.20 -39.34
N ALA B 382 -50.04 -20.68 -38.19
CA ALA B 382 -51.35 -20.30 -37.66
C ALA B 382 -51.19 -19.12 -36.71
N PRO B 383 -52.23 -18.26 -36.52
CA PRO B 383 -52.08 -17.13 -35.56
C PRO B 383 -51.75 -17.64 -34.16
N ILE B 384 -50.96 -16.88 -33.38
CA ILE B 384 -50.58 -17.30 -32.02
C ILE B 384 -51.83 -17.52 -31.13
N GLU B 385 -52.91 -16.73 -31.33
CA GLU B 385 -54.15 -16.88 -30.57
C GLU B 385 -54.74 -18.28 -30.73
N GLU B 386 -54.69 -18.86 -31.95
CA GLU B 386 -55.14 -20.24 -32.25
C GLU B 386 -54.24 -21.26 -31.55
N CYS B 387 -52.92 -20.98 -31.49
CA CYS B 387 -51.90 -21.82 -30.86
C CYS B 387 -51.99 -21.86 -29.34
N ARG B 388 -52.64 -20.86 -28.73
CA ARG B 388 -52.83 -20.81 -27.27
C ARG B 388 -53.98 -21.68 -26.81
N LYS B 389 -54.91 -22.04 -27.73
CA LYS B 389 -56.16 -22.75 -27.44
C LYS B 389 -56.04 -24.12 -26.74
N LYS B 390 -54.97 -24.92 -27.01
CA LYS B 390 -54.80 -26.21 -26.33
C LYS B 390 -53.76 -26.13 -25.20
N VAL B 391 -53.52 -24.91 -24.71
CA VAL B 391 -52.60 -24.65 -23.60
C VAL B 391 -53.45 -24.17 -22.43
N TRP B 392 -53.39 -24.92 -21.30
CA TRP B 392 -54.21 -24.63 -20.13
C TRP B 392 -53.38 -24.50 -18.88
N LEU B 393 -53.81 -23.64 -17.94
CA LEU B 393 -53.06 -23.47 -16.70
C LEU B 393 -53.99 -23.43 -15.51
N VAL B 394 -53.51 -24.01 -14.41
CA VAL B 394 -54.18 -24.07 -13.12
C VAL B 394 -53.35 -23.23 -12.16
N ASP B 395 -53.95 -22.20 -11.54
CA ASP B 395 -53.23 -21.41 -10.55
C ASP B 395 -53.70 -21.82 -9.13
N SER B 396 -53.43 -21.01 -8.09
CA SER B 396 -53.87 -21.36 -6.73
C SER B 396 -55.40 -21.39 -6.55
N LYS B 397 -56.16 -20.81 -7.49
CA LYS B 397 -57.63 -20.78 -7.43
C LYS B 397 -58.28 -21.80 -8.37
N GLY B 398 -57.48 -22.52 -9.14
CA GLY B 398 -57.98 -23.55 -10.05
C GLY B 398 -57.68 -23.24 -11.51
N LEU B 399 -58.43 -23.89 -12.42
CA LEU B 399 -58.25 -23.68 -13.87
C LEU B 399 -58.53 -22.23 -14.26
N ILE B 400 -57.62 -21.66 -15.07
CA ILE B 400 -57.75 -20.30 -15.56
C ILE B 400 -58.71 -20.38 -16.75
N VAL B 401 -59.86 -19.70 -16.60
CA VAL B 401 -60.97 -19.77 -17.54
C VAL B 401 -61.52 -18.39 -17.84
N ASP B 402 -62.24 -18.27 -18.97
CA ASP B 402 -62.83 -17.01 -19.42
C ASP B 402 -63.69 -16.29 -18.34
N SER B 403 -64.51 -17.04 -17.60
CA SER B 403 -65.40 -16.50 -16.55
C SER B 403 -64.63 -15.79 -15.39
N ARG B 404 -63.33 -16.07 -15.25
CA ARG B 404 -62.47 -15.50 -14.22
C ARG B 404 -61.71 -14.25 -14.69
N LYS B 405 -61.75 -13.94 -16.01
CA LYS B 405 -60.96 -12.92 -16.69
C LYS B 405 -60.79 -11.57 -15.98
N SER B 406 -61.90 -11.00 -15.47
CA SER B 406 -61.88 -9.70 -14.80
C SER B 406 -60.97 -9.64 -13.58
N SER B 407 -60.82 -10.76 -12.85
CA SER B 407 -59.99 -10.83 -11.65
C SER B 407 -58.56 -11.37 -11.90
N LEU B 408 -58.19 -11.67 -13.15
CA LEU B 408 -56.87 -12.24 -13.42
C LEU B 408 -55.76 -11.19 -13.59
N ALA B 409 -54.52 -11.54 -13.20
CA ALA B 409 -53.34 -10.72 -13.48
C ALA B 409 -53.20 -10.67 -15.03
N PRO B 410 -52.77 -9.55 -15.65
CA PRO B 410 -52.75 -9.47 -17.12
C PRO B 410 -52.00 -10.60 -17.84
N PHE B 411 -50.89 -11.11 -17.27
CA PHE B 411 -50.11 -12.19 -17.87
C PHE B 411 -50.90 -13.51 -17.97
N LYS B 412 -52.01 -13.66 -17.22
CA LYS B 412 -52.86 -14.87 -17.22
C LYS B 412 -53.98 -14.82 -18.26
N LYS B 413 -54.44 -13.62 -18.61
CA LYS B 413 -55.59 -13.38 -19.50
C LYS B 413 -55.53 -14.06 -20.89
N PRO B 414 -54.39 -14.12 -21.62
CA PRO B 414 -54.38 -14.84 -22.91
C PRO B 414 -54.71 -16.34 -22.83
N TRP B 415 -54.65 -16.91 -21.60
CA TRP B 415 -54.85 -18.35 -21.35
C TRP B 415 -56.23 -18.69 -20.81
N ALA B 416 -57.04 -17.66 -20.56
CA ALA B 416 -58.37 -17.81 -19.98
C ALA B 416 -59.40 -18.19 -21.06
N HIS B 417 -59.35 -19.44 -21.54
CA HIS B 417 -60.27 -19.95 -22.56
C HIS B 417 -61.61 -20.29 -21.93
N GLU B 418 -62.65 -20.36 -22.77
CA GLU B 418 -63.99 -20.76 -22.32
C GLU B 418 -63.95 -22.22 -21.87
N HIS B 419 -64.43 -22.48 -20.65
CA HIS B 419 -64.44 -23.82 -20.06
C HIS B 419 -65.14 -23.73 -18.72
N GLU B 420 -65.77 -24.82 -18.29
CA GLU B 420 -66.39 -24.91 -16.96
C GLU B 420 -65.29 -24.69 -15.90
N PRO B 421 -65.59 -24.05 -14.74
CA PRO B 421 -64.54 -23.92 -13.71
C PRO B 421 -64.18 -25.29 -13.13
N LEU B 422 -62.90 -25.47 -12.77
CA LEU B 422 -62.38 -26.70 -12.17
C LEU B 422 -61.45 -26.27 -11.06
N THR B 423 -61.59 -26.87 -9.89
CA THR B 423 -60.85 -26.41 -8.71
C THR B 423 -59.62 -27.24 -8.39
N THR B 424 -59.47 -28.47 -8.91
CA THR B 424 -58.26 -29.25 -8.61
C THR B 424 -57.53 -29.64 -9.88
N LEU B 425 -56.21 -29.89 -9.77
CA LEU B 425 -55.40 -30.37 -10.87
C LEU B 425 -55.93 -31.71 -11.35
N TYR B 426 -56.32 -32.60 -10.42
CA TYR B 426 -56.85 -33.91 -10.79
C TYR B 426 -58.03 -33.76 -11.74
N ASP B 427 -58.99 -32.87 -11.40
CA ASP B 427 -60.17 -32.63 -12.27
C ASP B 427 -59.76 -32.03 -13.61
N ALA B 428 -58.75 -31.15 -13.59
CA ALA B 428 -58.25 -30.53 -14.82
C ALA B 428 -57.63 -31.60 -15.73
N VAL B 429 -56.85 -32.56 -15.15
CA VAL B 429 -56.22 -33.66 -15.90
C VAL B 429 -57.34 -34.53 -16.57
N GLN B 430 -58.35 -34.92 -15.79
CA GLN B 430 -59.47 -35.75 -16.30
C GLN B 430 -60.31 -35.07 -17.39
N SER B 431 -60.57 -33.77 -17.27
CA SER B 431 -61.38 -33.03 -18.24
C SER B 431 -60.61 -32.62 -19.49
N ILE B 432 -59.38 -32.09 -19.32
CA ILE B 432 -58.56 -31.58 -20.42
C ILE B 432 -57.79 -32.72 -21.14
N LYS B 433 -57.44 -33.78 -20.42
CA LYS B 433 -56.70 -34.94 -20.97
C LYS B 433 -55.42 -34.45 -21.66
N PRO B 434 -54.51 -33.77 -20.93
CA PRO B 434 -53.30 -33.28 -21.60
C PRO B 434 -52.37 -34.42 -21.95
N THR B 435 -51.50 -34.17 -22.92
CA THR B 435 -50.44 -35.10 -23.33
C THR B 435 -49.15 -34.65 -22.63
N VAL B 436 -49.13 -33.38 -22.17
CA VAL B 436 -47.99 -32.73 -21.52
C VAL B 436 -48.45 -32.04 -20.22
N LEU B 437 -47.78 -32.38 -19.09
CA LEU B 437 -48.10 -31.81 -17.78
C LEU B 437 -46.83 -31.15 -17.20
N ILE B 438 -46.91 -29.86 -16.92
CA ILE B 438 -45.76 -29.06 -16.44
C ILE B 438 -46.05 -28.40 -15.11
N GLY B 439 -45.20 -28.70 -14.12
CA GLY B 439 -45.34 -28.17 -12.76
C GLY B 439 -44.39 -27.01 -12.50
N THR B 440 -44.95 -25.81 -12.28
CA THR B 440 -44.26 -24.55 -11.99
C THR B 440 -45.03 -23.85 -10.86
N SER B 441 -45.41 -24.63 -9.86
CA SER B 441 -46.27 -24.20 -8.76
C SER B 441 -45.53 -23.69 -7.53
N GLY B 442 -44.31 -24.18 -7.31
CA GLY B 442 -43.52 -23.88 -6.11
C GLY B 442 -43.99 -24.71 -4.93
N VAL B 443 -44.91 -25.67 -5.16
CA VAL B 443 -45.54 -26.49 -4.11
C VAL B 443 -45.25 -27.99 -4.34
N GLY B 444 -44.52 -28.56 -3.38
CA GLY B 444 -44.13 -29.97 -3.45
C GLY B 444 -45.26 -30.94 -3.33
N ARG B 445 -45.10 -32.09 -3.97
CA ARG B 445 -46.00 -33.25 -3.89
C ARG B 445 -47.41 -33.00 -4.44
N THR B 446 -47.55 -32.01 -5.35
CA THR B 446 -48.83 -31.69 -5.99
C THR B 446 -49.08 -32.61 -7.20
N PHE B 447 -48.03 -33.32 -7.71
CA PHE B 447 -48.24 -34.33 -8.76
C PHE B 447 -48.35 -35.64 -7.99
N THR B 448 -49.56 -35.91 -7.57
CA THR B 448 -49.85 -37.08 -6.75
C THR B 448 -49.85 -38.34 -7.58
N LYS B 449 -49.85 -39.49 -6.89
CA LYS B 449 -49.93 -40.82 -7.50
C LYS B 449 -51.10 -40.93 -8.47
N GLU B 450 -52.28 -40.42 -8.06
CA GLU B 450 -53.53 -40.45 -8.85
C GLU B 450 -53.43 -39.61 -10.12
N ILE B 451 -52.81 -38.42 -10.03
CA ILE B 451 -52.61 -37.53 -11.17
C ILE B 451 -51.64 -38.17 -12.18
N VAL B 452 -50.51 -38.70 -11.70
CA VAL B 452 -49.48 -39.34 -12.55
C VAL B 452 -50.04 -40.63 -13.18
N GLU B 453 -50.77 -41.45 -12.41
CA GLU B 453 -51.43 -42.63 -12.99
C GLU B 453 -52.47 -42.24 -14.07
N ALA B 454 -53.27 -41.15 -13.84
CA ALA B 454 -54.24 -40.66 -14.86
C ALA B 454 -53.47 -40.21 -16.14
N MET B 455 -52.33 -39.52 -15.98
CA MET B 455 -51.48 -39.13 -17.14
C MET B 455 -51.05 -40.36 -17.97
N ALA B 456 -50.69 -41.45 -17.27
CA ALA B 456 -50.23 -42.72 -17.85
C ALA B 456 -51.40 -43.53 -18.43
N SER B 457 -52.64 -43.23 -17.99
CA SER B 457 -53.83 -43.92 -18.54
C SER B 457 -54.24 -43.21 -19.83
N ILE B 458 -54.18 -41.86 -19.83
CA ILE B 458 -54.52 -40.98 -20.97
C ILE B 458 -53.50 -41.10 -22.11
N ASN B 459 -52.22 -41.29 -21.76
CA ASN B 459 -51.12 -41.30 -22.73
C ASN B 459 -50.25 -42.53 -22.63
N GLU B 460 -49.73 -43.00 -23.79
CA GLU B 460 -48.76 -44.11 -23.82
C GLU B 460 -47.44 -43.63 -23.19
N ARG B 461 -47.01 -42.40 -23.55
CA ARG B 461 -45.77 -41.80 -23.07
C ARG B 461 -46.07 -40.40 -22.51
N PRO B 462 -46.68 -40.26 -21.30
CA PRO B 462 -46.97 -38.92 -20.80
C PRO B 462 -45.68 -38.12 -20.61
N ILE B 463 -45.70 -36.83 -21.01
CA ILE B 463 -44.56 -35.94 -20.84
C ILE B 463 -44.83 -35.18 -19.57
N ILE B 464 -43.99 -35.40 -18.55
CA ILE B 464 -44.22 -34.81 -17.25
C ILE B 464 -43.00 -34.04 -16.81
N PHE B 465 -43.15 -32.71 -16.68
CA PHE B 465 -42.05 -31.86 -16.21
C PHE B 465 -42.42 -31.35 -14.81
N SER B 466 -41.62 -31.72 -13.80
CA SER B 466 -41.82 -31.30 -12.41
C SER B 466 -40.69 -30.30 -12.10
N LEU B 467 -40.94 -29.03 -12.35
CA LEU B 467 -39.87 -28.02 -12.33
C LEU B 467 -39.66 -27.25 -11.06
N SER B 468 -40.56 -27.35 -10.08
CA SER B 468 -40.40 -26.56 -8.86
C SER B 468 -39.14 -26.93 -8.06
N ASN B 469 -38.43 -25.87 -7.60
CA ASN B 469 -37.17 -25.88 -6.86
C ASN B 469 -37.31 -25.15 -5.52
N PRO B 470 -36.53 -25.48 -4.45
CA PRO B 470 -35.53 -26.57 -4.37
C PRO B 470 -36.27 -27.92 -4.34
N THR B 471 -35.53 -29.01 -4.13
CA THR B 471 -36.00 -30.39 -4.22
C THR B 471 -37.27 -30.69 -3.45
N SER B 472 -37.38 -30.25 -2.18
CA SER B 472 -38.59 -30.51 -1.37
C SER B 472 -39.85 -29.86 -1.99
N HIS B 473 -39.66 -28.91 -2.93
CA HIS B 473 -40.75 -28.21 -3.64
C HIS B 473 -41.15 -28.87 -4.96
N SER B 474 -40.42 -29.91 -5.39
CA SER B 474 -40.73 -30.62 -6.65
C SER B 474 -42.13 -31.25 -6.59
N GLU B 475 -42.94 -31.03 -7.65
CA GLU B 475 -44.32 -31.58 -7.76
C GLU B 475 -44.35 -33.10 -7.54
N CYS B 476 -43.32 -33.80 -8.04
CA CYS B 476 -43.08 -35.23 -7.74
C CYS B 476 -41.58 -35.52 -7.94
N THR B 477 -41.08 -36.69 -7.53
CA THR B 477 -39.67 -37.07 -7.72
C THR B 477 -39.55 -37.92 -9.00
N ALA B 478 -38.31 -38.22 -9.43
CA ALA B 478 -38.10 -39.10 -10.60
C ALA B 478 -38.51 -40.54 -10.27
N GLU B 479 -38.23 -40.99 -9.03
CA GLU B 479 -38.61 -42.33 -8.58
C GLU B 479 -40.12 -42.52 -8.72
N GLN B 480 -40.90 -41.52 -8.26
CA GLN B 480 -42.35 -41.53 -8.33
C GLN B 480 -42.84 -41.48 -9.79
N ALA B 481 -42.29 -40.59 -10.63
CA ALA B 481 -42.72 -40.47 -12.04
C ALA B 481 -42.57 -41.79 -12.78
N TYR B 482 -41.42 -42.48 -12.63
CA TYR B 482 -41.21 -43.75 -13.33
C TYR B 482 -42.00 -44.92 -12.75
N THR B 483 -42.08 -45.03 -11.42
CA THR B 483 -42.84 -46.11 -10.77
C THR B 483 -44.33 -45.97 -11.10
N TRP B 484 -44.89 -44.76 -10.90
CA TRP B 484 -46.31 -44.50 -11.13
C TRP B 484 -46.76 -44.59 -12.60
N THR B 485 -45.82 -44.60 -13.56
CA THR B 485 -46.16 -44.72 -14.98
C THR B 485 -45.63 -46.02 -15.59
N GLN B 486 -45.10 -46.94 -14.74
CA GLN B 486 -44.49 -48.20 -15.16
C GLN B 486 -43.39 -47.98 -16.20
N GLY B 487 -42.58 -46.96 -15.96
CA GLY B 487 -41.45 -46.58 -16.80
C GLY B 487 -41.81 -45.96 -18.13
N ARG B 488 -43.07 -45.50 -18.31
CA ARG B 488 -43.55 -44.89 -19.56
C ARG B 488 -43.44 -43.35 -19.61
N ALA B 489 -43.34 -42.67 -18.46
CA ALA B 489 -43.23 -41.20 -18.49
C ALA B 489 -41.94 -40.75 -19.11
N VAL B 490 -42.01 -39.62 -19.84
CA VAL B 490 -40.86 -38.88 -20.35
C VAL B 490 -40.79 -37.79 -19.28
N PHE B 491 -39.82 -37.94 -18.37
CA PHE B 491 -39.72 -37.07 -17.21
C PHE B 491 -38.55 -36.14 -17.21
N ALA B 492 -38.76 -34.92 -16.72
CA ALA B 492 -37.69 -33.94 -16.50
C ALA B 492 -38.06 -33.14 -15.25
N SER B 493 -37.04 -32.67 -14.51
CA SER B 493 -37.30 -31.92 -13.28
C SER B 493 -36.46 -30.65 -13.20
N GLY B 494 -36.76 -29.79 -12.24
CA GLY B 494 -35.95 -28.61 -11.98
C GLY B 494 -34.80 -29.00 -11.08
N SER B 495 -35.11 -29.91 -10.13
CA SER B 495 -34.14 -30.40 -9.14
CA SER B 495 -34.14 -30.36 -9.14
C SER B 495 -33.33 -31.60 -9.60
N PRO B 496 -32.03 -31.72 -9.20
CA PRO B 496 -31.28 -32.91 -9.64
C PRO B 496 -31.79 -34.14 -8.89
N PHE B 497 -32.14 -35.19 -9.64
CA PHE B 497 -32.54 -36.46 -9.08
C PHE B 497 -31.51 -37.47 -9.57
N ALA B 498 -31.26 -38.49 -8.76
CA ALA B 498 -30.32 -39.57 -9.06
C ALA B 498 -30.97 -40.48 -10.11
N PRO B 499 -30.17 -41.32 -10.84
CA PRO B 499 -30.80 -42.28 -11.78
C PRO B 499 -31.79 -43.21 -11.07
N VAL B 500 -32.79 -43.68 -11.80
CA VAL B 500 -33.83 -44.53 -11.22
C VAL B 500 -33.76 -45.92 -11.81
N GLU B 501 -33.72 -46.95 -10.92
CA GLU B 501 -33.73 -48.35 -11.32
C GLU B 501 -35.16 -48.82 -11.28
N TYR B 502 -35.73 -49.09 -12.45
CA TYR B 502 -37.11 -49.55 -12.54
C TYR B 502 -37.17 -50.69 -13.53
N ASP B 503 -37.84 -51.80 -13.12
CA ASP B 503 -37.93 -53.05 -13.90
C ASP B 503 -36.46 -53.49 -14.04
N GLY B 504 -35.95 -53.72 -15.23
CA GLY B 504 -34.53 -54.05 -15.34
C GLY B 504 -33.71 -52.92 -15.92
N LYS B 505 -34.31 -51.70 -15.97
CA LYS B 505 -33.75 -50.53 -16.63
C LYS B 505 -33.28 -49.40 -15.71
N THR B 506 -32.38 -48.55 -16.24
CA THR B 506 -31.89 -47.35 -15.58
C THR B 506 -32.41 -46.16 -16.37
N PHE B 507 -33.08 -45.24 -15.66
CA PHE B 507 -33.65 -44.02 -16.22
C PHE B 507 -32.86 -42.86 -15.65
N VAL B 508 -32.30 -42.03 -16.51
CA VAL B 508 -31.53 -40.85 -16.09
C VAL B 508 -32.45 -39.66 -16.43
N PRO B 509 -33.19 -39.12 -15.45
CA PRO B 509 -34.11 -38.01 -15.76
C PRO B 509 -33.33 -36.74 -16.05
N GLY B 510 -33.70 -36.07 -17.13
CA GLY B 510 -33.05 -34.81 -17.48
C GLY B 510 -33.43 -33.71 -16.52
N GLN B 511 -32.56 -32.73 -16.36
CA GLN B 511 -32.87 -31.62 -15.50
C GLN B 511 -33.07 -30.43 -16.42
N SER B 512 -34.25 -29.81 -16.35
CA SER B 512 -34.56 -28.67 -17.25
C SER B 512 -33.95 -27.40 -16.63
N ASN B 513 -32.63 -27.42 -16.48
CA ASN B 513 -31.84 -26.38 -15.84
C ASN B 513 -31.67 -25.20 -16.77
N ASN B 514 -32.02 -23.98 -16.30
CA ASN B 514 -31.85 -22.74 -17.10
C ASN B 514 -30.40 -22.53 -17.56
N ALA B 515 -29.45 -23.10 -16.81
CA ALA B 515 -28.00 -23.01 -17.12
C ALA B 515 -27.63 -23.69 -18.45
N TYR B 516 -28.55 -24.48 -19.06
CA TYR B 516 -28.32 -25.02 -20.39
C TYR B 516 -28.40 -23.89 -21.44
N ILE B 517 -29.22 -22.87 -21.16
CA ILE B 517 -29.53 -21.80 -22.10
C ILE B 517 -28.86 -20.44 -21.83
N PHE B 518 -29.02 -19.88 -20.60
CA PHE B 518 -28.58 -18.50 -20.36
C PHE B 518 -27.08 -18.26 -20.63
N PRO B 519 -26.13 -19.21 -20.36
CA PRO B 519 -24.71 -18.88 -20.64
C PRO B 519 -24.45 -18.60 -22.13
N GLY B 520 -24.99 -19.45 -23.00
CA GLY B 520 -24.88 -19.35 -24.46
C GLY B 520 -25.71 -18.20 -25.01
N LEU B 521 -26.87 -17.95 -24.42
CA LEU B 521 -27.68 -16.83 -24.89
C LEU B 521 -26.95 -15.52 -24.58
N GLY B 522 -26.41 -15.40 -23.37
CA GLY B 522 -25.62 -14.26 -22.94
C GLY B 522 -24.40 -14.06 -23.80
N LEU B 523 -23.65 -15.14 -24.10
CA LEU B 523 -22.49 -15.04 -24.96
C LEU B 523 -22.90 -14.58 -26.38
N GLY B 524 -23.98 -15.14 -26.91
CA GLY B 524 -24.50 -14.79 -28.23
C GLY B 524 -24.81 -13.32 -28.38
N LEU B 525 -25.41 -12.72 -27.36
CA LEU B 525 -25.72 -11.28 -27.33
C LEU B 525 -24.46 -10.45 -27.26
N VAL B 526 -23.51 -10.83 -26.37
CA VAL B 526 -22.25 -10.11 -26.20
C VAL B 526 -21.41 -10.12 -27.48
N ILE B 527 -21.20 -11.30 -28.07
CA ILE B 527 -20.29 -11.45 -29.24
C ILE B 527 -20.86 -10.79 -30.51
N SER B 528 -22.18 -10.64 -30.61
CA SER B 528 -22.82 -9.99 -31.76
C SER B 528 -23.00 -8.49 -31.50
N GLY B 529 -22.77 -8.03 -30.27
CA GLY B 529 -23.01 -6.64 -29.88
C GLY B 529 -24.49 -6.31 -29.99
N ALA B 530 -25.36 -7.27 -29.64
CA ALA B 530 -26.82 -7.09 -29.71
C ALA B 530 -27.28 -5.95 -28.80
N VAL B 531 -28.27 -5.17 -29.24
CA VAL B 531 -28.75 -4.03 -28.44
C VAL B 531 -30.11 -4.32 -27.84
N ARG B 532 -30.80 -5.35 -28.36
CA ARG B 532 -32.10 -5.76 -27.85
C ARG B 532 -32.21 -7.28 -27.91
N VAL B 533 -32.98 -7.85 -26.99
CA VAL B 533 -33.31 -9.26 -27.02
C VAL B 533 -34.63 -9.36 -27.83
N HIS B 534 -34.70 -10.30 -28.77
CA HIS B 534 -35.91 -10.53 -29.53
C HIS B 534 -36.36 -11.95 -29.20
N GLU B 535 -37.66 -12.19 -29.15
CA GLU B 535 -38.23 -13.52 -28.86
C GLU B 535 -37.70 -14.62 -29.79
N ASP B 536 -37.38 -14.27 -31.06
CA ASP B 536 -36.83 -15.23 -32.03
C ASP B 536 -35.44 -15.74 -31.59
N MET B 537 -34.71 -14.97 -30.75
CA MET B 537 -33.41 -15.42 -30.24
C MET B 537 -33.64 -16.57 -29.23
N LEU B 538 -34.75 -16.50 -28.47
CA LEU B 538 -35.13 -17.53 -27.50
C LEU B 538 -35.49 -18.79 -28.28
N LEU B 539 -36.23 -18.64 -29.38
CA LEU B 539 -36.56 -19.78 -30.26
C LEU B 539 -35.29 -20.38 -30.88
N ALA B 540 -34.33 -19.54 -31.32
CA ALA B 540 -33.07 -20.02 -31.90
C ALA B 540 -32.25 -20.79 -30.84
N ALA B 541 -32.23 -20.30 -29.59
CA ALA B 541 -31.52 -20.95 -28.49
C ALA B 541 -32.15 -22.33 -28.20
N SER B 542 -33.49 -22.39 -28.11
CA SER B 542 -34.26 -23.63 -27.86
C SER B 542 -33.98 -24.69 -28.95
N ALA B 543 -34.01 -24.26 -30.22
CA ALA B 543 -33.76 -25.16 -31.35
C ALA B 543 -32.30 -25.67 -31.33
N ALA B 544 -31.34 -24.78 -30.98
CA ALA B 544 -29.91 -25.14 -30.89
C ALA B 544 -29.70 -26.18 -29.76
N LEU B 545 -30.36 -26.00 -28.61
CA LEU B 545 -30.23 -26.97 -27.52
C LEU B 545 -30.87 -28.33 -27.90
N ALA B 546 -32.09 -28.30 -28.46
CA ALA B 546 -32.80 -29.52 -28.90
C ALA B 546 -32.01 -30.28 -29.95
N ASP B 547 -31.27 -29.56 -30.83
CA ASP B 547 -30.41 -30.18 -31.87
C ASP B 547 -29.24 -30.94 -31.22
N GLN B 548 -28.86 -30.57 -29.99
CA GLN B 548 -27.80 -31.25 -29.24
C GLN B 548 -28.33 -32.50 -28.52
N ALA B 549 -29.67 -32.65 -28.37
CA ALA B 549 -30.27 -33.83 -27.70
C ALA B 549 -30.40 -34.91 -28.73
N THR B 550 -29.73 -36.05 -28.49
CA THR B 550 -29.72 -37.15 -29.45
C THR B 550 -30.08 -38.49 -28.81
N GLU B 551 -30.05 -39.57 -29.63
CA GLU B 551 -30.30 -40.96 -29.19
C GLU B 551 -29.33 -41.37 -28.08
N GLU B 552 -28.11 -40.81 -28.10
CA GLU B 552 -27.08 -41.05 -27.09
C GLU B 552 -27.62 -40.72 -25.68
N ASN B 553 -28.39 -39.61 -25.54
CA ASN B 553 -28.97 -39.29 -24.25
C ASN B 553 -30.38 -39.88 -24.10
N PHE B 554 -31.15 -39.97 -25.20
CA PHE B 554 -32.52 -40.56 -25.19
C PHE B 554 -32.53 -41.99 -24.69
N VAL B 555 -31.52 -42.82 -25.07
CA VAL B 555 -31.43 -44.23 -24.68
C VAL B 555 -31.37 -44.39 -23.14
N THR B 556 -30.84 -43.38 -22.41
CA THR B 556 -30.78 -43.38 -20.94
C THR B 556 -32.07 -42.80 -20.29
N GLY B 557 -32.99 -42.27 -21.10
CA GLY B 557 -34.20 -41.61 -20.60
C GLY B 557 -34.08 -40.10 -20.47
N SER B 558 -32.86 -39.54 -20.69
CA SER B 558 -32.63 -38.09 -20.58
C SER B 558 -32.97 -37.36 -21.86
N ILE B 559 -33.84 -36.34 -21.76
CA ILE B 559 -34.20 -35.55 -22.93
C ILE B 559 -33.13 -34.49 -23.21
N PHE B 560 -32.27 -34.19 -22.23
CA PHE B 560 -31.21 -33.20 -22.45
C PHE B 560 -29.85 -33.87 -22.64
N PRO B 561 -28.93 -33.24 -23.43
CA PRO B 561 -27.56 -33.77 -23.46
C PRO B 561 -26.92 -33.49 -22.08
N PRO B 562 -25.86 -34.21 -21.65
CA PRO B 562 -25.30 -33.93 -20.30
C PRO B 562 -24.53 -32.61 -20.23
N PHE B 563 -24.32 -32.10 -19.01
CA PHE B 563 -23.52 -30.89 -18.79
C PHE B 563 -22.03 -31.08 -19.06
N THR B 564 -21.55 -32.33 -19.25
CA THR B 564 -20.15 -32.61 -19.52
C THR B 564 -19.65 -31.90 -20.78
N ASN B 565 -20.53 -31.70 -21.77
CA ASN B 565 -20.18 -31.02 -23.04
C ASN B 565 -20.82 -29.62 -23.12
N ILE B 566 -21.06 -28.98 -21.97
CA ILE B 566 -21.73 -27.68 -21.92
C ILE B 566 -21.02 -26.56 -22.74
N ARG B 567 -19.68 -26.51 -22.77
CA ARG B 567 -18.97 -25.46 -23.53
C ARG B 567 -19.29 -25.54 -25.01
N LYS B 568 -19.35 -26.77 -25.56
CA LYS B 568 -19.71 -26.97 -26.96
C LYS B 568 -21.17 -26.58 -27.19
N ILE B 569 -22.07 -27.00 -26.28
CA ILE B 569 -23.51 -26.68 -26.36
C ILE B 569 -23.71 -25.16 -26.35
N SER B 570 -23.05 -24.46 -25.41
CA SER B 570 -23.15 -22.99 -25.29
C SER B 570 -22.63 -22.29 -26.57
N ALA B 571 -21.59 -22.83 -27.22
CA ALA B 571 -21.05 -22.28 -28.48
C ALA B 571 -22.09 -22.36 -29.59
N TYR B 572 -22.85 -23.48 -29.67
CA TYR B 572 -23.92 -23.65 -30.66
C TYR B 572 -25.09 -22.72 -30.38
N ILE B 573 -25.45 -22.58 -29.12
CA ILE B 573 -26.53 -21.67 -28.74
C ILE B 573 -26.12 -20.21 -29.06
N ALA B 574 -24.88 -19.82 -28.69
CA ALA B 574 -24.38 -18.46 -28.88
C ALA B 574 -24.38 -18.12 -30.36
N ALA B 575 -23.94 -19.06 -31.21
CA ALA B 575 -23.89 -18.87 -32.66
C ALA B 575 -25.31 -18.69 -33.24
N ALA B 576 -26.31 -19.44 -32.73
CA ALA B 576 -27.71 -19.34 -33.21
C ALA B 576 -28.34 -18.00 -32.76
N VAL B 577 -28.06 -17.58 -31.53
CA VAL B 577 -28.52 -16.29 -30.99
C VAL B 577 -27.87 -15.12 -31.76
N ALA B 578 -26.53 -15.17 -31.98
CA ALA B 578 -25.77 -14.16 -32.70
C ALA B 578 -26.29 -14.07 -34.15
N ALA B 579 -26.50 -15.23 -34.84
CA ALA B 579 -27.04 -15.27 -36.22
C ALA B 579 -28.41 -14.56 -36.26
N LYS B 580 -29.25 -14.82 -35.26
CA LYS B 580 -30.56 -14.18 -35.14
C LYS B 580 -30.42 -12.65 -34.95
N ALA B 581 -29.45 -12.18 -34.11
CA ALA B 581 -29.17 -10.75 -33.90
C ALA B 581 -28.78 -10.05 -35.24
N TYR B 582 -27.94 -10.70 -36.05
CA TYR B 582 -27.51 -10.18 -37.36
C TYR B 582 -28.69 -10.14 -38.32
N GLU B 583 -29.46 -11.24 -38.39
CA GLU B 583 -30.63 -11.37 -39.28
C GLU B 583 -31.70 -10.30 -38.98
N LEU B 584 -31.93 -10.00 -37.69
CA LEU B 584 -32.93 -9.01 -37.26
C LEU B 584 -32.45 -7.55 -37.28
N GLY B 585 -31.17 -7.33 -37.60
CA GLY B 585 -30.58 -5.98 -37.63
C GLY B 585 -30.38 -5.42 -36.24
N LEU B 586 -30.20 -6.29 -35.24
CA LEU B 586 -30.00 -5.88 -33.84
C LEU B 586 -28.54 -5.98 -33.39
N ALA B 587 -27.66 -6.49 -34.24
CA ALA B 587 -26.24 -6.67 -33.91
C ALA B 587 -25.40 -5.42 -34.27
N THR B 588 -24.40 -5.09 -33.46
CA THR B 588 -23.51 -3.93 -33.72
C THR B 588 -22.05 -4.37 -34.01
N ARG B 589 -21.72 -5.65 -33.78
CA ARG B 589 -20.36 -6.15 -34.05
C ARG B 589 -20.33 -6.56 -35.51
N LEU B 590 -20.14 -5.58 -36.38
CA LEU B 590 -20.24 -5.72 -37.84
C LEU B 590 -18.89 -5.67 -38.56
N PRO B 591 -18.67 -6.50 -39.61
CA PRO B 591 -19.60 -7.47 -40.21
C PRO B 591 -19.70 -8.79 -39.43
N PRO B 592 -20.75 -9.64 -39.62
CA PRO B 592 -20.74 -10.93 -38.91
C PRO B 592 -19.60 -11.84 -39.39
N PRO B 593 -18.92 -12.57 -38.49
CA PRO B 593 -17.90 -13.53 -38.97
C PRO B 593 -18.64 -14.65 -39.73
N LYS B 594 -17.97 -15.29 -40.70
CA LYS B 594 -18.56 -16.35 -41.54
C LYS B 594 -18.93 -17.62 -40.76
N ASP B 595 -18.09 -18.03 -39.79
CA ASP B 595 -18.36 -19.23 -38.99
C ASP B 595 -18.65 -18.78 -37.55
N LEU B 596 -19.94 -18.62 -37.22
CA LEU B 596 -20.35 -18.11 -35.90
C LEU B 596 -20.06 -19.06 -34.74
N VAL B 597 -20.01 -20.39 -35.00
CA VAL B 597 -19.66 -21.39 -33.98
C VAL B 597 -18.19 -21.22 -33.60
N ALA B 598 -17.28 -21.19 -34.59
CA ALA B 598 -15.84 -21.00 -34.36
C ALA B 598 -15.60 -19.63 -33.73
N TYR B 599 -16.36 -18.59 -34.13
CA TYR B 599 -16.23 -17.26 -33.57
C TYR B 599 -16.64 -17.27 -32.08
N ALA B 600 -17.81 -17.89 -31.74
CA ALA B 600 -18.26 -18.00 -30.34
C ALA B 600 -17.16 -18.67 -29.48
N GLU B 601 -16.60 -19.80 -29.97
CA GLU B 601 -15.55 -20.54 -29.27
C GLU B 601 -14.29 -19.71 -29.04
N SER B 602 -13.89 -18.91 -30.04
CA SER B 602 -12.71 -18.04 -29.96
C SER B 602 -12.90 -16.92 -28.93
N CYS B 603 -14.16 -16.56 -28.61
CA CYS B 603 -14.47 -15.50 -27.64
C CYS B 603 -14.57 -16.03 -26.21
N MET B 604 -14.65 -17.35 -26.01
CA MET B 604 -14.86 -17.94 -24.70
C MET B 604 -13.63 -17.86 -23.79
N TYR B 605 -13.83 -17.34 -22.59
CA TYR B 605 -12.82 -17.27 -21.54
C TYR B 605 -12.34 -18.71 -21.21
N SER B 606 -11.03 -18.88 -21.15
CA SER B 606 -10.39 -20.13 -20.81
C SER B 606 -9.79 -19.94 -19.41
N PRO B 607 -10.14 -20.80 -18.43
CA PRO B 607 -9.59 -20.64 -17.06
C PRO B 607 -8.20 -21.28 -16.85
N VAL B 608 -7.49 -21.61 -17.93
CA VAL B 608 -6.11 -22.14 -17.82
C VAL B 608 -5.25 -20.98 -17.28
N TYR B 609 -4.35 -21.26 -16.32
CA TYR B 609 -3.48 -20.21 -15.78
C TYR B 609 -2.66 -19.50 -16.85
N ARG B 610 -2.42 -18.21 -16.66
CA ARG B 610 -1.53 -17.46 -17.54
C ARG B 610 -0.12 -17.65 -17.01
N ASN B 611 0.86 -17.37 -17.88
CA ASN B 611 2.28 -17.33 -17.53
C ASN B 611 2.58 -15.87 -17.23
N TYR B 612 3.37 -15.64 -16.18
N TYR B 612 3.32 -15.56 -16.17
CA TYR B 612 3.83 -14.35 -15.68
CA TYR B 612 3.54 -14.15 -15.87
C TYR B 612 5.35 -14.25 -15.76
C TYR B 612 4.90 -13.62 -16.22
N GLN B 613 5.96 -15.07 -16.64
N GLN B 613 4.93 -12.35 -16.68
CA GLN B 613 7.40 -15.05 -16.95
CA GLN B 613 6.15 -11.58 -16.93
C GLN B 613 7.64 -15.61 -18.35
C GLN B 613 6.40 -10.87 -15.61
N GLU C 61 -8.42 4.32 20.39
CA GLU C 61 -9.66 5.07 20.23
C GLU C 61 -9.58 6.04 19.05
N LEU C 62 -8.42 6.75 18.90
CA LEU C 62 -8.20 7.70 17.80
C LEU C 62 -8.21 6.97 16.45
N PRO C 63 -8.80 7.59 15.40
CA PRO C 63 -8.82 6.94 14.08
C PRO C 63 -7.40 6.73 13.53
N VAL C 64 -7.22 5.71 12.69
CA VAL C 64 -5.92 5.43 12.08
C VAL C 64 -6.08 5.38 10.57
N MET C 65 -4.99 5.68 9.86
CA MET C 65 -4.99 5.60 8.41
C MET C 65 -4.61 4.18 8.00
N PRO C 66 -5.40 3.46 7.18
CA PRO C 66 -4.97 2.13 6.74
C PRO C 66 -3.99 2.28 5.57
N TRP C 67 -2.72 1.95 5.76
CA TRP C 67 -1.73 2.09 4.70
C TRP C 67 -1.47 0.71 4.08
N ALA C 68 -1.32 0.65 2.76
CA ALA C 68 -1.01 -0.54 1.97
C ALA C 68 0.45 -0.43 1.51
N THR C 69 1.20 -1.52 1.58
CA THR C 69 2.62 -1.53 1.16
C THR C 69 2.81 -2.52 0.02
N SER C 70 3.60 -2.14 -0.98
CA SER C 70 3.88 -3.01 -2.12
C SER C 70 5.26 -2.68 -2.66
N VAL C 71 5.86 -3.61 -3.42
CA VAL C 71 7.19 -3.40 -4.01
C VAL C 71 7.02 -2.33 -5.09
N ALA C 72 7.86 -1.30 -5.06
CA ALA C 72 7.78 -0.23 -6.06
C ALA C 72 8.47 -0.73 -7.35
N SER C 73 7.81 -0.60 -8.50
CA SER C 73 8.32 -1.01 -9.81
C SER C 73 7.75 -0.06 -10.85
N GLY C 74 8.29 -0.09 -12.07
CA GLY C 74 7.82 0.73 -13.18
C GLY C 74 7.78 2.21 -12.85
N TYR C 75 6.73 2.91 -13.33
CA TYR C 75 6.59 4.35 -13.07
C TYR C 75 6.37 4.68 -11.59
N THR C 76 5.84 3.74 -10.78
CA THR C 76 5.68 3.97 -9.32
C THR C 76 7.06 4.18 -8.68
N LEU C 77 8.05 3.41 -9.13
CA LEU C 77 9.42 3.52 -8.66
C LEU C 77 10.09 4.81 -9.21
N LEU C 78 9.92 5.07 -10.53
CA LEU C 78 10.50 6.26 -11.17
C LEU C 78 9.95 7.57 -10.58
N ARG C 79 8.69 7.57 -10.11
CA ARG C 79 8.03 8.78 -9.59
C ARG C 79 8.12 8.95 -8.10
N ASP C 80 8.81 8.02 -7.40
CA ASP C 80 9.03 8.12 -5.96
C ASP C 80 10.41 8.77 -5.77
N PRO C 81 10.50 10.04 -5.35
CA PRO C 81 11.83 10.68 -5.18
C PRO C 81 12.77 10.00 -4.19
N ARG C 82 12.23 9.25 -3.24
CA ARG C 82 13.04 8.54 -2.24
C ARG C 82 13.80 7.36 -2.89
N HIS C 83 13.22 6.74 -3.94
CA HIS C 83 13.81 5.57 -4.58
C HIS C 83 14.32 5.79 -6.01
N ASN C 84 13.80 6.81 -6.68
CA ASN C 84 14.20 7.12 -8.05
C ASN C 84 15.71 7.43 -8.15
N LYS C 85 16.41 6.72 -9.05
CA LYS C 85 17.84 6.91 -9.30
C LYS C 85 18.05 7.47 -10.74
N GLY C 86 16.95 7.64 -11.47
CA GLY C 86 16.99 8.08 -12.86
C GLY C 86 17.75 7.09 -13.72
N LEU C 87 18.75 7.59 -14.46
CA LEU C 87 19.58 6.72 -15.31
C LEU C 87 20.62 5.90 -14.52
N ALA C 88 20.72 6.10 -13.20
CA ALA C 88 21.66 5.33 -12.38
C ALA C 88 21.15 3.93 -12.04
N PHE C 89 19.87 3.63 -12.33
CA PHE C 89 19.36 2.26 -12.17
C PHE C 89 20.20 1.36 -13.08
N THR C 90 20.75 0.29 -12.51
CA THR C 90 21.61 -0.64 -13.26
C THR C 90 20.72 -1.51 -14.15
N GLU C 91 21.33 -2.21 -15.13
N GLU C 91 21.31 -2.20 -15.13
CA GLU C 91 20.61 -3.11 -16.03
CA GLU C 91 20.58 -3.09 -16.02
C GLU C 91 19.84 -4.18 -15.22
C GLU C 91 19.82 -4.17 -15.21
N ARG C 92 20.46 -4.73 -14.14
CA ARG C 92 19.84 -5.74 -13.27
C ARG C 92 18.64 -5.13 -12.48
N GLU C 93 18.77 -3.89 -11.98
CA GLU C 93 17.65 -3.22 -11.29
C GLU C 93 16.52 -2.94 -12.25
N ARG C 94 16.84 -2.53 -13.50
CA ARG C 94 15.83 -2.25 -14.54
C ARG C 94 15.05 -3.50 -14.88
N ASP C 95 15.74 -4.64 -15.03
CA ASP C 95 15.08 -5.91 -15.32
C ASP C 95 14.18 -6.35 -14.15
N ALA C 96 14.69 -6.23 -12.92
CA ALA C 96 13.95 -6.68 -11.75
C ALA C 96 12.73 -5.81 -11.46
N HIS C 97 12.80 -4.51 -11.78
CA HIS C 97 11.71 -3.59 -11.44
C HIS C 97 10.95 -3.05 -12.61
N TYR C 98 10.93 -3.77 -13.71
CA TYR C 98 10.07 -3.45 -14.86
C TYR C 98 10.30 -2.03 -15.41
N LEU C 99 11.60 -1.67 -15.53
CA LEU C 99 12.03 -0.38 -16.08
C LEU C 99 12.64 -0.52 -17.46
N ARG C 100 12.91 -1.75 -17.89
CA ARG C 100 13.54 -1.99 -19.19
C ARG C 100 12.67 -1.37 -20.30
N GLY C 101 13.27 -0.48 -21.08
CA GLY C 101 12.56 0.23 -22.15
C GLY C 101 12.01 1.58 -21.70
N LEU C 102 11.69 1.75 -20.39
CA LEU C 102 11.16 3.03 -19.87
C LEU C 102 12.29 4.08 -19.82
N LEU C 103 13.54 3.61 -19.84
CA LEU C 103 14.74 4.43 -19.76
C LEU C 103 15.60 4.13 -20.98
N PRO C 104 16.39 5.11 -21.46
CA PRO C 104 17.32 4.82 -22.57
C PRO C 104 18.40 3.82 -22.12
N PRO C 105 19.15 3.17 -23.04
CA PRO C 105 20.09 2.12 -22.62
C PRO C 105 21.21 2.49 -21.64
N ALA C 106 21.74 3.72 -21.69
CA ALA C 106 22.86 4.08 -20.81
C ALA C 106 22.55 4.04 -19.33
N VAL C 107 23.54 3.54 -18.56
CA VAL C 107 23.54 3.52 -17.11
C VAL C 107 24.48 4.69 -16.77
N VAL C 108 23.97 5.69 -16.04
CA VAL C 108 24.73 6.92 -15.77
C VAL C 108 24.87 7.07 -14.27
N SER C 109 26.10 7.03 -13.75
CA SER C 109 26.46 7.15 -12.33
C SER C 109 25.89 8.40 -11.68
N GLN C 110 25.78 8.39 -10.35
CA GLN C 110 25.35 9.53 -9.55
C GLN C 110 26.29 10.73 -9.80
N GLU C 111 27.60 10.49 -9.93
N GLU C 111 27.61 10.49 -9.90
CA GLU C 111 28.62 11.53 -10.15
CA GLU C 111 28.61 11.54 -10.15
C GLU C 111 28.42 12.23 -11.50
C GLU C 111 28.41 12.24 -11.50
N LEU C 112 28.09 11.47 -12.56
CA LEU C 112 27.81 12.02 -13.90
C LEU C 112 26.50 12.82 -13.86
N GLN C 113 25.51 12.33 -13.09
CA GLN C 113 24.21 13.02 -12.92
C GLN C 113 24.38 14.36 -12.17
N ILE C 114 25.31 14.43 -11.19
CA ILE C 114 25.64 15.65 -10.46
C ILE C 114 26.25 16.68 -11.44
N LYS C 115 27.21 16.22 -12.27
CA LYS C 115 27.92 17.04 -13.25
C LYS C 115 26.95 17.69 -14.25
N LYS C 116 26.06 16.86 -14.83
CA LYS C 116 25.02 17.23 -15.80
C LYS C 116 24.09 18.30 -15.17
N PHE C 117 23.63 18.05 -13.92
CA PHE C 117 22.73 18.98 -13.25
C PHE C 117 23.40 20.32 -13.00
N MET C 118 24.65 20.30 -12.48
CA MET C 118 25.40 21.53 -12.20
C MET C 118 25.64 22.35 -13.48
N ASN C 119 25.95 21.65 -14.61
CA ASN C 119 26.17 22.31 -15.91
C ASN C 119 24.93 23.10 -16.34
N ASN C 120 23.74 22.48 -16.19
CA ASN C 120 22.47 23.12 -16.54
C ASN C 120 22.10 24.25 -15.60
N LEU C 121 22.31 24.03 -14.30
CA LEU C 121 21.96 25.01 -13.28
C LEU C 121 22.70 26.34 -13.46
N ARG C 122 23.99 26.28 -13.83
CA ARG C 122 24.84 27.45 -14.05
C ARG C 122 24.42 28.29 -15.28
N GLN C 123 23.54 27.74 -16.12
CA GLN C 123 23.05 28.44 -17.31
C GLN C 123 21.76 29.24 -17.05
N TYR C 124 21.17 29.12 -15.85
CA TYR C 124 20.01 29.93 -15.50
C TYR C 124 20.47 31.35 -15.22
N GLN C 125 19.78 32.32 -15.82
CA GLN C 125 20.10 33.73 -15.66
C GLN C 125 19.69 34.23 -14.26
N LEU C 126 18.57 33.73 -13.71
CA LEU C 126 18.08 34.24 -12.44
C LEU C 126 18.26 33.30 -11.26
N PRO C 127 18.67 33.80 -10.07
CA PRO C 127 18.77 32.94 -8.88
C PRO C 127 17.48 32.15 -8.58
N ILE C 128 16.27 32.77 -8.80
CA ILE C 128 15.00 32.10 -8.55
C ILE C 128 14.83 30.86 -9.44
N GLN C 129 15.38 30.90 -10.67
CA GLN C 129 15.32 29.77 -11.60
C GLN C 129 16.19 28.62 -11.10
N CYS C 130 17.36 28.94 -10.47
CA CYS C 130 18.23 27.93 -9.85
C CYS C 130 17.49 27.29 -8.69
N TYR C 131 16.82 28.12 -7.87
CA TYR C 131 16.02 27.66 -6.73
C TYR C 131 14.93 26.70 -7.23
N MET C 132 14.21 27.10 -8.29
CA MET C 132 13.12 26.27 -8.84
C MET C 132 13.61 24.93 -9.35
N ALA C 133 14.78 24.91 -10.02
CA ALA C 133 15.36 23.68 -10.54
C ALA C 133 15.79 22.79 -9.35
N MET C 134 16.33 23.40 -8.27
CA MET C 134 16.76 22.67 -7.06
C MET C 134 15.55 22.01 -6.35
N MET C 135 14.41 22.74 -6.23
CA MET C 135 13.18 22.20 -5.60
C MET C 135 12.65 21.04 -6.39
N ASN C 136 12.67 21.19 -7.73
CA ASN C 136 12.18 20.13 -8.62
C ASN C 136 13.04 18.89 -8.48
N LEU C 137 14.37 19.04 -8.34
CA LEU C 137 15.30 17.93 -8.14
C LEU C 137 15.02 17.24 -6.80
N GLN C 138 14.87 18.02 -5.71
CA GLN C 138 14.55 17.48 -4.38
C GLN C 138 13.31 16.57 -4.44
N GLU C 139 12.33 16.98 -5.23
CA GLU C 139 11.07 16.27 -5.35
C GLU C 139 11.04 15.25 -6.48
N THR C 140 12.18 14.94 -7.12
CA THR C 140 12.26 13.90 -8.18
C THR C 140 13.32 12.84 -7.88
N ASP C 141 14.46 13.25 -7.30
CA ASP C 141 15.54 12.31 -6.94
C ASP C 141 16.20 12.93 -5.73
N GLU C 142 15.73 12.55 -4.54
CA GLU C 142 16.22 13.18 -3.33
C GLU C 142 17.66 12.83 -3.00
N ARG C 143 18.12 11.59 -3.29
CA ARG C 143 19.50 11.24 -3.01
C ARG C 143 20.43 12.10 -3.86
N LEU C 144 20.08 12.29 -5.15
CA LEU C 144 20.87 13.12 -6.06
C LEU C 144 20.90 14.55 -5.55
N PHE C 145 19.73 15.08 -5.15
CA PHE C 145 19.62 16.43 -4.59
C PHE C 145 20.57 16.61 -3.40
N TYR C 146 20.56 15.67 -2.42
CA TYR C 146 21.42 15.83 -1.22
C TYR C 146 22.90 15.64 -1.51
N LYS C 147 23.24 14.70 -2.39
CA LYS C 147 24.63 14.48 -2.74
C LYS C 147 25.20 15.69 -3.48
N LEU C 148 24.41 16.26 -4.41
CA LEU C 148 24.76 17.45 -5.17
C LEU C 148 24.95 18.66 -4.21
N LEU C 149 24.01 18.83 -3.26
CA LEU C 149 24.04 19.92 -2.28
C LEU C 149 25.28 19.85 -1.39
N ILE C 150 25.60 18.65 -0.86
CA ILE C 150 26.79 18.46 0.00
C ILE C 150 28.06 18.82 -0.77
N GLU C 151 28.21 18.28 -1.97
CA GLU C 151 29.41 18.48 -2.79
C GLU C 151 29.59 19.91 -3.31
N ASN C 152 28.50 20.67 -3.42
CA ASN C 152 28.53 22.04 -3.97
C ASN C 152 27.89 23.03 -3.01
N VAL C 153 28.02 22.76 -1.70
CA VAL C 153 27.41 23.55 -0.63
C VAL C 153 27.74 25.08 -0.71
N VAL C 154 29.01 25.46 -0.89
CA VAL C 154 29.38 26.89 -0.95
C VAL C 154 28.66 27.59 -2.11
N GLU C 155 28.66 26.98 -3.28
CA GLU C 155 28.01 27.53 -4.46
C GLU C 155 26.47 27.55 -4.35
N LEU C 156 25.86 26.52 -3.74
CA LEU C 156 24.42 26.36 -3.73
C LEU C 156 23.67 26.93 -2.53
N LEU C 157 24.33 27.10 -1.36
CA LEU C 157 23.69 27.69 -0.18
C LEU C 157 22.95 28.99 -0.52
N PRO C 158 23.52 29.96 -1.30
CA PRO C 158 22.77 31.20 -1.57
C PRO C 158 21.49 31.01 -2.39
N TYR C 159 21.31 29.83 -3.01
CA TYR C 159 20.15 29.50 -3.86
C TYR C 159 19.07 28.71 -3.16
N VAL C 160 19.47 27.78 -2.29
CA VAL C 160 18.58 26.89 -1.54
C VAL C 160 18.22 27.50 -0.17
N TYR C 161 19.05 28.44 0.30
CA TYR C 161 18.87 29.11 1.59
C TYR C 161 18.99 30.63 1.36
N THR C 162 19.38 31.41 2.37
CA THR C 162 19.49 32.86 2.27
C THR C 162 20.56 33.31 1.24
N PRO C 163 20.29 34.31 0.37
CA PRO C 163 19.08 35.15 0.27
C PRO C 163 17.93 34.68 -0.65
N THR C 164 18.20 33.81 -1.67
CA THR C 164 17.20 33.40 -2.67
C THR C 164 15.91 32.80 -2.05
N VAL C 165 16.03 32.04 -0.94
CA VAL C 165 14.88 31.43 -0.25
C VAL C 165 13.84 32.53 0.20
N GLY C 166 14.33 33.73 0.53
CA GLY C 166 13.48 34.86 0.90
C GLY C 166 12.65 35.32 -0.28
N GLU C 167 13.31 35.46 -1.46
CA GLU C 167 12.65 35.81 -2.72
C GLU C 167 11.65 34.68 -3.10
N ALA C 168 12.02 33.40 -2.87
CA ALA C 168 11.14 32.24 -3.13
C ALA C 168 9.86 32.36 -2.32
N CYS C 169 9.92 32.77 -1.02
CA CYS C 169 8.74 33.01 -0.18
C CYS C 169 7.91 34.18 -0.71
N GLN C 170 8.54 35.26 -1.17
CA GLN C 170 7.80 36.41 -1.72
C GLN C 170 7.00 36.00 -2.97
N LYS C 171 7.56 35.09 -3.79
CA LYS C 171 6.97 34.65 -5.06
C LYS C 171 6.40 33.23 -5.01
N TYR C 172 6.26 32.65 -3.82
CA TYR C 172 5.90 31.24 -3.58
C TYR C 172 4.65 30.77 -4.30
N GLY C 173 3.61 31.59 -4.32
CA GLY C 173 2.38 31.27 -5.02
C GLY C 173 2.57 31.21 -6.53
N SER C 174 3.29 32.20 -7.10
CA SER C 174 3.55 32.24 -8.54
C SER C 174 4.53 31.15 -9.03
N ILE C 175 5.42 30.64 -8.17
CA ILE C 175 6.39 29.60 -8.60
C ILE C 175 6.04 28.20 -8.10
N PHE C 176 4.87 28.05 -7.49
CA PHE C 176 4.41 26.79 -6.90
C PHE C 176 4.56 25.63 -7.88
N GLY C 177 5.31 24.61 -7.47
CA GLY C 177 5.56 23.45 -8.32
C GLY C 177 5.13 22.16 -7.66
N ARG C 178 6.12 21.35 -7.22
CA ARG C 178 5.84 20.08 -6.56
C ARG C 178 5.51 20.33 -5.10
N PRO C 179 4.47 19.65 -4.57
CA PRO C 179 4.10 19.88 -3.16
C PRO C 179 5.19 19.49 -2.16
N GLN C 180 5.46 20.36 -1.21
CA GLN C 180 6.46 20.13 -0.16
C GLN C 180 5.85 20.56 1.18
N GLY C 181 6.05 19.73 2.21
CA GLY C 181 5.59 20.02 3.54
C GLY C 181 4.11 19.86 3.81
N LEU C 182 3.71 20.25 5.02
CA LEU C 182 2.36 20.14 5.50
C LEU C 182 1.83 21.49 5.96
N TYR C 183 0.61 21.83 5.53
CA TYR C 183 -0.04 23.08 5.90
C TYR C 183 -1.14 22.80 6.90
N VAL C 184 -1.16 23.56 7.98
CA VAL C 184 -2.18 23.45 9.03
C VAL C 184 -2.78 24.85 9.09
N SER C 185 -4.06 25.01 8.77
CA SER C 185 -4.67 26.35 8.79
C SER C 185 -5.79 26.46 9.82
N LEU C 186 -6.38 27.66 9.96
CA LEU C 186 -7.52 27.90 10.86
C LEU C 186 -8.71 27.00 10.47
N LYS C 187 -8.82 26.65 9.18
CA LYS C 187 -9.87 25.75 8.68
C LYS C 187 -9.72 24.33 9.23
N ASP C 188 -8.55 23.98 9.80
CA ASP C 188 -8.25 22.67 10.39
C ASP C 188 -8.49 22.60 11.91
N LYS C 189 -9.11 23.64 12.50
CA LYS C 189 -9.42 23.64 13.94
C LYS C 189 -10.29 22.42 14.28
N GLY C 190 -9.89 21.67 15.32
CA GLY C 190 -10.55 20.43 15.73
C GLY C 190 -10.14 19.24 14.86
N ARG C 191 -9.31 19.45 13.82
CA ARG C 191 -8.92 18.40 12.87
C ARG C 191 -7.42 18.33 12.63
N VAL C 192 -6.60 18.94 13.52
CA VAL C 192 -5.13 18.96 13.31
C VAL C 192 -4.55 17.53 13.26
N LEU C 193 -4.96 16.65 14.18
CA LEU C 193 -4.51 15.26 14.18
C LEU C 193 -4.85 14.58 12.86
N GLU C 194 -6.06 14.80 12.33
CA GLU C 194 -6.49 14.23 11.05
C GLU C 194 -5.56 14.69 9.90
N VAL C 195 -5.12 15.97 9.92
CA VAL C 195 -4.19 16.50 8.91
C VAL C 195 -2.83 15.81 9.02
N LEU C 196 -2.29 15.63 10.25
CA LEU C 196 -1.01 14.93 10.47
C LEU C 196 -1.05 13.49 9.92
N ARG C 197 -2.22 12.81 10.03
N ARG C 197 -2.21 12.81 10.03
CA ARG C 197 -2.41 11.44 9.55
CA ARG C 197 -2.35 11.43 9.56
C ARG C 197 -2.20 11.29 8.04
C ARG C 197 -2.20 11.29 8.03
N ASN C 198 -2.34 12.39 7.28
CA ASN C 198 -2.15 12.40 5.82
C ASN C 198 -0.66 12.38 5.46
N TRP C 199 0.22 12.77 6.41
CA TRP C 199 1.66 12.76 6.19
C TRP C 199 2.15 11.31 6.13
N PRO C 200 2.73 10.86 4.99
CA PRO C 200 3.05 9.43 4.84
C PRO C 200 4.26 8.89 5.61
N HIS C 201 4.89 9.67 6.50
CA HIS C 201 6.03 9.17 7.29
C HIS C 201 5.61 9.16 8.73
N ARG C 202 5.58 7.97 9.35
CA ARG C 202 5.12 7.81 10.72
C ARG C 202 6.12 8.28 11.78
N ASN C 203 7.41 8.01 11.58
CA ASN C 203 8.44 8.30 12.59
C ASN C 203 9.17 9.64 12.36
N VAL C 204 8.44 10.73 12.56
CA VAL C 204 8.99 12.08 12.39
C VAL C 204 9.94 12.39 13.55
N GLN C 205 11.14 12.90 13.25
CA GLN C 205 12.13 13.25 14.27
C GLN C 205 12.28 14.76 14.42
N VAL C 206 12.20 15.50 13.30
CA VAL C 206 12.41 16.94 13.29
C VAL C 206 11.29 17.64 12.53
N ILE C 207 10.60 18.52 13.22
CA ILE C 207 9.58 19.38 12.64
C ILE C 207 10.14 20.79 12.63
N CYS C 208 10.05 21.47 11.48
N CYS C 208 10.04 21.45 11.49
CA CYS C 208 10.42 22.87 11.35
CA CYS C 208 10.38 22.85 11.37
C CYS C 208 9.10 23.57 11.04
C CYS C 208 9.07 23.55 11.05
N VAL C 209 8.60 24.38 11.99
CA VAL C 209 7.29 25.05 11.87
C VAL C 209 7.40 26.59 11.87
N THR C 210 6.58 27.24 11.03
CA THR C 210 6.47 28.69 10.93
C THR C 210 5.01 29.12 10.74
N ASP C 211 4.73 30.41 11.02
CA ASP C 211 3.44 31.01 10.67
C ASP C 211 3.65 32.14 9.62
N GLY C 212 4.88 32.26 9.13
CA GLY C 212 5.30 33.21 8.10
C GLY C 212 5.21 34.69 8.43
N GLU C 213 5.14 35.04 9.73
CA GLU C 213 4.99 36.44 10.13
C GLU C 213 6.30 37.26 10.07
N ARG C 214 7.47 36.61 10.21
CA ARG C 214 8.78 37.30 10.19
C ARG C 214 9.76 36.52 9.30
N ILE C 215 9.61 36.63 7.97
CA ILE C 215 10.47 35.91 7.02
C ILE C 215 11.68 36.76 6.78
N LEU C 216 12.86 36.34 7.28
CA LEU C 216 14.13 37.10 7.20
C LEU C 216 13.83 38.53 7.66
N GLY C 217 14.16 39.54 6.85
CA GLY C 217 13.82 40.93 7.15
C GLY C 217 12.73 41.41 6.23
N LEU C 218 12.04 40.47 5.55
CA LEU C 218 10.98 40.75 4.57
C LEU C 218 9.57 40.90 5.16
N GLY C 219 9.42 40.64 6.46
CA GLY C 219 8.15 40.76 7.16
C GLY C 219 7.18 39.60 6.98
N ASP C 220 5.87 39.93 7.01
CA ASP C 220 4.77 38.98 6.93
C ASP C 220 4.54 38.48 5.52
N LEU C 221 4.82 37.19 5.29
CA LEU C 221 4.59 36.56 4.00
C LEU C 221 3.52 35.46 4.08
N GLY C 222 2.84 35.40 5.23
CA GLY C 222 1.77 34.45 5.52
C GLY C 222 2.11 33.01 5.18
N CYS C 223 1.19 32.37 4.46
CA CYS C 223 1.30 30.96 4.04
C CYS C 223 2.50 30.68 3.15
N GLN C 224 3.01 31.74 2.48
CA GLN C 224 4.15 31.66 1.58
C GLN C 224 5.48 31.54 2.32
N GLY C 225 5.42 31.61 3.64
CA GLY C 225 6.57 31.39 4.52
C GLY C 225 7.10 29.96 4.50
N MET C 226 6.35 29.02 3.89
CA MET C 226 6.74 27.59 3.76
C MET C 226 8.14 27.35 3.17
N GLY C 227 8.60 28.24 2.28
CA GLY C 227 9.94 28.10 1.70
C GLY C 227 11.07 28.01 2.73
N ILE C 228 10.93 28.73 3.88
CA ILE C 228 11.96 28.71 4.95
C ILE C 228 12.07 27.31 5.62
N PRO C 229 11.01 26.73 6.26
CA PRO C 229 11.16 25.40 6.87
C PRO C 229 11.57 24.30 5.88
N VAL C 230 11.17 24.43 4.60
CA VAL C 230 11.56 23.49 3.55
C VAL C 230 13.08 23.57 3.31
N GLY C 231 13.61 24.79 3.21
CA GLY C 231 15.03 25.07 3.08
C GLY C 231 15.83 24.63 4.31
N LYS C 232 15.37 24.99 5.52
CA LYS C 232 16.01 24.61 6.79
C LYS C 232 16.18 23.07 6.91
N LEU C 233 15.12 22.31 6.60
CA LEU C 233 15.18 20.86 6.73
C LEU C 233 16.09 20.19 5.71
N ALA C 234 16.21 20.79 4.51
CA ALA C 234 17.14 20.31 3.49
C ALA C 234 18.57 20.44 4.06
N LEU C 235 18.82 21.48 4.88
CA LEU C 235 20.10 21.72 5.54
C LEU C 235 20.32 20.79 6.75
N TYR C 236 19.26 20.44 7.53
CA TYR C 236 19.38 19.42 8.62
C TYR C 236 19.88 18.11 7.99
N THR C 237 19.36 17.77 6.79
CA THR C 237 19.77 16.56 6.09
C THR C 237 21.17 16.68 5.48
N ALA C 238 21.37 17.67 4.59
CA ALA C 238 22.62 17.83 3.86
C ALA C 238 23.81 18.14 4.79
N LEU C 239 23.62 19.07 5.73
CA LEU C 239 24.72 19.48 6.60
C LEU C 239 24.84 18.71 7.91
N GLY C 240 23.72 18.19 8.42
CA GLY C 240 23.70 17.48 9.70
C GLY C 240 23.45 15.99 9.63
N GLY C 241 23.10 15.46 8.46
CA GLY C 241 22.84 14.03 8.30
C GLY C 241 21.53 13.54 8.89
N VAL C 242 20.57 14.45 9.16
CA VAL C 242 19.25 13.99 9.65
C VAL C 242 18.54 13.30 8.45
N ASP C 243 17.98 12.09 8.66
CA ASP C 243 17.28 11.39 7.58
C ASP C 243 16.13 12.26 7.03
N PRO C 244 16.08 12.52 5.69
CA PRO C 244 15.00 13.35 5.15
C PRO C 244 13.60 12.79 5.35
N SER C 245 13.45 11.45 5.42
CA SER C 245 12.15 10.85 5.66
C SER C 245 11.65 11.13 7.10
N ALA C 246 12.57 11.57 8.01
CA ALA C 246 12.23 11.90 9.40
C ALA C 246 12.01 13.43 9.59
N CYS C 247 12.10 14.20 8.50
CA CYS C 247 11.93 15.67 8.50
C CYS C 247 10.53 16.06 8.07
N LEU C 248 9.92 17.03 8.78
CA LEU C 248 8.57 17.50 8.47
C LEU C 248 8.46 19.03 8.48
N PRO C 249 8.41 19.69 7.28
CA PRO C 249 8.24 21.16 7.24
C PRO C 249 6.76 21.49 7.39
N ILE C 250 6.43 22.41 8.29
CA ILE C 250 5.04 22.79 8.53
C ILE C 250 4.82 24.27 8.48
N THR C 251 3.76 24.70 7.81
CA THR C 251 3.34 26.10 7.84
C THR C 251 1.98 26.15 8.51
N ILE C 252 1.86 26.99 9.52
CA ILE C 252 0.61 27.26 10.22
C ILE C 252 0.03 28.52 9.56
N ASP C 253 -1.13 28.38 8.91
CA ASP C 253 -1.77 29.51 8.22
C ASP C 253 -2.94 30.07 9.03
N VAL C 254 -2.73 31.25 9.61
CA VAL C 254 -3.75 31.96 10.39
C VAL C 254 -4.17 33.26 9.70
N GLY C 255 -3.82 33.38 8.43
CA GLY C 255 -4.07 34.58 7.64
C GLY C 255 -2.79 35.39 7.54
N THR C 256 -2.84 36.55 6.88
CA THR C 256 -1.69 37.43 6.70
C THR C 256 -2.11 38.88 6.76
N ASN C 257 -1.21 39.76 7.27
CA ASN C 257 -1.47 41.20 7.33
C ASN C 257 -0.84 41.92 6.13
N ASN C 258 -0.18 41.16 5.24
CA ASN C 258 0.43 41.68 4.03
C ASN C 258 -0.68 41.96 3.01
N GLU C 259 -0.99 43.26 2.80
CA GLU C 259 -2.05 43.69 1.88
C GLU C 259 -1.79 43.33 0.41
N LYS C 260 -0.52 43.37 -0.01
CA LYS C 260 -0.11 43.00 -1.35
C LYS C 260 -0.45 41.51 -1.60
N LEU C 261 -0.13 40.63 -0.63
CA LEU C 261 -0.46 39.20 -0.76
C LEU C 261 -1.97 38.95 -0.74
N LEU C 262 -2.72 39.66 0.14
CA LEU C 262 -4.18 39.53 0.19
C LEU C 262 -4.85 39.94 -1.13
N ASN C 263 -4.23 40.85 -1.89
CA ASN C 263 -4.71 41.32 -3.19
C ASN C 263 -4.18 40.49 -4.35
N ASP C 264 -3.18 39.63 -4.10
CA ASP C 264 -2.52 38.86 -5.14
C ASP C 264 -3.33 37.63 -5.54
N GLU C 265 -3.73 37.53 -6.83
CA GLU C 265 -4.46 36.36 -7.31
C GLU C 265 -3.67 35.04 -7.14
N PHE C 266 -2.33 35.09 -7.06
CA PHE C 266 -1.51 33.88 -6.89
C PHE C 266 -1.21 33.52 -5.44
N TYR C 267 -1.71 34.31 -4.45
CA TYR C 267 -1.49 33.96 -3.04
C TYR C 267 -2.09 32.57 -2.71
N ILE C 268 -1.33 31.73 -2.00
CA ILE C 268 -1.73 30.35 -1.70
C ILE C 268 -2.41 30.14 -0.33
N GLY C 269 -2.46 31.18 0.50
CA GLY C 269 -3.03 31.03 1.84
C GLY C 269 -4.46 31.50 2.01
N LEU C 270 -4.94 31.47 3.26
CA LEU C 270 -6.26 31.99 3.63
C LEU C 270 -6.22 33.48 3.34
N ARG C 271 -7.18 33.94 2.54
CA ARG C 271 -7.27 35.32 2.12
C ARG C 271 -8.00 36.16 3.18
N GLN C 272 -7.37 36.27 4.36
CA GLN C 272 -7.88 36.99 5.53
C GLN C 272 -6.71 37.59 6.31
N LYS C 273 -6.99 38.58 7.17
CA LYS C 273 -6.01 39.18 8.08
C LYS C 273 -5.65 38.15 9.15
N ARG C 274 -4.49 38.32 9.82
CA ARG C 274 -4.01 37.38 10.83
C ARG C 274 -4.89 37.26 12.02
N ALA C 275 -5.14 36.03 12.44
CA ALA C 275 -5.86 35.81 13.68
C ALA C 275 -4.85 36.03 14.81
N ARG C 276 -5.31 36.56 15.94
CA ARG C 276 -4.48 36.85 17.11
C ARG C 276 -5.27 36.45 18.34
N GLY C 277 -4.60 36.43 19.48
CA GLY C 277 -5.23 36.12 20.76
C GLY C 277 -5.72 34.69 20.88
N GLU C 278 -6.91 34.50 21.51
CA GLU C 278 -7.53 33.21 21.78
C GLU C 278 -7.69 32.30 20.56
N GLU C 279 -8.15 32.82 19.40
CA GLU C 279 -8.33 32.00 18.20
C GLU C 279 -7.00 31.39 17.74
N TYR C 280 -5.93 32.20 17.77
CA TYR C 280 -4.58 31.78 17.42
C TYR C 280 -4.08 30.74 18.45
N ASP C 281 -4.17 31.08 19.75
CA ASP C 281 -3.73 30.26 20.87
C ASP C 281 -4.33 28.87 20.85
N GLU C 282 -5.65 28.76 20.60
CA GLU C 282 -6.36 27.49 20.53
C GLU C 282 -5.83 26.59 19.41
N LEU C 283 -5.50 27.17 18.24
CA LEU C 283 -4.93 26.39 17.12
C LEU C 283 -3.53 25.92 17.46
N MET C 284 -2.70 26.82 18.03
CA MET C 284 -1.33 26.49 18.41
C MET C 284 -1.32 25.38 19.48
N GLU C 285 -2.21 25.49 20.50
CA GLU C 285 -2.32 24.46 21.55
C GLU C 285 -2.76 23.12 20.97
N GLU C 286 -3.73 23.13 20.05
CA GLU C 286 -4.19 21.90 19.42
C GLU C 286 -3.04 21.30 18.58
N PHE C 287 -2.28 22.15 17.86
CA PHE C 287 -1.16 21.71 17.04
C PHE C 287 -0.07 21.04 17.90
N MET C 288 0.34 21.71 18.98
CA MET C 288 1.39 21.17 19.86
C MET C 288 0.95 19.90 20.58
N ALA C 289 -0.35 19.79 20.96
CA ALA C 289 -0.89 18.58 21.58
C ALA C 289 -0.91 17.45 20.53
N ALA C 290 -1.28 17.76 19.26
CA ALA C 290 -1.38 16.77 18.18
C ALA C 290 0.01 16.19 17.86
N VAL C 291 1.04 17.06 17.82
CA VAL C 291 2.42 16.65 17.55
C VAL C 291 2.92 15.67 18.63
N LYS C 292 2.64 15.96 19.91
CA LYS C 292 3.04 15.07 21.01
C LYS C 292 2.26 13.74 20.94
N THR C 293 0.92 13.80 20.74
CA THR C 293 0.07 12.61 20.65
C THR C 293 0.56 11.68 19.54
N PHE C 294 0.79 12.24 18.34
CA PHE C 294 1.16 11.47 17.17
C PHE C 294 2.63 11.09 17.06
N TYR C 295 3.56 11.99 17.43
CA TYR C 295 4.99 11.72 17.27
C TYR C 295 5.76 11.46 18.55
N GLY C 296 5.10 11.53 19.70
CA GLY C 296 5.73 11.22 20.99
C GLY C 296 6.51 12.36 21.63
N GLU C 297 7.22 12.03 22.72
CA GLU C 297 7.97 12.97 23.55
C GLU C 297 9.29 13.42 22.96
N LYS C 298 9.86 12.63 22.05
CA LYS C 298 11.22 12.91 21.55
C LYS C 298 11.29 13.67 20.25
N VAL C 299 10.13 13.99 19.64
CA VAL C 299 10.12 14.77 18.39
C VAL C 299 10.64 16.20 18.64
N LEU C 300 11.56 16.67 17.80
CA LEU C 300 12.07 18.03 17.91
C LEU C 300 11.15 18.99 17.17
N ILE C 301 10.68 20.05 17.87
CA ILE C 301 9.87 21.09 17.24
C ILE C 301 10.74 22.34 17.16
N GLN C 302 11.17 22.67 15.94
CA GLN C 302 11.99 23.84 15.72
C GLN C 302 11.09 24.98 15.20
N PHE C 303 10.86 26.00 16.06
CA PHE C 303 10.07 27.17 15.69
C PHE C 303 10.94 28.10 14.86
N GLU C 304 10.37 28.65 13.80
CA GLU C 304 11.11 29.61 12.98
C GLU C 304 10.20 30.65 12.35
N ASP C 305 10.77 31.85 12.09
CA ASP C 305 10.16 32.99 11.40
C ASP C 305 8.81 33.42 11.98
N PHE C 306 8.72 33.38 13.31
CA PHE C 306 7.57 33.89 14.06
C PHE C 306 7.94 35.33 14.45
N ALA C 307 6.95 36.23 14.60
CA ALA C 307 7.19 37.61 15.06
C ALA C 307 7.72 37.52 16.52
N ASN C 308 8.51 38.54 16.98
CA ASN C 308 9.23 38.50 18.27
C ASN C 308 8.39 38.17 19.50
N HIS C 309 7.29 38.90 19.80
CA HIS C 309 6.51 38.63 21.01
C HIS C 309 6.01 37.19 21.03
N ASN C 310 5.49 36.74 19.88
CA ASN C 310 5.00 35.39 19.70
C ASN C 310 6.12 34.34 19.86
N ALA C 311 7.28 34.56 19.18
CA ALA C 311 8.42 33.65 19.25
C ALA C 311 8.86 33.41 20.70
N PHE C 312 8.99 34.49 21.50
CA PHE C 312 9.36 34.38 22.91
C PHE C 312 8.29 33.68 23.74
N ASP C 313 7.00 33.98 23.49
CA ASP C 313 5.92 33.33 24.22
C ASP C 313 5.85 31.84 23.93
N LEU C 314 5.99 31.45 22.66
CA LEU C 314 5.96 30.04 22.24
C LEU C 314 7.13 29.28 22.84
N LEU C 315 8.32 29.88 22.82
CA LEU C 315 9.52 29.27 23.39
C LEU C 315 9.38 29.09 24.91
N GLU C 316 8.89 30.12 25.63
CA GLU C 316 8.72 30.05 27.09
C GLU C 316 7.72 28.95 27.48
N LYS C 317 6.59 28.89 26.77
CA LYS C 317 5.54 27.91 27.04
C LYS C 317 5.93 26.47 26.68
N TYR C 318 6.28 26.21 25.42
CA TYR C 318 6.49 24.84 24.95
C TYR C 318 7.86 24.23 25.31
N SER C 319 8.85 25.05 25.73
CA SER C 319 10.15 24.49 26.15
C SER C 319 10.05 23.71 27.47
N LYS C 320 8.93 23.89 28.21
CA LYS C 320 8.66 23.20 29.48
C LYS C 320 7.96 21.86 29.26
N THR C 321 7.33 21.67 28.08
CA THR C 321 6.51 20.48 27.82
C THR C 321 6.95 19.61 26.64
N HIS C 322 7.81 20.14 25.76
CA HIS C 322 8.25 19.45 24.55
C HIS C 322 9.74 19.72 24.32
N LEU C 323 10.33 18.98 23.35
CA LEU C 323 11.72 19.21 22.90
C LEU C 323 11.55 20.29 21.83
N VAL C 324 11.88 21.54 22.17
N VAL C 324 11.83 21.52 22.24
CA VAL C 324 11.71 22.66 21.22
CA VAL C 324 11.61 22.73 21.46
C VAL C 324 12.99 23.48 21.04
C VAL C 324 12.79 23.67 21.54
N PHE C 325 13.13 24.07 19.85
N PHE C 325 13.10 24.30 20.40
CA PHE C 325 14.25 24.92 19.54
CA PHE C 325 14.04 25.39 20.29
C PHE C 325 13.82 26.10 18.67
C PHE C 325 13.62 26.31 19.15
N ASN C 326 14.16 27.34 19.05
N ASN C 326 14.07 27.58 19.20
CA ASN C 326 13.85 28.49 18.19
CA ASN C 326 13.78 28.57 18.16
C ASN C 326 15.17 28.90 17.57
C ASN C 326 15.12 28.95 17.56
N ASP C 327 15.32 28.65 16.26
CA ASP C 327 16.57 28.96 15.55
C ASP C 327 16.90 30.45 15.49
N ASP C 328 15.88 31.31 15.33
CA ASP C 328 16.08 32.77 15.25
C ASP C 328 16.59 33.33 16.57
N ILE C 329 16.16 32.74 17.71
CA ILE C 329 16.57 33.19 19.03
C ILE C 329 17.85 32.45 19.49
N GLN C 330 17.73 31.14 19.64
CA GLN C 330 18.77 30.28 20.20
C GLN C 330 19.89 29.87 19.22
N GLY C 331 19.55 29.53 17.96
CA GLY C 331 20.56 29.19 16.95
C GLY C 331 21.47 30.37 16.65
N THR C 332 20.87 31.57 16.56
CA THR C 332 21.59 32.83 16.35
C THR C 332 22.54 33.09 17.50
N ALA C 333 22.04 32.98 18.75
CA ALA C 333 22.86 33.20 19.93
C ALA C 333 24.06 32.29 19.91
N SER C 334 23.84 31.00 19.62
CA SER C 334 24.90 30.01 19.55
C SER C 334 25.96 30.31 18.47
N VAL C 335 25.55 30.63 17.22
CA VAL C 335 26.51 30.88 16.13
C VAL C 335 27.32 32.17 16.37
N VAL C 336 26.65 33.22 16.89
CA VAL C 336 27.34 34.50 17.15
C VAL C 336 28.33 34.33 18.32
N LEU C 337 27.92 33.64 19.41
CA LEU C 337 28.83 33.34 20.51
C LEU C 337 30.06 32.58 19.98
N ALA C 338 29.87 31.53 19.12
CA ALA C 338 30.98 30.77 18.53
C ALA C 338 31.90 31.73 17.72
N GLY C 339 31.28 32.63 16.97
CA GLY C 339 31.97 33.65 16.18
C GLY C 339 32.82 34.53 17.08
N LEU C 340 32.26 34.95 18.24
CA LEU C 340 32.94 35.79 19.25
C LEU C 340 34.08 35.06 19.92
N LEU C 341 33.89 33.75 20.20
CA LEU C 341 34.96 32.95 20.81
C LEU C 341 36.12 32.79 19.82
N ALA C 342 35.79 32.55 18.52
CA ALA C 342 36.74 32.43 17.42
C ALA C 342 37.48 33.76 17.17
N ALA C 343 36.73 34.89 17.13
CA ALA C 343 37.28 36.23 16.93
C ALA C 343 38.24 36.60 18.03
N LEU C 344 37.95 36.18 19.29
CA LEU C 344 38.82 36.42 20.44
C LEU C 344 40.07 35.55 20.36
N LYS C 345 40.01 34.44 19.61
CA LYS C 345 41.15 33.54 19.39
C LYS C 345 42.03 34.07 18.24
N MET C 346 41.47 34.98 17.40
CA MET C 346 42.14 35.58 16.24
C MET C 346 42.75 36.96 16.54
N VAL C 347 42.03 37.80 17.31
CA VAL C 347 42.42 39.17 17.61
C VAL C 347 42.87 39.36 19.07
N GLY C 348 42.46 38.45 19.95
CA GLY C 348 42.84 38.51 21.36
C GLY C 348 41.76 39.12 22.24
N GLY C 349 41.83 38.81 23.54
CA GLY C 349 40.91 39.30 24.54
C GLY C 349 39.86 38.29 24.96
N THR C 350 39.13 38.60 26.04
CA THR C 350 38.08 37.73 26.57
C THR C 350 36.70 38.38 26.35
N LEU C 351 35.61 37.62 26.61
CA LEU C 351 34.23 38.09 26.47
C LEU C 351 33.89 39.16 27.51
N ALA C 352 34.43 39.02 28.73
CA ALA C 352 34.20 39.93 29.85
C ALA C 352 34.79 41.33 29.64
N GLU C 353 35.95 41.42 28.95
CA GLU C 353 36.66 42.67 28.67
C GLU C 353 36.00 43.49 27.56
N GLN C 354 37.11 41.00 28.68
N GLN C 354 34.99 42.92 26.88
CA GLN C 354 36.76 41.82 27.52
CA GLN C 354 34.31 43.59 25.78
C GLN C 354 35.72 42.90 27.87
C GLN C 354 33.13 44.44 26.23
N THR C 355 35.50 43.86 26.95
N THR C 355 32.73 45.39 25.35
CA THR C 355 34.53 44.94 27.05
CA THR C 355 31.59 46.28 25.50
C THR C 355 33.68 44.87 25.79
C THR C 355 30.75 46.05 24.24
N TYR C 356 32.38 44.57 25.93
N TYR C 356 29.49 45.66 24.44
CA TYR C 356 31.44 44.38 24.83
CA TYR C 356 28.57 45.28 23.35
C TYR C 356 30.48 45.55 24.70
C TYR C 356 27.48 46.29 23.06
N LEU C 357 30.23 45.95 23.46
N LEU C 357 27.20 46.49 21.77
CA LEU C 357 29.28 47.01 23.13
CA LEU C 357 26.15 47.37 21.29
C LEU C 357 28.48 46.61 21.89
C LEU C 357 25.42 46.71 20.13
N PHE C 358 27.16 46.57 22.06
N PHE C 358 24.12 46.49 20.30
CA PHE C 358 26.24 46.20 21.00
CA PHE C 358 23.27 45.88 19.29
C PHE C 358 25.51 47.43 20.48
C PHE C 358 22.34 46.90 18.66
N LEU C 359 25.28 47.45 19.17
N LEU C 359 22.12 46.73 17.36
CA LEU C 359 24.47 48.47 18.51
CA LEU C 359 21.16 47.52 16.61
C LEU C 359 23.21 47.71 18.12
C LEU C 359 20.04 46.54 16.31
N GLY C 360 22.14 47.94 18.86
N GLY C 360 18.92 46.72 17.00
CA GLY C 360 20.85 47.27 18.67
CA GLY C 360 17.78 45.83 16.94
C GLY C 360 20.61 46.23 19.74
C GLY C 360 17.74 45.03 18.22
N ALA C 361 19.62 46.50 20.63
N ALA C 361 16.57 45.01 18.89
CA ALA C 361 19.23 45.62 21.74
CA ALA C 361 16.37 44.34 20.17
C ALA C 361 17.85 44.99 21.48
C ALA C 361 15.17 43.40 20.13
N GLY C 362 17.79 44.13 20.48
N GLY C 362 15.14 42.54 19.12
CA GLY C 362 16.56 43.43 20.10
CA GLY C 362 14.10 41.55 18.94
C GLY C 362 16.62 41.96 20.43
C GLY C 362 14.56 40.17 19.35
N GLU C 363 16.17 41.11 19.49
N GLU C 363 14.25 39.19 18.52
CA GLU C 363 16.16 39.65 19.64
CA GLU C 363 14.59 37.77 18.72
C GLU C 363 17.59 39.12 19.61
C GLU C 363 16.08 37.54 18.66
N ALA C 364 18.40 39.57 18.64
N ALA C 364 16.73 37.99 17.56
CA ALA C 364 19.79 39.17 18.48
CA ALA C 364 18.16 37.84 17.34
C ALA C 364 20.66 39.80 19.56
C ALA C 364 18.95 38.73 18.31
N GLY C 365 20.65 41.14 19.65
N GLY C 365 18.57 40.01 18.43
CA GLY C 365 21.42 41.93 20.61
CA GLY C 365 19.21 41.00 19.31
C GLY C 365 21.46 41.38 22.02
C GLY C 365 19.34 40.58 20.75
N THR C 366 20.31 41.41 22.73
N THR C 366 18.20 40.34 21.43
CA THR C 366 20.19 40.93 24.12
CA THR C 366 18.20 39.92 22.84
C THR C 366 20.31 39.39 24.23
C THR C 366 18.62 38.43 22.99
N GLY C 367 20.02 38.68 23.14
N GLY C 367 18.34 37.62 21.96
CA GLY C 367 20.11 37.22 23.09
CA GLY C 367 18.70 36.20 21.93
C GLY C 367 21.54 36.74 23.08
C GLY C 367 20.19 35.99 22.07
N ILE C 368 22.39 37.38 22.27
N ILE C 368 20.99 36.68 21.24
CA ILE C 368 23.83 37.10 22.12
CA ILE C 368 22.47 36.65 21.25
C ILE C 368 24.54 37.46 23.42
C ILE C 368 22.98 37.21 22.59
N ALA C 369 24.25 38.67 23.95
N ALA C 369 22.50 38.43 22.96
CA ALA C 369 24.80 39.22 25.18
CA ALA C 369 22.90 39.14 24.19
C ALA C 369 24.59 38.26 26.37
C ALA C 369 22.75 38.28 25.44
N GLU C 370 23.36 37.71 26.51
N GLU C 370 21.64 37.52 25.53
CA GLU C 370 23.00 36.76 27.56
CA GLU C 370 21.35 36.63 26.65
C GLU C 370 23.88 35.50 27.51
C GLU C 370 22.37 35.48 26.76
N LEU C 371 24.12 34.95 26.30
N LEU C 371 22.84 34.93 25.61
CA LEU C 371 24.95 33.76 26.10
CA LEU C 371 23.82 33.84 25.64
C LEU C 371 26.45 34.01 26.36
C LEU C 371 25.23 34.33 25.91
N ILE C 372 26.92 35.26 26.17
N ILE C 372 25.57 35.54 25.41
CA ILE C 372 28.31 35.66 26.43
CA ILE C 372 26.87 36.20 25.66
C ILE C 372 28.54 35.60 27.96
C ILE C 372 27.04 36.33 27.18
N ALA C 373 27.67 36.27 28.73
N ALA C 373 26.00 36.90 27.86
CA ALA C 373 27.70 36.36 30.19
CA ALA C 373 25.97 37.11 29.30
C ALA C 373 27.49 35.00 30.88
C ALA C 373 26.08 35.77 30.06
N LEU C 374 26.74 34.08 30.23
N LEU C 374 25.50 34.69 29.49
CA LEU C 374 26.48 32.74 30.75
CA LEU C 374 25.54 33.35 30.06
C LEU C 374 27.74 31.86 30.71
C LEU C 374 26.97 32.75 30.00
N GLU C 375 28.42 31.81 29.54
N GLU C 375 27.60 32.75 28.80
CA GLU C 375 29.68 31.06 29.35
CA GLU C 375 28.97 32.24 28.63
C GLU C 375 30.80 31.70 30.21
C GLU C 375 29.99 33.03 29.48
N MET C 376 30.76 33.04 30.38
N MET C 376 29.78 34.35 29.62
CA MET C 376 31.70 33.81 31.21
CA MET C 376 30.62 35.24 30.43
C MET C 376 31.55 33.38 32.68
C MET C 376 30.57 34.82 31.90
N SER C 377 30.29 33.14 33.11
N SER C 377 29.38 34.44 32.42
CA SER C 377 29.95 32.70 34.46
CA SER C 377 29.17 34.00 33.80
C SER C 377 29.99 31.18 34.55
C SER C 377 29.77 32.61 34.10
N LYS C 378 29.86 31.73 33.08
CA LYS C 378 30.46 30.40 33.24
C LYS C 378 31.98 30.49 33.33
N GLN C 379 32.58 31.49 32.65
CA GLN C 379 34.03 31.73 32.61
C GLN C 379 34.53 32.52 33.84
N THR C 380 33.88 33.65 34.15
CA THR C 380 34.23 34.56 35.25
C THR C 380 33.78 34.08 36.63
N LYS C 381 32.79 33.16 36.68
CA LYS C 381 32.18 32.62 37.91
C LYS C 381 31.43 33.71 38.71
N ALA C 382 30.91 34.71 37.99
CA ALA C 382 30.17 35.87 38.51
C ALA C 382 28.68 35.76 38.16
N PRO C 383 27.73 36.44 38.88
CA PRO C 383 26.30 36.32 38.50
C PRO C 383 26.03 36.96 37.14
N ILE C 384 25.05 36.39 36.40
CA ILE C 384 24.65 36.81 35.05
C ILE C 384 24.22 38.30 35.00
N GLU C 385 23.54 38.79 36.05
CA GLU C 385 23.08 40.18 36.18
C GLU C 385 24.22 41.18 36.05
N GLU C 386 25.43 40.80 36.51
CA GLU C 386 26.65 41.61 36.43
C GLU C 386 27.23 41.57 35.01
N CYS C 387 27.13 40.38 34.37
CA CYS C 387 27.63 40.09 33.02
C CYS C 387 26.79 40.82 31.94
N ARG C 388 25.58 41.27 32.30
CA ARG C 388 24.66 41.96 31.39
C ARG C 388 24.95 43.48 31.26
N LYS C 389 25.59 44.07 32.29
CA LYS C 389 25.91 45.50 32.42
C LYS C 389 26.71 46.09 31.25
N LYS C 390 27.59 45.28 30.61
CA LYS C 390 28.43 45.70 29.49
C LYS C 390 27.81 45.38 28.10
N VAL C 391 28.89 44.09 29.79
N VAL C 391 26.51 45.04 28.09
CA VAL C 391 28.23 44.12 28.49
CA VAL C 391 25.75 44.73 26.86
C VAL C 391 27.32 45.36 28.39
C VAL C 391 24.59 45.72 26.69
N TRP C 392 27.52 46.18 27.34
N TRP C 392 24.57 46.43 25.55
CA TRP C 392 26.75 47.40 27.09
CA TRP C 392 23.57 47.48 25.26
C TRP C 392 25.98 47.30 25.77
C TRP C 392 22.83 47.23 23.95
N LEU C 393 24.79 47.94 25.69
N LEU C 393 21.56 47.66 23.87
CA LEU C 393 23.93 47.92 24.50
CA LEU C 393 20.72 47.48 22.69
C LEU C 393 23.31 49.29 24.19
C LEU C 393 19.96 48.74 22.30
N VAL C 394 23.29 49.67 22.90
N VAL C 394 19.85 48.97 20.98
CA VAL C 394 22.73 50.94 22.42
CA VAL C 394 19.12 50.10 20.41
C VAL C 394 21.44 50.62 21.65
C VAL C 394 17.97 49.53 19.56
N ASP C 395 20.28 51.08 22.16
N ASP C 395 16.72 49.83 19.95
CA ASP C 395 18.99 50.84 21.51
CA ASP C 395 15.53 49.41 19.20
C ASP C 395 18.59 51.97 20.56
C ASP C 395 15.12 50.56 18.24
N SER C 396 13.92 50.50 17.62
CA SER C 396 13.43 51.54 16.71
C SER C 396 13.23 52.91 17.40
N LYS C 397 13.02 52.90 18.73
CA LYS C 397 12.82 54.10 19.55
C LYS C 397 14.10 54.65 20.21
N GLY C 398 15.22 53.92 20.11
CA GLY C 398 16.50 54.36 20.67
C GLY C 398 17.14 53.39 21.64
N LEU C 399 22.08 54.49 24.39
N LEU C 399 18.06 53.90 22.48
CA LEU C 399 22.65 53.56 25.36
CA LEU C 399 18.76 53.09 23.48
C LEU C 399 21.61 53.22 26.43
C LEU C 399 17.84 52.66 24.64
N LYS C 412 13.81 41.62 26.83
CA LYS C 412 14.00 43.02 26.47
C LYS C 412 14.25 43.94 27.71
N LYS C 413 13.55 43.70 28.84
CA LYS C 413 13.70 44.47 30.09
C LYS C 413 15.04 44.27 30.85
N PRO C 414 15.68 43.07 30.88
CA PRO C 414 16.96 42.94 31.63
C PRO C 414 18.12 43.77 31.08
N TRP C 415 20.47 44.80 31.54
N TRP C 415 17.94 44.39 29.90
CA TRP C 415 21.61 45.45 30.89
CA TRP C 415 18.95 45.20 29.22
C TRP C 415 21.70 46.98 31.20
C TRP C 415 18.80 46.70 29.43
N ALA C 416 20.67 47.56 31.86
N ALA C 416 17.64 47.14 29.97
CA ALA C 416 20.61 48.98 32.21
CA ALA C 416 17.38 48.56 30.22
C ALA C 416 21.60 49.38 33.33
C ALA C 416 18.15 49.05 31.46
N HIS C 417 19.48 49.22 31.31
CA HIS C 417 20.36 49.70 32.38
C HIS C 417 20.22 51.21 32.59
N GLU C 418 20.77 51.73 33.71
CA GLU C 418 20.74 53.16 33.97
C GLU C 418 21.72 53.81 32.99
N HIS C 419 21.21 54.75 32.19
CA HIS C 419 21.95 55.51 31.18
C HIS C 419 21.07 56.64 30.66
N GLU C 420 21.70 57.72 30.17
CA GLU C 420 21.03 58.87 29.56
C GLU C 420 20.27 58.40 28.31
N PRO C 421 19.06 58.93 28.01
CA PRO C 421 18.35 58.43 26.81
C PRO C 421 18.92 59.01 25.52
N LEU C 422 19.38 58.11 24.62
CA LEU C 422 19.95 58.42 23.32
C LEU C 422 19.02 57.84 22.25
N THR C 423 18.82 58.55 21.12
CA THR C 423 17.90 58.15 20.05
C THR C 423 18.58 57.47 18.87
N THR C 424 24.24 58.65 20.45
N THR C 424 19.64 58.11 18.32
CA THR C 424 24.97 58.09 19.31
CA THR C 424 20.37 57.60 17.14
C THR C 424 25.96 56.99 19.74
C THR C 424 21.43 56.57 17.54
N LEU C 425 26.31 56.09 18.80
N LEU C 425 21.79 55.66 16.60
CA LEU C 425 27.24 54.98 19.02
CA LEU C 425 22.84 54.66 16.82
C LEU C 425 28.67 55.45 19.28
C LEU C 425 24.22 55.33 16.95
N TYR C 426 29.17 56.43 18.50
N TYR C 426 24.54 56.34 16.11
CA TYR C 426 30.52 57.00 18.65
CA TYR C 426 25.82 57.04 16.16
C TYR C 426 30.76 57.45 20.10
C TYR C 426 26.16 57.59 17.55
N ASP C 427 29.74 58.07 20.73
N ASP C 427 25.16 58.19 18.23
CA ASP C 427 29.75 58.54 22.12
CA ASP C 427 25.30 58.75 19.58
C ASP C 427 29.94 57.38 23.10
C ASP C 427 25.51 57.66 20.64
N ALA C 428 29.30 56.22 22.83
N ALA C 428 24.97 56.45 20.39
CA ALA C 428 29.41 55.02 23.67
CA ALA C 428 25.15 55.30 21.28
C ALA C 428 30.78 54.35 23.49
C ALA C 428 26.58 54.76 21.10
N VAL C 429 31.32 54.31 22.25
N VAL C 429 27.10 54.78 19.86
CA VAL C 429 32.63 53.75 21.88
CA VAL C 429 28.46 54.34 19.52
C VAL C 429 33.78 54.46 22.63
C VAL C 429 29.49 55.25 20.24
N GLN C 430 33.75 55.80 22.68
N GLN C 430 29.26 56.58 20.23
CA GLN C 430 34.79 56.60 23.36
CA GLN C 430 30.14 57.56 20.88
C GLN C 430 34.71 56.58 24.89
C GLN C 430 30.11 57.53 22.41
N SER C 431 33.49 56.44 25.46
N SER C 431 28.92 57.34 23.02
CA SER C 431 33.24 56.43 26.90
CA SER C 431 28.72 57.30 24.48
C SER C 431 33.44 55.06 27.56
C SER C 431 29.15 55.99 25.15
N ILE C 432 32.88 54.00 26.94
N ILE C 432 28.72 54.84 24.59
CA ILE C 432 32.98 52.63 27.47
CA ILE C 432 28.99 53.50 25.12
C ILE C 432 34.31 51.95 27.06
C ILE C 432 30.42 53.04 24.79
N LYS C 433 34.85 52.34 25.88
N LYS C 433 30.97 53.46 23.61
CA LYS C 433 36.09 51.79 25.29
CA LYS C 433 32.29 53.12 23.08
C LYS C 433 35.99 50.26 25.10
C LYS C 433 32.45 51.58 22.99
N PRO C 434 35.20 49.78 24.11
N PRO C 434 31.58 50.89 22.20
CA PRO C 434 35.06 48.32 23.96
CA PRO C 434 31.69 49.43 22.14
C PRO C 434 36.24 47.68 23.26
C PRO C 434 32.91 48.93 21.40
N THR C 435 36.42 46.38 23.50
N THR C 435 33.27 47.65 21.64
CA THR C 435 37.44 45.55 22.89
CA THR C 435 34.35 46.94 20.98
C THR C 435 36.75 44.74 21.80
C THR C 435 33.73 45.99 19.96
N VAL C 436 35.42 44.55 21.97
N VAL C 436 32.46 45.58 20.23
CA VAL C 436 34.50 43.82 21.09
CA VAL C 436 31.64 44.68 19.43
C VAL C 436 33.29 44.72 20.75
C VAL C 436 30.33 45.40 19.05
N LEU C 437 33.00 44.90 19.44
N LEU C 437 30.00 45.42 17.74
CA LEU C 437 31.89 45.72 18.94
CA LEU C 437 28.77 46.03 17.22
C LEU C 437 30.96 44.90 18.03
C LEU C 437 28.02 44.97 16.41
N ILE C 438 29.70 44.68 18.46
N ILE C 438 26.76 44.69 16.78
CA ILE C 438 28.70 43.90 17.72
CA ILE C 438 25.94 43.66 16.14
C ILE C 438 27.56 44.77 17.21
C ILE C 438 24.62 44.23 15.59
N GLY C 439 27.23 44.61 15.93
N GLY C 439 24.41 44.02 14.30
CA GLY C 439 26.15 45.31 15.27
CA GLY C 439 23.24 44.50 13.59
C GLY C 439 24.97 44.39 14.99
C GLY C 439 22.23 43.40 13.32
N THR C 440 23.88 44.59 15.73
N THR C 440 21.05 43.52 13.96
CA THR C 440 22.62 43.85 15.63
CA THR C 440 19.90 42.62 13.91
C THR C 440 21.46 44.86 15.64
C THR C 440 18.60 43.46 13.80
N SER C 441 21.62 45.96 14.89
N SER C 441 18.65 44.55 13.03
CA SER C 441 20.69 47.08 14.81
CA SER C 441 17.53 45.50 12.86
C SER C 441 19.66 47.01 13.68
C SER C 441 16.55 45.17 11.74
N GLY C 442 20.08 46.50 12.52
N GLY C 442 17.02 44.40 10.76
CA GLY C 442 19.23 46.41 11.35
CA GLY C 442 16.23 44.04 9.58
C GLY C 442 19.63 47.38 10.26
C GLY C 442 16.09 45.21 8.62
N VAL C 443 16.83 46.31 8.88
CA VAL C 443 16.84 47.54 8.11
C VAL C 443 18.22 47.68 7.45
N GLY C 444 18.22 47.92 6.14
CA GLY C 444 19.41 48.05 5.33
C GLY C 444 20.15 49.37 5.46
N ARG C 445 21.47 49.32 5.22
CA ARG C 445 22.40 50.47 5.23
C ARG C 445 22.36 51.29 6.54
N THR C 446 26.10 52.21 9.78
N THR C 446 21.95 50.66 7.67
CA THR C 446 26.13 52.81 11.11
CA THR C 446 21.89 51.35 8.96
C THR C 446 27.51 52.71 11.77
C THR C 446 23.29 51.52 9.58
N PHE C 447 28.34 51.70 11.39
N PHE C 447 24.27 50.66 9.20
CA PHE C 447 29.71 51.57 11.91
CA PHE C 447 25.65 50.84 9.64
C PHE C 447 30.59 52.41 10.98
C PHE C 447 26.26 51.76 8.58
N THR C 448 30.44 53.74 11.10
N THR C 448 26.28 53.08 8.84
CA THR C 448 31.09 54.78 10.31
CA THR C 448 26.77 54.07 7.90
C THR C 448 32.61 54.80 10.44
C THR C 448 28.30 54.18 7.94
N LYS C 449 33.28 55.54 9.52
N LYS C 449 28.88 55.02 7.04
CA LYS C 449 34.74 55.72 9.45
CA LYS C 449 30.33 55.28 6.96
C LYS C 449 35.39 56.05 10.80
C LYS C 449 30.81 55.91 8.28
N GLU C 450 34.86 57.03 11.55
N GLU C 450 29.98 56.81 8.85
CA GLU C 450 35.41 57.41 12.86
CA GLU C 450 30.23 57.53 10.11
C GLU C 450 35.18 56.34 13.95
C GLU C 450 30.35 56.55 11.28
N ILE C 451 34.04 55.61 13.91
N ILE C 451 29.34 55.67 11.47
CA ILE C 451 33.71 54.54 14.87
CA ILE C 451 29.30 54.66 12.52
C ILE C 451 34.74 53.39 14.77
C ILE C 451 30.48 53.66 12.42
N VAL C 452 34.99 52.91 13.54
N VAL C 452 30.77 53.17 11.20
CA VAL C 452 35.95 51.84 13.27
CA VAL C 452 31.86 52.21 10.96
C VAL C 452 37.39 52.30 13.57
C VAL C 452 33.23 52.91 11.17
N GLU C 453 37.73 53.58 13.23
N GLU C 453 33.35 54.23 10.82
CA GLU C 453 39.05 54.16 13.53
CA GLU C 453 34.57 55.00 11.05
C GLU C 453 39.27 54.27 15.04
C GLU C 453 34.78 55.28 12.54
N ALA C 454 38.21 54.62 15.82
N ALA C 454 33.66 55.49 13.27
CA ALA C 454 38.28 54.73 17.28
CA ALA C 454 33.68 55.73 14.72
C ALA C 454 38.59 53.37 17.89
C ALA C 454 34.13 54.43 15.42
N MET C 455 37.93 52.30 17.38
N MET C 455 33.65 53.25 14.95
CA MET C 455 38.13 50.90 17.81
CA MET C 455 34.04 51.94 15.47
C MET C 455 39.58 50.46 17.63
C MET C 455 35.55 51.72 15.30
N ALA C 456 40.18 50.82 16.48
N ALA C 456 36.09 52.14 14.14
CA ALA C 456 41.57 50.50 16.13
CA ALA C 456 37.50 52.05 13.78
C ALA C 456 42.57 51.41 16.89
C ALA C 456 38.34 53.09 14.55
N SER C 457 42.10 52.55 17.41
N SER C 457 37.70 54.16 15.06
CA SER C 457 42.93 53.43 18.21
CA SER C 457 38.36 55.20 15.84
C SER C 457 42.92 52.93 19.66
C SER C 457 38.44 54.79 17.31
N ILE C 458 41.75 52.45 20.13
N ILE C 458 37.38 54.15 17.83
CA ILE C 458 41.54 51.92 21.50
CA ILE C 458 37.27 53.66 19.20
C ILE C 458 42.18 50.54 21.68
C ILE C 458 38.17 52.43 19.45
N ASN C 459 41.99 49.62 20.71
N ASN C 459 38.17 51.48 18.48
CA ASN C 459 42.53 48.26 20.79
CA ASN C 459 38.89 50.19 18.56
C ASN C 459 43.62 47.98 19.75
C ASN C 459 39.93 49.99 17.46
N GLU C 460 44.49 46.99 20.02
N GLU C 460 41.02 49.27 17.78
CA GLU C 460 45.54 46.60 19.08
CA GLU C 460 42.11 48.92 16.85
C GLU C 460 44.93 45.74 17.98
C GLU C 460 41.60 47.92 15.82
N ARG C 461 44.04 44.79 18.36
N ARG C 461 40.89 46.88 16.28
CA ARG C 461 43.31 43.91 17.45
CA ARG C 461 40.27 45.87 15.44
C ARG C 461 41.81 44.00 17.78
C ARG C 461 38.80 45.78 15.87
N PRO C 462 41.09 45.03 17.25
N PRO C 462 37.91 46.66 15.36
CA PRO C 462 39.67 45.17 17.59
CA PRO C 462 36.50 46.59 15.77
C PRO C 462 38.76 44.12 16.94
C PRO C 462 35.80 45.34 15.24
N ILE C 463 37.87 43.52 17.76
N ILE C 463 35.01 44.69 16.10
CA ILE C 463 36.89 42.52 17.33
CA ILE C 463 34.25 43.50 15.72
C ILE C 463 35.63 43.29 16.91
C ILE C 463 32.86 43.96 15.27
N ILE C 464 35.32 43.29 15.61
N ILE C 464 32.56 43.76 13.97
CA ILE C 464 34.15 43.99 15.05
CA ILE C 464 31.30 44.19 13.36
C ILE C 464 33.24 43.02 14.29
C ILE C 464 30.56 43.01 12.72
N PHE C 465 31.98 42.93 14.70
N PHE C 465 29.35 42.75 13.23
CA PHE C 465 30.97 42.06 14.09
CA PHE C 465 28.45 41.72 12.73
C PHE C 465 29.84 42.89 13.51
C PHE C 465 27.24 42.43 12.12
N SER C 466 29.76 42.99 12.18
N SER C 466 27.12 42.37 10.79
CA SER C 466 28.70 43.72 11.50
CA SER C 466 25.98 42.94 10.07
C SER C 466 27.75 42.63 10.97
C SER C 466 25.16 41.73 9.58
N LEU C 467 26.75 42.28 11.79
N LEU C 467 24.25 41.27 10.45
CA LEU C 467 25.83 41.15 11.53
CA LEU C 467 23.49 40.02 10.31
C LEU C 467 24.44 41.49 10.99
C LEU C 467 22.13 40.08 9.60
N SER C 468 24.12 42.77 10.76
N SER C 468 21.55 41.29 9.41
CA SER C 468 22.80 43.14 10.24
CA SER C 468 20.23 41.42 8.80
C SER C 468 22.67 42.84 8.75
C SER C 468 20.14 40.88 7.37
N ASN C 469 19.21 39.93 7.18
CA ASN C 469 18.94 39.24 5.92
C ASN C 469 17.61 39.67 5.32
N PRO C 470 17.40 39.56 3.99
CA PRO C 470 18.37 39.19 2.93
C PRO C 470 19.37 40.32 2.65
N THR C 471 20.29 40.12 1.69
CA THR C 471 21.40 41.02 1.32
C THR C 471 21.02 42.52 1.28
N SER C 472 19.88 42.91 0.67
CA SER C 472 19.48 44.32 0.61
C SER C 472 19.27 44.94 2.00
N HIS C 473 22.17 47.09 4.69
N HIS C 473 18.82 44.12 2.98
CA HIS C 473 21.71 47.05 6.09
CA HIS C 473 18.54 44.50 4.37
C HIS C 473 22.87 46.76 7.06
C HIS C 473 19.78 44.53 5.28
N SER C 474 23.96 46.17 6.54
N SER C 474 20.96 44.09 4.77
CA SER C 474 25.19 45.85 7.27
CA SER C 474 22.19 44.07 5.56
C SER C 474 25.82 47.12 7.84
C SER C 474 22.61 45.48 5.95
N GLU C 475 26.28 47.07 9.10
N GLU C 475 22.98 45.67 7.25
CA GLU C 475 26.90 48.19 9.83
CA GLU C 475 23.39 46.96 7.84
C GLU C 475 28.10 48.79 9.11
C GLU C 475 24.49 47.65 7.05
N CYS C 476 28.92 47.93 8.48
N CYS C 476 25.43 46.85 6.51
CA CYS C 476 30.09 48.27 7.65
CA CYS C 476 26.53 47.27 5.61
C CYS C 476 30.48 47.09 6.76
C CYS C 476 27.07 46.03 4.89
N THR C 477 31.08 47.38 5.60
N THR C 477 27.72 46.23 3.73
CA THR C 477 31.55 46.37 4.64
CA THR C 477 28.32 45.14 2.95
C THR C 477 32.91 45.82 5.08
C THR C 477 29.72 44.87 3.46
N ALA C 478 33.36 44.71 4.46
N ALA C 478 30.32 43.73 3.05
CA ALA C 478 34.67 44.09 4.74
CA ALA C 478 31.71 43.37 3.41
C ALA C 478 35.79 45.05 4.34
C ALA C 478 32.68 44.44 2.87
N GLU C 479 35.65 45.70 3.16
N GLU C 479 32.50 44.87 1.60
CA GLU C 479 36.60 46.70 2.65
CA GLU C 479 33.28 45.92 0.94
C GLU C 479 36.76 47.85 3.64
C GLU C 479 33.30 47.21 1.79
N GLN C 480 35.63 48.38 4.16
N GLN C 480 32.13 47.59 2.34
CA GLN C 480 35.61 49.50 5.13
CA GLN C 480 31.98 48.79 3.17
C GLN C 480 36.23 49.12 6.48
C GLN C 480 32.68 48.66 4.52
N ALA C 481 35.92 47.91 6.99
N ALA C 481 32.57 47.47 5.17
CA ALA C 481 36.41 47.40 8.27
CA ALA C 481 33.19 47.22 6.47
C ALA C 481 37.92 47.14 8.32
C ALA C 481 34.71 47.29 6.42
N TYR C 482 38.50 46.62 7.23
N TYR C 482 35.32 46.73 5.37
CA TYR C 482 39.93 46.34 7.19
CA TYR C 482 36.77 46.75 5.20
C TYR C 482 40.78 47.57 6.83
C TYR C 482 37.30 48.09 4.69
N THR C 483 40.27 48.48 5.97
N THR C 483 36.55 48.80 3.80
CA THR C 483 40.99 49.71 5.59
CA THR C 483 36.99 50.09 3.28
C THR C 483 41.05 50.70 6.76
C THR C 483 36.96 51.19 4.35
N TRP C 484 39.92 50.89 7.49
N TRP C 484 35.86 51.33 5.09
CA TRP C 484 39.82 51.79 8.64
CA TRP C 484 35.67 52.37 6.10
C TRP C 484 40.52 51.29 9.93
C TRP C 484 36.57 52.20 7.33
N THR C 485 41.14 50.10 9.88
N THR C 485 37.03 50.96 7.63
CA THR C 485 41.90 49.53 11.00
CA THR C 485 37.93 50.69 8.75
C THR C 485 43.34 49.23 10.60
C THR C 485 39.39 50.58 8.32
N GLN C 486 43.65 49.41 9.29
N GLN C 486 39.68 50.75 7.01
CA GLN C 486 44.95 49.14 8.65
CA GLN C 486 41.01 50.62 6.39
C GLN C 486 45.30 47.63 8.74
C GLN C 486 41.58 49.20 6.60
N GLY C 487 44.27 46.81 8.54
N GLY C 487 40.71 48.20 6.48
CA GLY C 487 44.33 45.34 8.55
CA GLY C 487 41.01 46.77 6.59
C GLY C 487 44.50 44.71 9.92
C GLY C 487 41.26 46.26 7.99
N ARG C 488 44.17 45.45 11.00
N ARG C 488 40.81 47.00 9.03
CA ARG C 488 44.30 45.01 12.40
CA ARG C 488 41.04 46.63 10.43
C ARG C 488 43.01 44.42 13.00
C ARG C 488 39.87 45.92 11.11
N ALA C 489 41.84 44.72 12.42
N ALA C 489 38.65 46.02 10.54
CA ALA C 489 40.57 44.22 12.93
CA ALA C 489 37.45 45.37 11.09
C ALA C 489 40.34 42.74 12.66
C ALA C 489 37.49 43.86 11.01
N VAL C 490 39.73 42.04 13.62
N VAL C 490 36.94 43.20 12.05
CA VAL C 490 39.29 40.66 13.48
CA VAL C 490 36.76 41.76 12.11
C VAL C 490 37.80 40.87 13.17
C VAL C 490 35.29 41.65 11.69
N PHE C 491 37.45 40.82 11.87
N PHE C 491 35.05 41.30 10.42
CA PHE C 491 36.11 41.11 11.35
CA PHE C 491 33.71 41.28 9.87
C PHE C 491 35.32 39.88 10.91
C PHE C 491 33.10 39.91 9.70
N ALA C 492 34.00 39.93 11.15
N ALA C 492 31.80 39.85 10.00
CA ALA C 492 33.03 38.91 10.77
CA ALA C 492 30.92 38.69 9.85
C ALA C 492 31.72 39.61 10.42
C ALA C 492 29.56 39.22 9.39
N SER C 493 30.95 39.04 9.47
N SER C 493 28.89 38.49 8.49
CA SER C 493 29.69 39.63 9.02
CA SER C 493 27.61 38.92 7.95
C SER C 493 28.52 38.64 9.00
C SER C 493 26.59 37.81 7.94
N GLY C 494 27.30 39.16 8.94
N GLY C 494 25.33 38.17 7.80
CA GLY C 494 26.08 38.38 8.85
CA GLY C 494 24.23 37.21 7.68
C GLY C 494 25.88 37.89 7.44
C GLY C 494 24.04 36.77 6.24
N SER C 495 26.14 38.79 6.46
N SER C 495 24.28 37.72 5.33
CA SER C 495 26.05 38.53 5.03
CA SER C 495 24.16 37.61 3.88
C SER C 495 27.46 38.35 4.44
C SER C 495 25.45 37.06 3.27
N PRO C 496 27.69 37.40 3.50
N PRO C 496 25.40 36.27 2.17
CA PRO C 496 29.05 37.21 2.95
CA PRO C 496 26.67 35.79 1.59
C PRO C 496 29.57 38.37 2.09
C PRO C 496 27.39 36.92 0.85
N PHE C 497 28.67 37.13 1.18
CA PHE C 497 29.48 38.16 0.54
C PHE C 497 30.70 37.58 -0.14
N ALA C 498 31.07 38.18 -1.27
CA ALA C 498 32.23 37.81 -2.07
C ALA C 498 33.51 38.34 -1.39
N PRO C 499 34.70 37.66 -1.55
CA PRO C 499 35.94 38.17 -0.94
C PRO C 499 36.29 39.60 -1.35
N VAL C 500 37.01 40.34 -0.47
CA VAL C 500 37.38 41.73 -0.68
C VAL C 500 38.90 41.89 -0.74
N PHE C 507 40.50 39.57 1.87
CA PHE C 507 39.69 39.31 3.06
C PHE C 507 38.49 38.46 2.68
N VAL C 508 38.36 37.30 3.33
CA VAL C 508 37.24 36.39 3.08
C VAL C 508 36.26 36.62 4.24
N PRO C 509 36.82 37.50 5.74
N PRO C 509 35.15 37.36 4.00
CA PRO C 509 35.91 37.55 6.89
CA PRO C 509 34.20 37.63 5.10
C PRO C 509 34.92 36.38 6.93
C PRO C 509 33.44 36.39 5.54
N GLY C 510 34.50 36.02 8.15
N GLY C 510 33.49 36.11 6.84
CA GLY C 510 33.57 34.93 8.41
CA GLY C 510 32.79 34.98 7.41
C GLY C 510 32.11 35.35 8.35
C GLY C 510 31.29 35.22 7.44
N GLN C 511 31.23 34.41 7.94
N GLN C 511 30.51 34.17 7.15
CA GLN C 511 29.79 34.62 7.82
CA GLN C 511 29.06 34.28 7.19
C GLN C 511 29.05 33.93 8.98
C GLN C 511 28.63 33.68 8.52
N SER C 512 28.25 34.70 9.74
N SER C 512 28.11 34.54 9.45
CA SER C 512 27.49 34.19 10.89
CA SER C 512 27.65 34.10 10.77
C SER C 512 26.19 33.44 10.53
C SER C 512 26.31 33.36 10.63
N ASN C 513 26.30 32.38 9.72
CA ASN C 513 25.17 31.55 9.30
C ASN C 513 24.77 30.57 10.39
N ASN C 514 23.47 30.56 10.75
CA ASN C 514 22.87 29.65 11.73
C ASN C 514 23.01 28.19 11.29
N ALA C 515 23.19 27.96 9.97
CA ALA C 515 23.38 26.61 9.39
C ALA C 515 24.68 25.96 9.87
N TYR C 516 25.56 26.74 10.54
CA TYR C 516 26.77 26.16 11.14
C TYR C 516 26.38 25.39 12.40
N ILE C 517 25.30 25.81 13.08
CA ILE C 517 24.89 25.26 14.39
C ILE C 517 23.66 24.34 14.37
N PHE C 518 22.48 24.78 13.85
CA PHE C 518 21.24 24.00 13.96
C PHE C 518 21.33 22.53 13.43
N PRO C 519 22.05 22.19 12.32
CA PRO C 519 22.07 20.78 11.87
C PRO C 519 22.74 19.83 12.88
N GLY C 520 23.90 20.23 13.40
CA GLY C 520 24.65 19.49 14.41
C GLY C 520 23.92 19.48 15.74
N LEU C 521 23.26 20.59 16.09
CA LEU C 521 22.48 20.67 17.34
C LEU C 521 21.29 19.70 17.26
N GLY C 522 20.54 19.76 16.14
CA GLY C 522 19.40 18.89 15.87
C GLY C 522 19.80 17.43 15.91
N LEU C 523 20.92 17.08 15.23
CA LEU C 523 21.46 15.71 15.23
C LEU C 523 21.83 15.25 16.65
N GLY C 524 22.47 16.10 17.45
CA GLY C 524 22.86 15.82 18.83
C GLY C 524 21.68 15.49 19.71
N LEU C 525 20.58 16.24 19.55
CA LEU C 525 19.35 15.99 20.32
C LEU C 525 18.72 14.65 19.91
N VAL C 526 18.61 14.39 18.60
CA VAL C 526 18.03 13.15 18.07
C VAL C 526 18.80 11.90 18.52
N ILE C 527 20.13 11.90 18.35
CA ILE C 527 20.97 10.72 18.62
C ILE C 527 21.08 10.39 20.12
N SER C 528 20.90 11.39 21.00
CA SER C 528 20.93 11.20 22.45
C SER C 528 19.53 10.92 22.99
N GLY C 529 18.51 11.07 22.16
CA GLY C 529 17.11 10.93 22.60
C GLY C 529 16.78 12.00 23.65
N ALA C 530 17.31 13.23 23.46
CA ALA C 530 17.06 14.35 24.40
C ALA C 530 15.56 14.67 24.44
N VAL C 531 15.06 15.03 25.64
CA VAL C 531 13.64 15.36 25.78
C VAL C 531 13.44 16.86 25.96
N ARG C 532 14.52 17.58 26.30
CA ARG C 532 14.48 19.03 26.47
C ARG C 532 15.75 19.64 25.94
N VAL C 533 15.66 20.87 25.45
CA VAL C 533 16.84 21.64 25.08
C VAL C 533 17.21 22.44 26.34
N HIS C 534 18.48 22.44 26.71
CA HIS C 534 18.97 23.22 27.84
C HIS C 534 19.95 24.25 27.28
N GLU C 535 20.01 25.44 27.88
CA GLU C 535 20.92 26.53 27.47
C GLU C 535 22.39 26.08 27.41
N ASP C 536 22.80 25.14 28.28
CA ASP C 536 24.17 24.62 28.29
C ASP C 536 24.51 23.85 27.00
N MET C 537 23.48 23.32 26.29
CA MET C 537 23.69 22.63 25.00
C MET C 537 24.08 23.66 23.94
N LEU C 538 23.52 24.87 24.04
CA LEU C 538 23.84 26.00 23.14
C LEU C 538 25.30 26.42 23.37
N LEU C 539 25.74 26.42 24.64
CA LEU C 539 27.11 26.75 25.01
C LEU C 539 28.06 25.67 24.46
N ALA C 540 27.68 24.39 24.60
CA ALA C 540 28.47 23.26 24.10
C ALA C 540 28.57 23.32 22.55
N ALA C 541 27.46 23.64 21.86
CA ALA C 541 27.43 23.80 20.39
C ALA C 541 28.36 24.96 19.97
N SER C 542 28.30 26.12 20.70
CA SER C 542 29.15 27.29 20.42
C SER C 542 30.64 26.96 20.57
N ALA C 543 31.02 26.29 21.68
CA ALA C 543 32.41 25.91 21.96
C ALA C 543 32.94 24.90 20.92
N ALA C 544 32.11 23.92 20.50
CA ALA C 544 32.52 22.94 19.49
C ALA C 544 32.74 23.60 18.10
N LEU C 545 31.90 24.58 17.71
CA LEU C 545 32.11 25.29 16.43
C LEU C 545 33.39 26.17 16.50
N ALA C 546 33.60 26.89 17.61
CA ALA C 546 34.80 27.71 17.84
C ALA C 546 36.09 26.84 17.81
N ASP C 547 36.01 25.60 18.33
CA ASP C 547 37.13 24.65 18.33
C ASP C 547 37.51 24.23 16.91
N GLN C 548 36.57 24.32 15.97
CA GLN C 548 36.78 23.99 14.56
C GLN C 548 37.39 25.16 13.78
N ALA C 549 37.35 26.38 14.35
CA ALA C 549 37.93 27.58 13.75
C ALA C 549 39.41 27.59 14.12
N THR C 550 40.29 27.37 13.13
CA THR C 550 41.73 27.28 13.31
C THR C 550 42.47 28.40 12.57
N GLU C 551 43.82 28.38 12.63
CA GLU C 551 44.70 29.36 11.95
C GLU C 551 44.51 29.31 10.44
N GLU C 552 44.06 28.16 9.91
CA GLU C 552 43.76 27.92 8.49
C GLU C 552 42.74 28.93 7.95
N ASN C 553 41.68 29.24 8.72
CA ASN C 553 40.67 30.22 8.29
C ASN C 553 40.98 31.65 8.77
N PHE C 554 41.66 31.81 9.93
CA PHE C 554 42.03 33.14 10.48
C PHE C 554 42.85 34.02 9.51
N VAL C 555 43.89 33.44 8.87
CA VAL C 555 44.80 34.11 7.91
C VAL C 555 44.02 34.81 6.77
N THR C 556 42.91 34.22 6.31
CA THR C 556 42.06 34.78 5.25
C THR C 556 41.14 35.90 5.78
N GLY C 557 41.03 36.00 7.10
CA GLY C 557 40.17 36.98 7.76
C GLY C 557 38.83 36.39 8.18
N SER C 558 38.64 35.07 7.95
CA SER C 558 37.41 34.37 8.32
C SER C 558 37.51 33.79 9.72
N ILE C 559 36.50 34.10 10.56
CA ILE C 559 36.44 33.62 11.94
C ILE C 559 35.83 32.21 12.02
N PHE C 560 35.07 31.82 10.98
CA PHE C 560 34.42 30.51 10.93
C PHE C 560 35.15 29.57 9.96
N PRO C 561 35.19 28.24 10.23
CA PRO C 561 35.75 27.30 9.23
C PRO C 561 34.83 27.30 7.98
N PRO C 562 35.28 26.89 6.78
CA PRO C 562 34.34 26.93 5.62
C PRO C 562 33.27 25.83 5.67
N PHE C 563 32.19 26.00 4.86
CA PHE C 563 31.12 25.01 4.78
C PHE C 563 31.56 23.70 4.08
N THR C 564 32.73 23.69 3.42
CA THR C 564 33.25 22.50 2.74
C THR C 564 33.37 21.29 3.66
N ASN C 565 33.68 21.52 4.95
CA ASN C 565 33.83 20.46 5.94
C ASN C 565 32.66 20.45 6.97
N ILE C 566 31.46 20.95 6.56
CA ILE C 566 30.28 21.06 7.44
C ILE C 566 29.85 19.70 8.07
N ARG C 567 29.97 18.56 7.35
CA ARG C 567 29.59 17.25 7.92
C ARG C 567 30.44 16.89 9.13
N LYS C 568 31.75 17.16 9.06
CA LYS C 568 32.66 16.89 10.17
C LYS C 568 32.35 17.85 11.34
N ILE C 569 32.11 19.15 11.02
CA ILE C 569 31.77 20.17 12.02
C ILE C 569 30.49 19.78 12.76
N SER C 570 29.45 19.38 12.01
CA SER C 570 28.17 18.95 12.58
C SER C 570 28.32 17.74 13.49
N ALA C 571 29.22 16.79 13.15
CA ALA C 571 29.48 15.59 13.98
C ALA C 571 30.07 16.01 15.34
N TYR C 572 31.00 16.99 15.34
CA TYR C 572 31.59 17.51 16.59
C TYR C 572 30.56 18.27 17.43
N ILE C 573 29.71 19.07 16.79
CA ILE C 573 28.63 19.81 17.48
C ILE C 573 27.63 18.81 18.09
N ALA C 574 27.18 17.83 17.28
CA ALA C 574 26.24 16.78 17.71
C ALA C 574 26.76 16.01 18.93
N ALA C 575 28.06 15.63 18.91
CA ALA C 575 28.70 14.91 20.01
C ALA C 575 28.74 15.77 21.28
N ALA C 576 29.01 17.09 21.15
CA ALA C 576 29.07 18.02 22.31
C ALA C 576 27.67 18.23 22.88
N VAL C 577 26.66 18.37 22.03
CA VAL C 577 25.25 18.54 22.44
C VAL C 577 24.74 17.25 23.12
N ALA C 578 25.02 16.07 22.51
CA ALA C 578 24.65 14.76 23.06
C ALA C 578 25.31 14.55 24.41
N ALA C 579 26.64 14.85 24.54
CA ALA C 579 27.38 14.74 25.82
C ALA C 579 26.70 15.59 26.89
N LYS C 580 26.28 16.81 26.52
CA LYS C 580 25.59 17.73 27.44
C LYS C 580 24.24 17.14 27.88
N ALA C 581 23.48 16.55 26.95
CA ALA C 581 22.18 15.90 27.27
C ALA C 581 22.38 14.77 28.29
N TYR C 582 23.42 13.92 28.13
CA TYR C 582 23.74 12.83 29.06
C TYR C 582 24.15 13.38 30.42
N GLU C 583 25.03 14.41 30.43
CA GLU C 583 25.53 15.06 31.65
C GLU C 583 24.38 15.69 32.46
N LEU C 584 23.38 16.28 31.78
CA LEU C 584 22.25 16.95 32.42
C LEU C 584 21.09 16.01 32.78
N GLY C 585 21.17 14.74 32.39
CA GLY C 585 20.13 13.74 32.64
C GLY C 585 18.91 13.94 31.77
N LEU C 586 19.12 14.55 30.57
CA LEU C 586 18.03 14.82 29.64
C LEU C 586 17.98 13.84 28.46
N ALA C 587 18.96 12.93 28.37
CA ALA C 587 19.03 11.96 27.29
C ALA C 587 18.28 10.65 27.62
N THR C 588 17.64 10.03 26.63
CA THR C 588 16.90 8.77 26.83
C THR C 588 17.56 7.58 26.11
N ARG C 589 18.54 7.83 25.22
CA ARG C 589 19.23 6.73 24.52
C ARG C 589 20.37 6.28 25.40
N LEU C 590 20.03 5.46 26.40
CA LEU C 590 20.94 5.01 27.44
C LEU C 590 21.41 3.56 27.28
N PRO C 591 22.69 3.23 27.58
CA PRO C 591 23.76 4.13 28.05
C PRO C 591 24.40 4.97 26.94
N PRO C 592 25.13 6.07 27.24
CA PRO C 592 25.78 6.82 26.14
C PRO C 592 26.88 5.99 25.46
N PRO C 593 27.02 6.04 24.12
CA PRO C 593 28.18 5.35 23.50
C PRO C 593 29.48 6.03 23.97
N LYS C 594 30.59 5.27 23.99
CA LYS C 594 31.89 5.77 24.47
C LYS C 594 32.49 6.88 23.60
N ASP C 595 32.36 6.77 22.27
CA ASP C 595 32.90 7.77 21.33
C ASP C 595 31.71 8.43 20.64
N LEU C 596 31.28 9.59 21.17
CA LEU C 596 30.11 10.30 20.66
C LEU C 596 30.31 10.91 19.27
N VAL C 597 31.56 11.22 18.87
CA VAL C 597 31.88 11.75 17.54
C VAL C 597 31.65 10.64 16.51
N ALA C 598 32.25 9.45 16.74
CA ALA C 598 32.08 8.28 15.85
C ALA C 598 30.61 7.87 15.82
N TYR C 599 29.91 7.95 16.97
CA TYR C 599 28.48 7.60 17.04
C TYR C 599 27.65 8.59 16.20
N ALA C 600 27.89 9.91 16.32
CA ALA C 600 27.19 10.94 15.52
C ALA C 600 27.40 10.66 14.02
N GLU C 601 28.64 10.38 13.59
CA GLU C 601 28.97 10.09 12.19
C GLU C 601 28.26 8.85 11.67
N SER C 602 28.16 7.79 12.50
CA SER C 602 27.49 6.54 12.15
C SER C 602 25.96 6.74 11.97
N CYS C 603 25.39 7.78 12.59
CA CYS C 603 23.97 8.11 12.52
C CYS C 603 23.62 9.03 11.35
N MET C 604 24.63 9.58 10.66
CA MET C 604 24.38 10.55 9.60
C MET C 604 23.90 9.92 8.32
N TYR C 605 22.85 10.46 7.76
CA TYR C 605 22.28 10.05 6.47
C TYR C 605 23.33 10.28 5.37
N SER C 606 23.55 9.24 4.56
CA SER C 606 24.45 9.30 3.41
C SER C 606 23.57 9.30 2.16
N PRO C 607 23.73 10.30 1.26
CA PRO C 607 22.90 10.33 0.04
C PRO C 607 23.43 9.50 -1.14
N VAL C 608 24.38 8.57 -0.89
CA VAL C 608 24.88 7.68 -1.94
C VAL C 608 23.67 6.75 -2.31
N TYR C 609 23.44 6.50 -3.62
CA TYR C 609 22.34 5.63 -4.05
C TYR C 609 22.42 4.23 -3.44
N ARG C 610 21.26 3.67 -3.15
CA ARG C 610 21.16 2.29 -2.69
C ARG C 610 21.12 1.38 -3.90
N ASN C 611 21.48 0.11 -3.71
CA ASN C 611 21.34 -0.95 -4.68
C ASN C 611 19.99 -1.61 -4.37
N TYR C 612 19.21 -1.96 -5.39
CA TYR C 612 17.90 -2.54 -5.11
C TYR C 612 17.76 -4.00 -5.39
N GLN C 613 16.91 -4.71 -4.57
N GLN C 613 17.09 -4.73 -4.48
CA GLN C 613 16.46 -6.10 -4.79
CA GLN C 613 16.80 -6.14 -4.68
C GLN C 613 15.26 -5.96 -5.72
C GLN C 613 15.61 -6.15 -5.64
N GLU D 60 -3.59 -16.73 -23.84
CA GLU D 60 -2.66 -17.49 -24.69
C GLU D 60 -1.39 -17.94 -23.92
N GLU D 61 -0.40 -18.44 -24.66
CA GLU D 61 0.89 -18.94 -24.19
C GLU D 61 1.84 -17.82 -23.76
N LEU D 62 1.78 -16.65 -24.43
CA LEU D 62 2.65 -15.51 -24.15
C LEU D 62 2.50 -15.00 -22.71
N PRO D 63 3.63 -14.64 -22.05
CA PRO D 63 3.52 -14.13 -20.68
C PRO D 63 2.74 -12.83 -20.60
N VAL D 64 2.11 -12.57 -19.45
CA VAL D 64 1.35 -11.35 -19.25
C VAL D 64 1.86 -10.66 -17.99
N MET D 65 1.74 -9.35 -17.96
CA MET D 65 2.11 -8.60 -16.79
C MET D 65 0.92 -8.56 -15.82
N PRO D 66 1.09 -8.96 -14.54
CA PRO D 66 -0.03 -8.85 -13.60
C PRO D 66 -0.12 -7.39 -13.10
N TRP D 67 -1.16 -6.68 -13.47
CA TRP D 67 -1.34 -5.29 -13.04
C TRP D 67 -2.35 -5.26 -11.91
N ALA D 68 -2.09 -4.47 -10.87
CA ALA D 68 -2.95 -4.24 -9.69
C ALA D 68 -3.55 -2.83 -9.85
N THR D 69 -4.83 -2.67 -9.53
CA THR D 69 -5.48 -1.35 -9.63
C THR D 69 -6.00 -0.94 -8.27
N SER D 70 -5.85 0.35 -7.92
CA SER D 70 -6.33 0.88 -6.66
C SER D 70 -6.68 2.33 -6.84
N VAL D 71 -7.50 2.87 -5.95
CA VAL D 71 -7.91 4.28 -5.98
C VAL D 71 -6.66 5.12 -5.70
N ALA D 72 -6.38 6.11 -6.55
CA ALA D 72 -5.22 6.98 -6.32
C ALA D 72 -5.60 8.02 -5.24
N SER D 73 -4.75 8.20 -4.23
CA SER D 73 -4.95 9.16 -3.14
C SER D 73 -3.58 9.64 -2.71
N GLY D 74 -3.53 10.69 -1.88
CA GLY D 74 -2.29 11.24 -1.35
C GLY D 74 -1.25 11.55 -2.40
N TYR D 75 0.03 11.27 -2.11
CA TYR D 75 1.12 11.53 -3.06
C TYR D 75 1.03 10.68 -4.32
N THR D 76 0.35 9.51 -4.28
CA THR D 76 0.19 8.66 -5.47
C THR D 76 -0.64 9.43 -6.51
N LEU D 77 -1.66 10.15 -6.03
CA LEU D 77 -2.51 10.96 -6.89
C LEU D 77 -1.75 12.22 -7.36
N LEU D 78 -1.04 12.92 -6.43
CA LEU D 78 -0.28 14.12 -6.77
C LEU D 78 0.84 13.85 -7.79
N ARG D 79 1.43 12.64 -7.77
CA ARG D 79 2.54 12.25 -8.64
C ARG D 79 2.14 11.53 -9.92
N ASP D 80 0.83 11.39 -10.19
CA ASP D 80 0.34 10.79 -11.42
C ASP D 80 -0.01 11.95 -12.38
N PRO D 81 0.79 12.23 -13.45
CA PRO D 81 0.50 13.39 -14.33
C PRO D 81 -0.86 13.34 -15.03
N ARG D 82 -1.43 12.15 -15.15
CA ARG D 82 -2.75 11.96 -15.75
C ARG D 82 -3.85 12.45 -14.79
N HIS D 83 -3.65 12.35 -13.48
CA HIS D 83 -4.69 12.73 -12.53
C HIS D 83 -4.41 13.97 -11.71
N ASN D 84 -3.13 14.33 -11.59
CA ASN D 84 -2.73 15.50 -10.82
C ASN D 84 -3.30 16.80 -11.40
N LYS D 85 -4.00 17.56 -10.53
CA LYS D 85 -4.59 18.88 -10.84
C LYS D 85 -3.82 20.01 -10.09
N GLY D 86 -2.84 19.63 -9.26
CA GLY D 86 -2.07 20.57 -8.44
C GLY D 86 -2.98 21.29 -7.45
N LEU D 87 -2.94 22.63 -7.46
CA LEU D 87 -3.81 23.41 -6.58
C LEU D 87 -5.28 23.51 -7.07
N ALA D 88 -5.60 22.92 -8.24
CA ALA D 88 -6.97 22.93 -8.74
C ALA D 88 -7.85 21.85 -8.06
N PHE D 89 -7.24 20.94 -7.27
CA PHE D 89 -8.06 19.98 -6.49
C PHE D 89 -8.94 20.82 -5.56
N THR D 90 -10.26 20.56 -5.58
CA THR D 90 -11.21 21.32 -4.75
C THR D 90 -11.06 20.83 -3.30
N GLU D 91 -11.67 21.55 -2.35
CA GLU D 91 -11.66 21.17 -0.94
C GLU D 91 -12.28 19.76 -0.76
N ARG D 92 -13.38 19.49 -1.48
CA ARG D 92 -14.06 18.20 -1.43
C ARG D 92 -13.17 17.08 -1.98
N GLU D 93 -12.46 17.32 -3.09
CA GLU D 93 -11.53 16.33 -3.66
C GLU D 93 -10.36 16.08 -2.72
N ARG D 94 -9.84 17.14 -2.08
CA ARG D 94 -8.72 17.02 -1.13
C ARG D 94 -9.11 16.18 0.07
N ASP D 95 -10.33 16.40 0.61
CA ASP D 95 -10.84 15.64 1.74
C ASP D 95 -11.04 14.17 1.37
N ALA D 96 -11.65 13.90 0.20
CA ALA D 96 -11.93 12.54 -0.27
C ALA D 96 -10.67 11.76 -0.66
N HIS D 97 -9.60 12.44 -1.06
CA HIS D 97 -8.38 11.73 -1.52
C HIS D 97 -7.16 11.97 -0.69
N TYR D 98 -7.35 12.30 0.59
CA TYR D 98 -6.26 12.40 1.56
C TYR D 98 -5.14 13.36 1.13
N LEU D 99 -5.55 14.55 0.63
CA LEU D 99 -4.65 15.62 0.21
C LEU D 99 -4.69 16.78 1.18
N ARG D 100 -5.64 16.78 2.13
CA ARG D 100 -5.76 17.88 3.08
C ARG D 100 -4.44 18.03 3.87
N GLY D 101 -3.86 19.23 3.82
CA GLY D 101 -2.59 19.52 4.47
C GLY D 101 -1.39 19.35 3.54
N LEU D 102 -1.51 18.49 2.51
CA LEU D 102 -0.41 18.24 1.55
C LEU D 102 -0.29 19.42 0.59
N LEU D 103 -1.36 20.22 0.51
CA LEU D 103 -1.43 21.38 -0.35
C LEU D 103 -1.76 22.60 0.50
N PRO D 104 -1.31 23.80 0.08
CA PRO D 104 -1.71 25.03 0.79
C PRO D 104 -3.24 25.27 0.67
N PRO D 105 -3.86 26.13 1.51
CA PRO D 105 -5.33 26.26 1.47
C PRO D 105 -5.98 26.68 0.15
N ALA D 106 -5.33 27.54 -0.65
CA ALA D 106 -5.94 28.03 -1.87
C ALA D 106 -6.27 26.99 -2.91
N VAL D 107 -7.47 27.13 -3.52
CA VAL D 107 -7.92 26.34 -4.65
C VAL D 107 -7.67 27.27 -5.85
N VAL D 108 -6.83 26.83 -6.80
CA VAL D 108 -6.42 27.67 -7.93
C VAL D 108 -6.85 27.00 -9.23
N SER D 109 -7.76 27.67 -9.99
CA SER D 109 -8.33 27.17 -11.27
C SER D 109 -7.26 26.82 -12.29
N GLN D 110 -7.62 26.00 -13.29
CA GLN D 110 -6.76 25.62 -14.40
C GLN D 110 -6.28 26.88 -15.15
N GLU D 111 -7.19 27.86 -15.35
CA GLU D 111 -6.89 29.12 -16.03
CA GLU D 111 -6.89 29.11 -16.04
C GLU D 111 -5.82 29.94 -15.30
N LEU D 112 -5.90 30.02 -13.97
CA LEU D 112 -4.90 30.76 -13.16
C LEU D 112 -3.55 30.01 -13.22
N GLN D 113 -3.55 28.67 -13.23
CA GLN D 113 -2.32 27.86 -13.34
C GLN D 113 -1.64 28.06 -14.70
N ILE D 114 -2.42 28.21 -15.76
CA ILE D 114 -1.90 28.51 -17.11
C ILE D 114 -1.18 29.87 -17.07
N LYS D 115 -1.86 30.90 -16.52
CA LYS D 115 -1.34 32.26 -16.43
C LYS D 115 0.02 32.30 -15.70
N LYS D 116 0.07 31.65 -14.54
CA LYS D 116 1.23 31.52 -13.66
C LYS D 116 2.39 30.82 -14.42
N PHE D 117 2.08 29.72 -15.10
CA PHE D 117 3.09 28.98 -15.86
C PHE D 117 3.66 29.83 -16.99
N MET D 118 2.79 30.48 -17.79
CA MET D 118 3.22 31.34 -18.91
C MET D 118 4.09 32.50 -18.43
N ASN D 119 3.72 33.12 -17.27
CA ASN D 119 4.50 34.21 -16.68
C ASN D 119 5.93 33.78 -16.37
N ASN D 120 6.09 32.59 -15.78
CA ASN D 120 7.41 32.04 -15.43
C ASN D 120 8.20 31.61 -16.67
N LEU D 121 7.52 30.98 -17.63
CA LEU D 121 8.14 30.50 -18.86
C LEU D 121 8.81 31.62 -19.66
N ARG D 122 8.14 32.78 -19.74
CA ARG D 122 8.62 33.97 -20.47
C ARG D 122 9.86 34.60 -19.84
N GLN D 123 10.22 34.20 -18.61
CA GLN D 123 11.39 34.73 -17.92
C GLN D 123 12.66 33.91 -18.18
N TYR D 124 12.54 32.74 -18.85
CA TYR D 124 13.72 31.96 -19.19
C TYR D 124 14.46 32.63 -20.33
N GLN D 125 15.77 32.78 -20.17
CA GLN D 125 16.62 33.42 -21.18
C GLN D 125 16.79 32.54 -22.42
N LEU D 126 16.93 31.22 -22.25
CA LEU D 126 17.19 30.32 -23.36
C LEU D 126 15.97 29.48 -23.80
N PRO D 127 15.77 29.31 -25.14
CA PRO D 127 14.67 28.46 -25.61
C PRO D 127 14.70 27.04 -25.02
N ILE D 128 15.92 26.45 -24.83
CA ILE D 128 16.07 25.11 -24.26
C ILE D 128 15.50 25.05 -22.83
N GLN D 129 15.59 26.13 -22.07
CA GLN D 129 15.06 26.20 -20.71
C GLN D 129 13.51 26.18 -20.75
N CYS D 130 12.90 26.85 -21.77
CA CYS D 130 11.44 26.82 -21.97
C CYS D 130 11.02 25.40 -22.31
N TYR D 131 11.79 24.73 -23.20
CA TYR D 131 11.54 23.33 -23.58
C TYR D 131 11.58 22.44 -22.31
N MET D 132 12.63 22.57 -21.48
CA MET D 132 12.78 21.76 -20.25
C MET D 132 11.60 21.96 -19.28
N ALA D 133 11.14 23.22 -19.10
CA ALA D 133 9.98 23.53 -18.25
C ALA D 133 8.70 22.93 -18.83
N MET D 134 8.57 22.92 -20.17
CA MET D 134 7.41 22.33 -20.86
C MET D 134 7.38 20.79 -20.68
N MET D 135 8.54 20.11 -20.82
CA MET D 135 8.63 18.65 -20.64
C MET D 135 8.32 18.27 -19.22
N ASN D 136 8.81 19.06 -18.26
CA ASN D 136 8.57 18.83 -16.84
C ASN D 136 7.07 18.98 -16.54
N LEU D 137 6.41 19.97 -17.16
CA LEU D 137 4.96 20.17 -17.01
C LEU D 137 4.19 18.98 -17.59
N GLN D 138 4.54 18.54 -18.81
CA GLN D 138 3.91 17.39 -19.46
C GLN D 138 3.92 16.16 -18.56
N GLU D 139 5.04 15.98 -17.85
CA GLU D 139 5.24 14.83 -16.99
C GLU D 139 4.81 15.06 -15.54
N THR D 140 4.12 16.19 -15.24
CA THR D 140 3.62 16.44 -13.89
C THR D 140 2.12 16.73 -13.86
N ASP D 141 1.59 17.41 -14.88
CA ASP D 141 0.17 17.73 -14.97
C ASP D 141 -0.14 17.78 -16.46
N GLU D 142 -0.48 16.63 -17.01
CA GLU D 142 -0.72 16.46 -18.43
C GLU D 142 -1.83 17.34 -18.97
N ARG D 143 -2.97 17.42 -18.24
CA ARG D 143 -4.10 18.23 -18.68
C ARG D 143 -3.76 19.71 -18.74
N LEU D 144 -3.01 20.20 -17.73
CA LEU D 144 -2.56 21.59 -17.70
C LEU D 144 -1.64 21.83 -18.90
N PHE D 145 -0.70 20.90 -19.16
CA PHE D 145 0.23 20.97 -20.30
C PHE D 145 -0.54 21.10 -21.64
N TYR D 146 -1.57 20.25 -21.86
CA TYR D 146 -2.33 20.30 -23.12
C TYR D 146 -3.21 21.51 -23.25
N LYS D 147 -3.86 21.93 -22.17
CA LYS D 147 -4.71 23.13 -22.22
C LYS D 147 -3.84 24.38 -22.48
N LEU D 148 -2.68 24.48 -21.80
CA LEU D 148 -1.74 25.57 -21.98
C LEU D 148 -1.22 25.60 -23.45
N LEU D 149 -0.86 24.42 -23.99
CA LEU D 149 -0.37 24.27 -25.36
C LEU D 149 -1.41 24.70 -26.41
N ILE D 150 -2.66 24.23 -26.26
CA ILE D 150 -3.76 24.58 -27.15
C ILE D 150 -4.01 26.09 -27.15
N GLU D 151 -4.09 26.70 -25.97
CA GLU D 151 -4.37 28.13 -25.83
C GLU D 151 -3.23 29.04 -26.30
N ASN D 152 -1.98 28.55 -26.29
CA ASN D 152 -0.79 29.33 -26.63
C ASN D 152 0.04 28.66 -27.72
N VAL D 153 -0.64 28.03 -28.68
CA VAL D 153 -0.04 27.23 -29.75
C VAL D 153 0.97 28.00 -30.61
N VAL D 154 0.66 29.24 -31.00
CA VAL D 154 1.56 30.00 -31.86
C VAL D 154 2.87 30.32 -31.11
N GLU D 155 2.75 30.77 -29.85
CA GLU D 155 3.90 31.09 -29.01
C GLU D 155 4.74 29.85 -28.63
N LEU D 156 4.10 28.71 -28.36
CA LEU D 156 4.77 27.53 -27.81
C LEU D 156 5.24 26.49 -28.81
N LEU D 157 4.63 26.41 -30.01
CA LEU D 157 5.08 25.47 -31.05
C LEU D 157 6.60 25.58 -31.29
N PRO D 158 7.24 26.80 -31.36
CA PRO D 158 8.70 26.84 -31.52
C PRO D 158 9.50 26.25 -30.35
N TYR D 159 8.89 26.05 -29.16
CA TYR D 159 9.57 25.49 -27.97
C TYR D 159 9.37 23.99 -27.82
N VAL D 160 8.12 23.51 -27.95
CA VAL D 160 7.73 22.09 -27.83
C VAL D 160 8.08 21.31 -29.12
N TYR D 161 8.15 22.03 -30.26
CA TYR D 161 8.41 21.41 -31.54
C TYR D 161 9.56 22.15 -32.25
N THR D 162 9.58 22.17 -33.60
CA THR D 162 10.65 22.78 -34.38
C THR D 162 10.70 24.30 -34.19
N PRO D 163 11.89 24.92 -34.00
CA PRO D 163 13.25 24.33 -34.02
C PRO D 163 13.84 23.85 -32.69
N THR D 164 13.30 24.30 -31.52
CA THR D 164 13.86 23.96 -30.18
C THR D 164 13.91 22.43 -29.91
N VAL D 165 12.99 21.65 -30.49
CA VAL D 165 12.99 20.19 -30.30
C VAL D 165 14.28 19.55 -30.89
N GLY D 166 14.82 20.13 -31.98
CA GLY D 166 16.06 19.69 -32.60
C GLY D 166 17.27 19.89 -31.70
N GLU D 167 17.35 21.06 -31.06
CA GLU D 167 18.41 21.38 -30.09
C GLU D 167 18.26 20.46 -28.87
N ALA D 168 17.02 20.13 -28.48
CA ALA D 168 16.75 19.22 -27.37
C ALA D 168 17.31 17.83 -27.68
N CYS D 169 17.17 17.34 -28.93
CA CYS D 169 17.73 16.04 -29.35
C CYS D 169 19.28 16.10 -29.31
N GLN D 170 19.88 17.22 -29.73
CA GLN D 170 21.34 17.38 -29.67
C GLN D 170 21.86 17.32 -28.24
N LYS D 171 21.10 17.88 -27.30
CA LYS D 171 21.49 17.98 -25.88
C LYS D 171 20.71 17.02 -24.98
N TYR D 172 19.99 16.03 -25.57
CA TYR D 172 19.06 15.13 -24.86
C TYR D 172 19.63 14.46 -23.64
N GLY D 173 20.86 13.95 -23.75
CA GLY D 173 21.54 13.30 -22.64
C GLY D 173 21.84 14.25 -21.51
N SER D 174 22.35 15.45 -21.83
CA SER D 174 22.68 16.43 -20.81
C SER D 174 21.44 17.07 -20.14
N ILE D 175 20.28 17.10 -20.80
CA ILE D 175 19.08 17.72 -20.21
C ILE D 175 18.05 16.67 -19.75
N PHE D 176 18.43 15.39 -19.79
CA PHE D 176 17.54 14.27 -19.44
C PHE D 176 16.87 14.49 -18.08
N GLY D 177 15.54 14.49 -18.06
CA GLY D 177 14.79 14.75 -16.85
C GLY D 177 13.83 13.62 -16.55
N ARG D 178 12.52 13.90 -16.69
N ARG D 178 12.52 13.90 -16.65
CA ARG D 178 11.48 12.90 -16.44
CA ARG D 178 11.53 12.84 -16.37
C ARG D 178 11.42 11.90 -17.61
C ARG D 178 11.42 11.88 -17.57
N PRO D 179 11.34 10.58 -17.35
N PRO D 179 11.35 10.55 -17.33
CA PRO D 179 11.34 9.62 -18.48
CA PRO D 179 11.32 9.60 -18.47
C PRO D 179 10.11 9.74 -19.37
C PRO D 179 10.10 9.75 -19.37
N GLN D 180 10.31 9.74 -20.68
CA GLN D 180 9.23 9.85 -21.68
C GLN D 180 9.49 8.80 -22.77
N GLY D 181 8.44 8.11 -23.17
CA GLY D 181 8.52 7.12 -24.24
C GLY D 181 9.17 5.80 -23.91
N LEU D 182 9.31 4.98 -24.95
CA LEU D 182 9.85 3.64 -24.82
C LEU D 182 11.05 3.47 -25.75
N TYR D 183 12.14 2.89 -25.22
CA TYR D 183 13.35 2.62 -25.98
C TYR D 183 13.47 1.15 -26.24
N VAL D 184 13.70 0.80 -27.49
CA VAL D 184 13.89 -0.59 -27.92
C VAL D 184 15.29 -0.58 -28.57
N SER D 185 16.24 -1.34 -28.02
CA SER D 185 17.59 -1.33 -28.58
C SER D 185 18.00 -2.70 -29.11
N LEU D 186 19.21 -2.81 -29.69
CA LEU D 186 19.78 -4.08 -30.17
C LEU D 186 19.90 -5.07 -29.01
N LYS D 187 20.10 -4.57 -27.77
CA LYS D 187 20.19 -5.41 -26.57
C LYS D 187 18.86 -6.09 -26.23
N ASP D 188 17.75 -5.65 -26.86
CA ASP D 188 16.40 -6.22 -26.68
C ASP D 188 16.01 -7.26 -27.72
N LYS D 189 16.96 -7.70 -28.57
CA LYS D 189 16.70 -8.72 -29.60
C LYS D 189 16.17 -9.99 -28.90
N GLY D 190 15.06 -10.53 -29.40
CA GLY D 190 14.37 -11.69 -28.84
C GLY D 190 13.49 -11.33 -27.65
N ARG D 191 13.50 -10.05 -27.21
CA ARG D 191 12.77 -9.60 -26.01
C ARG D 191 11.93 -8.34 -26.26
N VAL D 192 11.64 -8.01 -27.53
CA VAL D 192 10.89 -6.78 -27.85
C VAL D 192 9.49 -6.80 -27.20
N LEU D 193 8.77 -7.93 -27.30
CA LEU D 193 7.45 -8.07 -26.69
C LEU D 193 7.51 -7.83 -25.18
N GLU D 194 8.53 -8.39 -24.52
CA GLU D 194 8.75 -8.19 -23.09
C GLU D 194 8.92 -6.68 -22.74
N VAL D 195 9.63 -5.93 -23.61
CA VAL D 195 9.81 -4.48 -23.40
C VAL D 195 8.46 -3.74 -23.53
N LEU D 196 7.67 -4.07 -24.56
CA LEU D 196 6.33 -3.48 -24.74
C LEU D 196 5.42 -3.70 -23.52
N ARG D 197 5.54 -4.88 -22.85
N ARG D 197 5.53 -4.87 -22.85
CA ARG D 197 4.75 -5.24 -21.66
CA ARG D 197 4.71 -5.21 -21.68
C ARG D 197 4.97 -4.29 -20.49
C ARG D 197 4.97 -4.30 -20.48
N ASN D 198 6.12 -3.61 -20.47
CA ASN D 198 6.45 -2.64 -19.38
C ASN D 198 5.70 -1.33 -19.57
N TRP D 199 5.21 -1.04 -20.80
CA TRP D 199 4.44 0.18 -21.07
C TRP D 199 3.07 0.06 -20.39
N PRO D 200 2.74 0.99 -19.45
CA PRO D 200 1.52 0.81 -18.64
C PRO D 200 0.18 1.12 -19.31
N HIS D 201 0.14 1.41 -20.62
CA HIS D 201 -1.14 1.63 -21.31
C HIS D 201 -1.34 0.51 -22.29
N ARG D 202 -2.41 -0.29 -22.10
CA ARG D 202 -2.66 -1.48 -22.92
C ARG D 202 -3.20 -1.17 -24.33
N ASN D 203 -4.09 -0.19 -24.44
CA ASN D 203 -4.75 0.14 -25.72
C ASN D 203 -4.08 1.29 -26.47
N VAL D 204 -2.91 1.01 -27.01
CA VAL D 204 -2.14 2.00 -27.77
C VAL D 204 -2.80 2.18 -29.14
N GLN D 205 -3.01 3.43 -29.55
CA GLN D 205 -3.62 3.72 -30.85
C GLN D 205 -2.60 4.29 -31.85
N VAL D 206 -1.65 5.11 -31.35
CA VAL D 206 -0.69 5.78 -32.22
C VAL D 206 0.71 5.63 -31.67
N ILE D 207 1.59 5.05 -32.48
CA ILE D 207 3.01 4.91 -32.17
C ILE D 207 3.73 5.83 -33.14
N CYS D 208 4.65 6.65 -32.60
N CYS D 208 4.63 6.66 -32.60
CA CYS D 208 5.55 7.48 -33.37
CA CYS D 208 5.52 7.47 -33.41
C CYS D 208 6.93 6.93 -33.11
C CYS D 208 6.92 6.93 -33.12
N VAL D 209 7.54 6.34 -34.14
CA VAL D 209 8.84 5.65 -34.02
C VAL D 209 9.92 6.26 -34.89
N THR D 210 11.16 6.32 -34.33
CA THR D 210 12.36 6.79 -35.02
C THR D 210 13.56 5.89 -34.65
N ASP D 211 14.58 5.90 -35.51
CA ASP D 211 15.87 5.29 -35.20
C ASP D 211 16.92 6.43 -35.04
N GLY D 212 16.44 7.69 -35.09
CA GLY D 212 17.23 8.91 -34.92
C GLY D 212 18.29 9.22 -35.97
N GLU D 213 18.24 8.52 -37.13
CA GLU D 213 19.28 8.70 -38.15
C GLU D 213 19.20 10.02 -38.92
N ARG D 214 18.00 10.62 -39.07
CA ARG D 214 17.86 11.86 -39.82
C ARG D 214 16.95 12.84 -39.07
N ILE D 215 17.48 13.46 -38.01
CA ILE D 215 16.68 14.38 -37.18
C ILE D 215 16.72 15.74 -37.79
N LEU D 216 15.58 16.18 -38.37
CA LEU D 216 15.46 17.49 -39.03
C LEU D 216 16.63 17.60 -40.03
N GLY D 217 17.40 18.69 -39.98
CA GLY D 217 18.57 18.84 -40.83
C GLY D 217 19.85 18.67 -40.02
N LEU D 218 19.72 18.07 -38.81
CA LEU D 218 20.82 17.90 -37.86
C LEU D 218 21.59 16.58 -37.96
N GLY D 219 21.14 15.69 -38.84
CA GLY D 219 21.77 14.40 -39.05
C GLY D 219 21.44 13.34 -38.01
N ASP D 220 22.39 12.41 -37.84
CA ASP D 220 22.30 11.26 -36.96
C ASP D 220 22.47 11.68 -35.51
N LEU D 221 21.37 11.61 -34.72
CA LEU D 221 21.42 11.94 -33.29
C LEU D 221 21.17 10.71 -32.42
N GLY D 222 21.21 9.53 -33.04
CA GLY D 222 21.05 8.24 -32.40
C GLY D 222 19.84 8.12 -31.48
N CYS D 223 20.12 7.62 -30.28
CA CYS D 223 19.10 7.42 -29.25
C CYS D 223 18.49 8.74 -28.77
N GLN D 224 19.21 9.84 -28.97
CA GLN D 224 18.76 11.18 -28.59
C GLN D 224 17.70 11.74 -29.53
N GLY D 225 17.38 10.99 -30.58
CA GLY D 225 16.30 11.30 -31.51
C GLY D 225 14.90 11.22 -30.88
N MET D 226 14.79 10.64 -29.64
CA MET D 226 13.53 10.51 -28.90
C MET D 226 12.73 11.84 -28.74
N GLY D 227 13.41 12.98 -28.67
CA GLY D 227 12.72 14.25 -28.56
C GLY D 227 11.69 14.50 -29.66
N ILE D 228 11.96 14.01 -30.88
CA ILE D 228 11.04 14.19 -32.03
C ILE D 228 9.72 13.40 -31.85
N PRO D 229 9.68 12.04 -31.70
CA PRO D 229 8.37 11.38 -31.49
C PRO D 229 7.62 11.93 -30.26
N VAL D 230 8.36 12.33 -29.19
CA VAL D 230 7.73 12.89 -27.98
C VAL D 230 7.01 14.21 -28.35
N GLY D 231 7.70 15.08 -29.08
CA GLY D 231 7.17 16.35 -29.58
C GLY D 231 6.02 16.17 -30.55
N LYS D 232 6.17 15.24 -31.52
CA LYS D 232 5.14 14.94 -32.53
C LYS D 232 3.82 14.46 -31.89
N LEU D 233 3.90 13.52 -30.93
CA LEU D 233 2.69 13.00 -30.28
C LEU D 233 1.93 14.03 -29.46
N ALA D 234 2.66 15.03 -28.87
CA ALA D 234 2.06 16.14 -28.11
C ALA D 234 1.18 16.91 -29.07
N LEU D 235 1.63 17.01 -30.34
CA LEU D 235 0.89 17.69 -31.40
C LEU D 235 -0.30 16.86 -31.87
N TYR D 236 -0.18 15.51 -31.96
CA TYR D 236 -1.33 14.64 -32.29
C TYR D 236 -2.44 14.90 -31.22
N THR D 237 -2.06 15.04 -29.93
CA THR D 237 -3.02 15.33 -28.86
C THR D 237 -3.55 16.76 -28.90
N ALA D 238 -2.65 17.77 -28.89
CA ALA D 238 -3.05 19.18 -28.84
C ALA D 238 -3.77 19.66 -30.07
N LEU D 239 -3.30 19.25 -31.25
CA LEU D 239 -3.87 19.73 -32.50
C LEU D 239 -4.95 18.82 -33.08
N GLY D 240 -4.83 17.51 -32.85
CA GLY D 240 -5.78 16.53 -33.39
C GLY D 240 -6.70 15.82 -32.42
N GLY D 241 -6.53 16.06 -31.14
CA GLY D 241 -7.37 15.45 -30.10
C GLY D 241 -7.22 13.96 -29.88
N VAL D 242 -6.08 13.36 -30.28
CA VAL D 242 -5.79 11.95 -30.03
C VAL D 242 -5.52 11.87 -28.52
N ASP D 243 -6.14 10.90 -27.80
CA ASP D 243 -5.93 10.77 -26.35
C ASP D 243 -4.44 10.53 -26.04
N PRO D 244 -3.81 11.30 -25.12
CA PRO D 244 -2.39 11.08 -24.82
C PRO D 244 -2.08 9.72 -24.20
N SER D 245 -3.02 9.12 -23.47
CA SER D 245 -2.81 7.79 -22.91
C SER D 245 -2.77 6.69 -24.03
N ALA D 246 -3.23 7.01 -25.26
CA ALA D 246 -3.20 6.10 -26.38
C ALA D 246 -1.98 6.34 -27.32
N CYS D 247 -1.10 7.28 -26.94
CA CYS D 247 0.09 7.67 -27.70
C CYS D 247 1.35 7.02 -27.15
N LEU D 248 2.21 6.53 -28.03
CA LEU D 248 3.42 5.86 -27.58
C LEU D 248 4.66 6.27 -28.41
N PRO D 249 5.52 7.17 -27.86
CA PRO D 249 6.75 7.54 -28.61
C PRO D 249 7.78 6.44 -28.41
N ILE D 250 8.40 6.01 -29.52
CA ILE D 250 9.40 4.95 -29.46
C ILE D 250 10.67 5.35 -30.17
N THR D 251 11.82 5.00 -29.55
CA THR D 251 13.10 5.17 -30.21
C THR D 251 13.71 3.79 -30.32
N ILE D 252 14.08 3.43 -31.54
CA ILE D 252 14.80 2.21 -31.82
C ILE D 252 16.29 2.57 -31.83
N ASP D 253 17.05 2.03 -30.87
CA ASP D 253 18.48 2.32 -30.76
C ASP D 253 19.35 1.20 -31.34
N VAL D 254 19.94 1.45 -32.51
CA VAL D 254 20.82 0.50 -33.19
C VAL D 254 22.27 1.01 -33.22
N GLY D 255 22.54 2.02 -32.41
CA GLY D 255 23.84 2.68 -32.38
C GLY D 255 23.77 4.00 -33.12
N THR D 256 24.90 4.70 -33.23
CA THR D 256 24.95 5.99 -33.93
C THR D 256 26.26 6.14 -34.63
N ASN D 257 26.26 6.81 -35.81
CA ASN D 257 27.50 7.12 -36.54
C ASN D 257 28.03 8.50 -36.16
N ASN D 258 27.32 9.21 -35.27
CA ASN D 258 27.71 10.53 -34.78
C ASN D 258 28.88 10.37 -33.80
N GLU D 259 30.10 10.71 -34.25
CA GLU D 259 31.32 10.59 -33.44
C GLU D 259 31.32 11.48 -32.19
N LYS D 260 30.72 12.68 -32.28
CA LYS D 260 30.62 13.60 -31.15
C LYS D 260 29.80 12.92 -30.03
N LEU D 261 28.66 12.31 -30.38
CA LEU D 261 27.82 11.61 -29.41
C LEU D 261 28.52 10.37 -28.82
N LEU D 262 29.20 9.58 -29.67
CA LEU D 262 29.97 8.40 -29.24
C LEU D 262 31.10 8.75 -28.25
N ASN D 263 31.61 9.99 -28.30
CA ASN D 263 32.66 10.51 -27.40
C ASN D 263 32.07 11.26 -26.20
N ASP D 264 30.78 11.55 -26.23
CA ASP D 264 30.12 12.33 -25.18
C ASP D 264 29.78 11.49 -23.96
N GLU D 265 30.34 11.85 -22.79
CA GLU D 265 30.04 11.14 -21.54
C GLU D 265 28.52 11.16 -21.19
N PHE D 266 27.75 12.15 -21.68
CA PHE D 266 26.31 12.24 -21.39
C PHE D 266 25.43 11.54 -22.41
N TYR D 267 26.01 10.92 -23.47
CA TYR D 267 25.18 10.21 -24.46
C TYR D 267 24.36 9.07 -23.78
N ILE D 268 23.07 8.96 -24.11
CA ILE D 268 22.14 8.02 -23.46
C ILE D 268 21.94 6.69 -24.22
N GLY D 269 22.49 6.58 -25.43
CA GLY D 269 22.29 5.36 -26.22
C GLY D 269 23.40 4.36 -26.17
N LEU D 270 23.26 3.27 -26.95
CA LEU D 270 24.31 2.26 -27.09
C LEU D 270 25.53 2.96 -27.70
N ARG D 271 26.68 2.83 -27.05
CA ARG D 271 27.91 3.49 -27.47
C ARG D 271 28.65 2.61 -28.50
N GLN D 272 28.09 2.51 -29.70
CA GLN D 272 28.60 1.74 -30.82
C GLN D 272 28.10 2.41 -32.11
N LYS D 273 28.76 2.12 -33.24
CA LYS D 273 28.38 2.59 -34.57
C LYS D 273 27.04 1.94 -34.96
N ARG D 274 26.34 2.53 -35.92
CA ARG D 274 25.02 2.12 -36.39
C ARG D 274 24.98 0.75 -37.09
N ALA D 275 24.18 -0.18 -36.55
CA ALA D 275 24.00 -1.49 -37.19
C ALA D 275 23.24 -1.27 -38.50
N ARG D 276 23.57 -2.06 -39.51
CA ARG D 276 22.97 -1.98 -40.85
C ARG D 276 22.74 -3.40 -41.34
N GLY D 277 22.01 -3.54 -42.44
CA GLY D 277 21.75 -4.83 -43.05
C GLY D 277 20.90 -5.76 -42.21
N GLU D 278 21.25 -7.06 -42.22
CA GLU D 278 20.55 -8.14 -41.54
C GLU D 278 20.31 -7.90 -40.04
N GLU D 279 21.33 -7.45 -39.29
CA GLU D 279 21.17 -7.21 -37.84
C GLU D 279 20.08 -6.16 -37.57
N TYR D 280 20.07 -5.09 -38.37
CA TYR D 280 19.07 -4.03 -38.28
C TYR D 280 17.69 -4.58 -38.66
N ASP D 281 17.59 -5.25 -39.84
CA ASP D 281 16.37 -5.84 -40.38
C ASP D 281 15.70 -6.77 -39.42
N GLU D 282 16.45 -7.66 -38.78
CA GLU D 282 15.92 -8.62 -37.80
C GLU D 282 15.27 -7.93 -36.61
N LEU D 283 15.87 -6.83 -36.10
CA LEU D 283 15.29 -6.09 -34.97
C LEU D 283 14.02 -5.38 -35.41
N MET D 284 14.05 -4.73 -36.59
CA MET D 284 12.89 -4.02 -37.13
C MET D 284 11.72 -5.00 -37.37
N GLU D 285 12.02 -6.20 -37.93
CA GLU D 285 10.99 -7.23 -38.16
C GLU D 285 10.40 -7.71 -36.84
N GLU D 286 11.26 -7.94 -35.82
CA GLU D 286 10.78 -8.36 -34.52
C GLU D 286 9.90 -7.26 -33.90
N PHE D 287 10.34 -5.98 -34.04
CA PHE D 287 9.59 -4.84 -33.51
C PHE D 287 8.19 -4.73 -34.14
N MET D 288 8.12 -4.79 -35.49
CA MET D 288 6.85 -4.67 -36.20
C MET D 288 5.94 -5.85 -35.91
N ALA D 289 6.50 -7.08 -35.75
CA ALA D 289 5.71 -8.26 -35.40
C ALA D 289 5.18 -8.12 -33.95
N ALA D 290 6.02 -7.58 -33.02
CA ALA D 290 5.64 -7.39 -31.60
C ALA D 290 4.50 -6.38 -31.46
N VAL D 291 4.56 -5.28 -32.23
CA VAL D 291 3.54 -4.23 -32.23
C VAL D 291 2.19 -4.80 -32.68
N LYS D 292 2.19 -5.63 -33.75
CA LYS D 292 0.95 -6.26 -34.23
C LYS D 292 0.42 -7.27 -33.20
N THR D 293 1.31 -8.13 -32.66
CA THR D 293 0.93 -9.15 -31.67
C THR D 293 0.26 -8.51 -30.45
N PHE D 294 0.89 -7.45 -29.90
CA PHE D 294 0.44 -6.81 -28.69
C PHE D 294 -0.67 -5.77 -28.86
N TYR D 295 -0.62 -4.96 -29.93
CA TYR D 295 -1.58 -3.87 -30.10
C TYR D 295 -2.62 -4.09 -31.18
N GLY D 296 -2.54 -5.22 -31.90
CA GLY D 296 -3.52 -5.57 -32.93
C GLY D 296 -3.29 -4.91 -34.27
N GLU D 297 -4.26 -5.08 -35.16
CA GLU D 297 -4.25 -4.62 -36.55
C GLU D 297 -4.48 -3.14 -36.75
N LYS D 298 -5.11 -2.49 -35.77
CA LYS D 298 -5.55 -1.10 -35.89
C LYS D 298 -4.58 -0.07 -35.39
N VAL D 299 -3.47 -0.49 -34.76
CA VAL D 299 -2.50 0.47 -34.25
C VAL D 299 -1.80 1.22 -35.38
N LEU D 300 -1.74 2.55 -35.29
CA LEU D 300 -1.05 3.35 -36.29
C LEU D 300 0.44 3.39 -35.94
N ILE D 301 1.31 3.04 -36.92
CA ILE D 301 2.76 3.14 -36.78
C ILE D 301 3.21 4.28 -37.69
N GLN D 302 3.58 5.40 -37.06
CA GLN D 302 4.04 6.56 -37.80
C GLN D 302 5.59 6.63 -37.76
N PHE D 303 6.24 6.32 -38.91
CA PHE D 303 7.70 6.36 -39.04
C PHE D 303 8.13 7.80 -39.19
N GLU D 304 9.26 8.16 -38.58
N GLU D 304 9.19 8.18 -38.47
CA GLU D 304 9.75 9.53 -38.70
CA GLU D 304 9.69 9.55 -38.45
C GLU D 304 11.23 9.64 -38.46
C GLU D 304 11.20 9.58 -38.28
N ASP D 305 11.84 10.59 -39.16
N ASP D 305 11.86 10.57 -38.90
CA ASP D 305 13.24 10.98 -39.09
CA ASP D 305 13.30 10.85 -38.84
C ASP D 305 14.21 9.79 -39.32
C ASP D 305 14.21 9.67 -39.23
N PHE D 306 13.83 8.89 -40.25
CA PHE D 306 14.65 7.78 -40.72
C PHE D 306 15.39 8.33 -41.93
N ALA D 307 16.59 7.77 -42.26
CA ALA D 307 17.34 8.17 -43.47
C ALA D 307 16.47 7.75 -44.66
N ASN D 308 16.61 8.46 -45.82
CA ASN D 308 15.73 8.26 -46.98
C ASN D 308 15.64 6.83 -47.51
N HIS D 309 16.76 6.12 -47.76
CA HIS D 309 16.65 4.77 -48.32
C HIS D 309 15.87 3.85 -47.40
N ASN D 310 16.18 3.94 -46.09
CA ASN D 310 15.52 3.18 -45.06
C ASN D 310 14.02 3.56 -44.95
N ALA D 311 13.70 4.88 -44.98
CA ALA D 311 12.33 5.41 -44.90
C ALA D 311 11.44 4.84 -46.02
N PHE D 312 11.97 4.80 -47.26
CA PHE D 312 11.25 4.24 -48.39
C PHE D 312 11.11 2.73 -48.30
N ASP D 313 12.15 2.01 -47.86
CA ASP D 313 12.09 0.55 -47.70
C ASP D 313 11.09 0.14 -46.63
N LEU D 314 11.10 0.84 -45.49
CA LEU D 314 10.19 0.55 -44.38
C LEU D 314 8.75 0.82 -44.79
N LEU D 315 8.52 1.93 -45.51
CA LEU D 315 7.19 2.30 -45.97
C LEU D 315 6.67 1.30 -47.00
N GLU D 316 7.50 0.88 -47.97
CA GLU D 316 7.10 -0.08 -48.99
C GLU D 316 6.72 -1.44 -48.36
N LYS D 317 7.57 -1.92 -47.45
CA LYS D 317 7.35 -3.20 -46.79
C LYS D 317 6.14 -3.21 -45.81
N TYR D 318 6.14 -2.35 -44.82
CA TYR D 318 5.12 -2.41 -43.77
C TYR D 318 3.77 -1.79 -44.12
N SER D 319 3.68 -0.96 -45.18
CA SER D 319 2.37 -0.42 -45.59
C SER D 319 1.44 -1.51 -46.17
N LYS D 320 1.99 -2.71 -46.49
CA LYS D 320 1.23 -3.85 -47.01
C LYS D 320 0.69 -4.74 -45.88
N THR D 321 1.29 -4.64 -44.67
CA THR D 321 0.95 -5.54 -43.55
C THR D 321 0.41 -4.85 -42.30
N HIS D 322 0.58 -3.53 -42.19
CA HIS D 322 0.19 -2.77 -40.99
C HIS D 322 -0.40 -1.44 -41.42
N LEU D 323 -1.00 -0.70 -40.44
CA LEU D 323 -1.51 0.66 -40.64
C LEU D 323 -0.28 1.53 -40.41
N VAL D 324 0.30 2.06 -41.48
CA VAL D 324 1.56 2.77 -41.37
C VAL D 324 1.58 4.03 -42.20
N PHE D 325 2.27 5.06 -41.67
N PHE D 325 2.30 5.04 -41.74
CA PHE D 325 2.42 6.37 -42.29
CA PHE D 325 2.57 6.20 -42.56
C PHE D 325 3.82 6.97 -42.00
C PHE D 325 3.86 6.85 -42.11
N ASN D 326 4.48 7.58 -43.01
CA ASN D 326 5.74 8.26 -42.78
C ASN D 326 5.43 9.73 -43.00
N ASP D 327 5.47 10.54 -41.93
CA ASP D 327 5.13 11.96 -42.02
C ASP D 327 6.08 12.75 -42.91
N ASP D 328 7.38 12.38 -42.95
CA ASP D 328 8.39 13.08 -43.76
C ASP D 328 8.13 12.90 -45.26
N ILE D 329 7.59 11.74 -45.65
CA ILE D 329 7.28 11.44 -47.04
C ILE D 329 5.84 11.83 -47.39
N GLN D 330 4.88 11.24 -46.69
CA GLN D 330 3.46 11.36 -47.00
C GLN D 330 2.78 12.60 -46.45
N GLY D 331 3.11 12.98 -45.23
CA GLY D 331 2.58 14.19 -44.59
C GLY D 331 2.99 15.43 -45.35
N THR D 332 4.29 15.47 -45.76
CA THR D 332 4.88 16.56 -46.53
C THR D 332 4.17 16.68 -47.86
N ALA D 333 4.06 15.54 -48.59
CA ALA D 333 3.40 15.48 -49.89
C ALA D 333 1.98 16.04 -49.77
N SER D 334 1.24 15.65 -48.70
CA SER D 334 -0.14 16.09 -48.46
C SER D 334 -0.28 17.61 -48.15
N VAL D 335 0.59 18.16 -47.28
CA VAL D 335 0.56 19.57 -46.90
C VAL D 335 0.94 20.48 -48.11
N VAL D 336 1.94 20.07 -48.93
CA VAL D 336 2.39 20.85 -50.10
C VAL D 336 1.29 20.86 -51.17
N LEU D 337 0.57 19.74 -51.35
CA LEU D 337 -0.55 19.67 -52.30
C LEU D 337 -1.67 20.62 -51.85
N ALA D 338 -2.02 20.58 -50.53
CA ALA D 338 -3.01 21.47 -49.90
C ALA D 338 -2.62 22.96 -50.12
N GLY D 339 -1.31 23.25 -50.11
CA GLY D 339 -0.75 24.56 -50.36
C GLY D 339 -0.94 25.01 -51.79
N LEU D 340 -0.67 24.09 -52.75
CA LEU D 340 -0.83 24.32 -54.19
C LEU D 340 -2.28 24.64 -54.54
N LEU D 341 -3.24 23.97 -53.87
CA LEU D 341 -4.66 24.21 -54.07
C LEU D 341 -5.04 25.42 -53.24
N ALA D 361 15.19 16.09 -54.35
CA ALA D 361 14.67 14.82 -54.81
C ALA D 361 14.83 13.67 -53.78
N GLY D 362 14.42 13.92 -52.55
CA GLY D 362 14.50 12.93 -51.48
C GLY D 362 13.15 12.50 -50.96
N GLU D 363 13.04 12.32 -49.62
CA GLU D 363 11.78 11.95 -48.97
C GLU D 363 10.67 12.95 -49.36
N ALA D 364 10.97 14.25 -49.23
CA ALA D 364 10.06 15.34 -49.58
C ALA D 364 9.92 15.51 -51.09
N GLY D 365 11.04 15.70 -51.80
CA GLY D 365 11.10 15.93 -53.24
C GLY D 365 10.33 14.96 -54.13
N THR D 366 10.49 13.65 -53.89
CA THR D 366 9.82 12.59 -54.67
C THR D 366 8.42 12.30 -54.11
N GLY D 367 8.24 12.45 -52.79
CA GLY D 367 6.95 12.27 -52.15
C GLY D 367 5.94 13.26 -52.68
N ILE D 368 6.34 14.56 -52.74
CA ILE D 368 5.50 15.66 -53.23
C ILE D 368 5.21 15.47 -54.71
N ALA D 369 6.26 15.21 -55.53
CA ALA D 369 6.14 15.01 -56.98
C ALA D 369 5.11 13.92 -57.30
N GLU D 370 5.19 12.78 -56.58
CA GLU D 370 4.27 11.67 -56.76
C GLU D 370 2.81 12.06 -56.48
N LEU D 371 2.58 12.78 -55.36
CA LEU D 371 1.22 13.21 -54.99
C LEU D 371 0.66 14.26 -55.96
N ILE D 372 1.51 15.15 -56.49
CA ILE D 372 1.08 16.15 -57.50
C ILE D 372 0.59 15.40 -58.74
N ALA D 373 1.41 14.44 -59.24
CA ALA D 373 1.10 13.62 -60.41
C ALA D 373 -0.20 12.83 -60.18
N LEU D 374 -0.38 12.28 -58.96
CA LEU D 374 -1.57 11.52 -58.60
C LEU D 374 -2.83 12.38 -58.61
N GLU D 375 -2.80 13.56 -57.94
CA GLU D 375 -3.95 14.48 -57.89
C GLU D 375 -4.30 14.95 -59.30
N GLN D 511 3.30 29.05 -43.80
CA GLN D 511 4.22 28.00 -43.42
C GLN D 511 3.64 26.63 -43.81
N SER D 512 4.41 25.85 -44.60
CA SER D 512 4.03 24.52 -45.08
C SER D 512 4.23 23.44 -43.98
N ASN D 513 3.79 23.74 -42.76
CA ASN D 513 3.95 22.90 -41.58
C ASN D 513 3.18 21.59 -41.70
N ASN D 514 3.87 20.44 -41.47
CA ASN D 514 3.25 19.10 -41.51
C ASN D 514 2.14 18.93 -40.47
N ALA D 515 2.23 19.71 -39.37
CA ALA D 515 1.27 19.74 -38.25
C ALA D 515 -0.15 20.17 -38.68
N TYR D 516 -0.30 20.63 -39.92
CA TYR D 516 -1.61 20.95 -40.48
C TYR D 516 -2.28 19.65 -40.93
N ILE D 517 -1.49 18.60 -41.30
CA ILE D 517 -2.04 17.35 -41.82
C ILE D 517 -1.98 16.16 -40.84
N PHE D 518 -0.78 15.75 -40.33
CA PHE D 518 -0.68 14.54 -39.51
C PHE D 518 -1.69 14.45 -38.31
N PRO D 519 -2.03 15.52 -37.53
CA PRO D 519 -2.96 15.31 -36.40
C PRO D 519 -4.36 14.90 -36.83
N GLY D 520 -4.86 15.50 -37.91
CA GLY D 520 -6.17 15.19 -38.46
C GLY D 520 -6.17 13.86 -39.18
N LEU D 521 -5.08 13.55 -39.90
CA LEU D 521 -4.94 12.29 -40.60
C LEU D 521 -4.94 11.13 -39.60
N GLY D 522 -4.12 11.24 -38.54
CA GLY D 522 -4.05 10.26 -37.47
C GLY D 522 -5.40 10.06 -36.82
N LEU D 523 -6.11 11.16 -36.48
CA LEU D 523 -7.45 11.13 -35.92
C LEU D 523 -8.45 10.38 -36.83
N GLY D 524 -8.40 10.68 -38.13
CA GLY D 524 -9.27 10.08 -39.15
C GLY D 524 -9.11 8.58 -39.24
N LEU D 525 -7.85 8.11 -39.15
CA LEU D 525 -7.54 6.67 -39.18
C LEU D 525 -8.06 5.99 -37.91
N VAL D 526 -7.81 6.60 -36.73
CA VAL D 526 -8.24 6.05 -35.45
C VAL D 526 -9.77 5.93 -35.35
N ILE D 527 -10.49 7.01 -35.65
CA ILE D 527 -11.96 7.05 -35.48
C ILE D 527 -12.71 6.15 -36.46
N SER D 528 -12.11 5.84 -37.62
CA SER D 528 -12.71 4.96 -38.62
C SER D 528 -12.26 3.50 -38.40
N GLY D 529 -11.28 3.29 -37.53
CA GLY D 529 -10.71 1.96 -37.30
C GLY D 529 -10.01 1.46 -38.56
N ALA D 530 -9.35 2.38 -39.30
CA ALA D 530 -8.65 2.05 -40.56
C ALA D 530 -7.54 1.05 -40.31
N VAL D 531 -7.30 0.12 -41.23
CA VAL D 531 -6.23 -0.88 -41.07
C VAL D 531 -5.08 -0.63 -42.06
N ARG D 532 -5.30 0.27 -43.03
CA ARG D 532 -4.27 0.64 -44.01
C ARG D 532 -4.40 2.08 -44.35
N VAL D 533 -3.27 2.72 -44.68
CA VAL D 533 -3.27 4.07 -45.20
C VAL D 533 -3.27 3.90 -46.73
N HIS D 534 -4.16 4.61 -47.41
CA HIS D 534 -4.22 4.57 -48.87
C HIS D 534 -3.89 5.97 -49.35
N GLU D 535 -3.24 6.08 -50.51
CA GLU D 535 -2.86 7.36 -51.11
C GLU D 535 -4.06 8.32 -51.28
N ASP D 536 -5.27 7.77 -51.52
CA ASP D 536 -6.49 8.58 -51.67
C ASP D 536 -6.85 9.32 -50.37
N MET D 537 -6.40 8.81 -49.20
CA MET D 537 -6.62 9.48 -47.91
C MET D 537 -5.77 10.74 -47.83
N LEU D 538 -4.55 10.68 -48.42
CA LEU D 538 -3.63 11.82 -48.49
C LEU D 538 -4.26 12.91 -49.39
N LEU D 539 -4.87 12.50 -50.53
CA LEU D 539 -5.57 13.38 -51.47
C LEU D 539 -6.78 14.05 -50.77
N ALA D 540 -7.53 13.27 -49.96
CA ALA D 540 -8.68 13.76 -49.18
C ALA D 540 -8.23 14.78 -48.09
N ALA D 541 -7.11 14.48 -47.38
CA ALA D 541 -6.55 15.35 -46.34
C ALA D 541 -6.13 16.71 -46.96
N SER D 542 -5.48 16.68 -48.16
CA SER D 542 -5.03 17.88 -48.88
C SER D 542 -6.22 18.77 -49.29
N ALA D 543 -7.25 18.17 -49.90
CA ALA D 543 -8.46 18.87 -50.33
C ALA D 543 -9.20 19.49 -49.13
N ALA D 544 -9.27 18.76 -47.99
CA ALA D 544 -9.90 19.25 -46.76
C ALA D 544 -9.16 20.48 -46.20
N LEU D 545 -7.80 20.43 -46.17
CA LEU D 545 -6.99 21.56 -45.69
C LEU D 545 -7.17 22.78 -46.60
N ALA D 546 -7.09 22.58 -47.95
CA ALA D 546 -7.26 23.63 -48.95
C ALA D 546 -8.64 24.30 -48.86
N ASP D 547 -9.68 23.51 -48.53
CA ASP D 547 -11.06 24.01 -48.36
C ASP D 547 -11.16 24.95 -47.16
N GLN D 548 -10.22 24.83 -46.19
CA GLN D 548 -10.18 25.68 -45.00
C GLN D 548 -9.42 26.97 -45.27
N PHE D 560 -2.54 29.09 -46.45
CA PHE D 560 -2.91 28.23 -45.33
C PHE D 560 -3.65 28.99 -44.22
N PRO D 561 -4.71 28.38 -43.61
CA PRO D 561 -5.39 29.04 -42.49
C PRO D 561 -4.48 29.04 -41.24
N PRO D 562 -4.65 29.91 -40.22
CA PRO D 562 -3.70 29.89 -39.10
C PRO D 562 -3.85 28.69 -38.17
N PHE D 563 -2.84 28.47 -37.30
CA PHE D 563 -2.83 27.39 -36.30
C PHE D 563 -3.79 27.63 -35.13
N THR D 564 -4.39 28.83 -35.08
CA THR D 564 -5.33 29.21 -34.02
C THR D 564 -6.65 28.40 -34.08
N ASN D 565 -7.06 27.96 -35.29
CA ASN D 565 -8.26 27.15 -35.49
C ASN D 565 -7.91 25.69 -35.92
N ILE D 566 -6.69 25.21 -35.54
CA ILE D 566 -6.17 23.88 -35.90
C ILE D 566 -7.13 22.72 -35.52
N ARG D 567 -7.81 22.80 -34.37
CA ARG D 567 -8.74 21.77 -33.90
C ARG D 567 -9.93 21.59 -34.85
N LYS D 568 -10.49 22.71 -35.39
CA LYS D 568 -11.59 22.65 -36.36
C LYS D 568 -11.05 22.08 -37.68
N ILE D 569 -9.86 22.52 -38.10
CA ILE D 569 -9.20 22.06 -39.32
C ILE D 569 -8.97 20.55 -39.24
N SER D 570 -8.44 20.08 -38.11
CA SER D 570 -8.17 18.67 -37.84
C SER D 570 -9.41 17.82 -37.92
N ALA D 571 -10.57 18.34 -37.43
CA ALA D 571 -11.87 17.65 -37.49
C ALA D 571 -12.32 17.44 -38.94
N TYR D 572 -12.14 18.47 -39.81
CA TYR D 572 -12.48 18.37 -41.23
C TYR D 572 -11.57 17.40 -41.97
N ILE D 573 -10.27 17.42 -41.65
CA ILE D 573 -9.31 16.48 -42.26
C ILE D 573 -9.63 15.04 -41.83
N ALA D 574 -9.88 14.83 -40.51
CA ALA D 574 -10.20 13.51 -39.96
C ALA D 574 -11.46 12.94 -40.60
N ALA D 575 -12.51 13.77 -40.78
CA ALA D 575 -13.76 13.36 -41.42
C ALA D 575 -13.52 12.95 -42.90
N ALA D 576 -12.68 13.70 -43.64
CA ALA D 576 -12.36 13.39 -45.04
C ALA D 576 -11.54 12.10 -45.16
N VAL D 577 -10.57 11.90 -44.25
CA VAL D 577 -9.74 10.70 -44.19
C VAL D 577 -10.59 9.48 -43.81
N ALA D 578 -11.45 9.61 -42.77
CA ALA D 578 -12.37 8.55 -42.34
C ALA D 578 -13.31 8.18 -43.48
N ALA D 579 -13.91 9.18 -44.19
CA ALA D 579 -14.82 8.92 -45.32
C ALA D 579 -14.11 8.09 -46.40
N LYS D 580 -12.85 8.42 -46.71
CA LYS D 580 -12.09 7.66 -47.71
C LYS D 580 -11.82 6.20 -47.25
N ALA D 581 -11.47 6.00 -45.96
CA ALA D 581 -11.26 4.66 -45.39
C ALA D 581 -12.55 3.80 -45.57
N TYR D 582 -13.75 4.39 -45.29
CA TYR D 582 -15.04 3.70 -45.49
C TYR D 582 -15.24 3.38 -46.95
N GLU D 583 -15.03 4.37 -47.84
CA GLU D 583 -15.22 4.19 -49.28
C GLU D 583 -14.30 3.13 -49.88
N LEU D 584 -13.08 2.97 -49.34
CA LEU D 584 -12.09 1.99 -49.82
C LEU D 584 -12.24 0.59 -49.14
N GLY D 585 -13.12 0.47 -48.15
CA GLY D 585 -13.33 -0.78 -47.43
C GLY D 585 -12.20 -1.10 -46.47
N LEU D 586 -11.53 -0.05 -45.99
CA LEU D 586 -10.38 -0.18 -45.08
C LEU D 586 -10.75 0.17 -43.63
N ALA D 587 -11.98 0.64 -43.40
CA ALA D 587 -12.45 1.01 -42.06
C ALA D 587 -13.10 -0.18 -41.34
N THR D 588 -12.89 -0.29 -40.02
CA THR D 588 -13.49 -1.39 -39.24
C THR D 588 -14.55 -0.90 -38.26
N ARG D 589 -14.66 0.44 -38.04
CA ARG D 589 -15.69 0.96 -37.12
C ARG D 589 -16.96 1.15 -37.93
N LEU D 590 -17.68 0.03 -38.13
CA LEU D 590 -18.84 -0.05 -38.97
C LEU D 590 -20.18 -0.11 -38.21
N PRO D 591 -21.26 0.54 -38.72
CA PRO D 591 -21.33 1.36 -39.95
C PRO D 591 -20.74 2.78 -39.75
N PRO D 592 -20.43 3.53 -40.83
CA PRO D 592 -19.93 4.90 -40.62
C PRO D 592 -20.99 5.82 -40.01
N PRO D 593 -20.66 6.69 -39.03
CA PRO D 593 -21.66 7.66 -38.54
C PRO D 593 -22.08 8.58 -39.70
N LYS D 594 -23.31 9.13 -39.67
CA LYS D 594 -23.85 9.99 -40.73
C LYS D 594 -23.11 11.32 -40.91
N ASP D 595 -22.70 11.96 -39.78
CA ASP D 595 -21.98 13.23 -39.82
C ASP D 595 -20.58 12.97 -39.26
N LEU D 596 -19.62 12.75 -40.17
CA LEU D 596 -18.24 12.44 -39.79
C LEU D 596 -17.49 13.59 -39.14
N VAL D 597 -17.87 14.86 -39.46
CA VAL D 597 -17.25 16.04 -38.83
C VAL D 597 -17.64 16.09 -37.35
N ALA D 598 -18.96 15.99 -37.05
CA ALA D 598 -19.46 15.98 -35.67
C ALA D 598 -18.90 14.77 -34.92
N TYR D 599 -18.78 13.61 -35.60
CA TYR D 599 -18.21 12.40 -34.99
C TYR D 599 -16.74 12.62 -34.62
N ALA D 600 -15.91 13.17 -35.55
CA ALA D 600 -14.50 13.47 -35.28
C ALA D 600 -14.35 14.40 -34.06
N GLU D 601 -15.17 15.47 -33.99
CA GLU D 601 -15.16 16.42 -32.87
C GLU D 601 -15.50 15.78 -31.55
N SER D 602 -16.49 14.87 -31.55
CA SER D 602 -16.93 14.14 -30.36
C SER D 602 -15.83 13.20 -29.82
N CYS D 603 -14.90 12.76 -30.71
CA CYS D 603 -13.80 11.86 -30.36
C CYS D 603 -12.56 12.62 -29.84
N MET D 604 -12.51 13.95 -29.97
CA MET D 604 -11.32 14.72 -29.60
C MET D 604 -11.15 14.87 -28.11
N TYR D 605 -9.93 14.58 -27.63
CA TYR D 605 -9.53 14.70 -26.24
C TYR D 605 -9.65 16.17 -25.81
N SER D 606 -10.29 16.41 -24.68
CA SER D 606 -10.42 17.73 -24.09
C SER D 606 -9.53 17.78 -22.84
N PRO D 607 -8.59 18.73 -22.74
CA PRO D 607 -7.71 18.79 -21.56
C PRO D 607 -8.28 19.54 -20.35
N VAL D 608 -9.62 19.77 -20.32
CA VAL D 608 -10.26 20.41 -19.16
C VAL D 608 -10.15 19.37 -17.99
N TYR D 609 -9.81 19.84 -16.77
CA TYR D 609 -9.70 18.95 -15.62
C TYR D 609 -11.01 18.18 -15.36
N ARG D 610 -10.87 16.94 -14.93
CA ARG D 610 -12.01 16.14 -14.51
C ARG D 610 -12.28 16.47 -13.03
N ASN D 611 -13.50 16.21 -12.60
CA ASN D 611 -13.95 16.30 -11.21
C ASN D 611 -13.78 14.86 -10.67
N TYR D 612 -13.26 14.71 -9.45
CA TYR D 612 -13.05 13.37 -8.91
C TYR D 612 -14.04 12.95 -7.82
N GLN D 613 -14.51 11.68 -7.88
CA GLN D 613 -15.42 11.04 -6.89
C GLN D 613 -14.70 10.99 -5.54
PA NAP E . 12.53 -38.55 24.35
O1A NAP E . 13.67 -37.61 24.35
O2A NAP E . 12.38 -39.46 23.16
O5B NAP E . 12.68 -39.49 25.67
C5B NAP E . 11.75 -40.54 25.97
C4B NAP E . 12.30 -41.23 27.19
O4B NAP E . 11.38 -42.26 27.63
C3B NAP E . 13.65 -41.93 26.99
O3B NAP E . 14.53 -41.74 28.11
C2B NAP E . 13.27 -43.40 26.85
O2B NAP E . 14.28 -44.35 27.28
C1B NAP E . 12.12 -43.44 27.85
N9A NAP E . 11.25 -44.60 27.71
C8A NAP E . 10.71 -45.14 26.58
N7A NAP E . 9.99 -46.23 26.78
C5A NAP E . 10.06 -46.40 28.16
C6A NAP E . 9.53 -47.39 29.02
N6A NAP E . 8.79 -48.42 28.60
N1A NAP E . 9.81 -47.28 30.35
C2A NAP E . 10.57 -46.26 30.76
N3A NAP E . 11.11 -45.27 30.05
C4A NAP E . 10.83 -45.41 28.75
O3 NAP E . 11.14 -37.81 24.53
PN NAP E . 10.71 -36.45 25.27
O1N NAP E . 10.88 -35.33 24.33
O2N NAP E . 11.37 -36.39 26.60
O5D NAP E . 9.16 -36.72 25.46
C5D NAP E . 8.65 -37.74 26.35
C4D NAP E . 7.17 -37.52 26.54
O4D NAP E . 6.95 -36.32 27.31
C3D NAP E . 6.34 -37.38 25.25
O3D NAP E . 5.18 -38.16 25.41
C2D NAP E . 6.04 -35.87 25.21
O2D NAP E . 4.79 -35.56 24.60
C1D NAP E . 5.96 -35.54 26.69
N1N NAP E . 6.32 -34.07 26.88
C2N NAP E . 5.39 -33.34 27.56
C3N NAP E . 5.51 -31.97 27.60
C7N NAP E . 4.59 -31.14 28.45
O7N NAP E . 4.69 -29.90 28.43
N7N NAP E . 3.68 -31.77 29.17
C4N NAP E . 6.56 -31.35 26.92
C5N NAP E . 7.52 -32.12 26.29
C6N NAP E . 7.40 -33.50 26.30
P2B NAP E . 15.74 -44.51 26.64
O1X NAP E . 16.31 -45.73 27.29
O2X NAP E . 15.65 -44.61 25.13
O3X NAP E . 16.52 -43.28 26.99
C1 GOL F . 23.81 -31.11 11.96
O1 GOL F . 24.96 -31.15 11.15
C2 GOL F . 22.62 -31.60 11.16
O2 GOL F . 22.95 -32.85 10.55
C3 GOL F . 21.46 -31.81 12.11
O3 GOL F . 20.63 -32.83 11.63
C1 GOL G . 2.71 -12.58 10.53
O1 GOL G . 1.91 -11.55 9.97
C2 GOL G . 1.88 -13.45 11.45
O2 GOL G . 1.20 -12.63 12.41
C3 GOL G . 2.79 -14.42 12.15
O3 GOL G . 2.12 -15.08 13.21
C1 GOL H . 17.83 -35.95 25.05
O1 GOL H . 17.84 -36.94 24.03
C2 GOL H . 18.85 -34.89 24.77
O2 GOL H . 20.05 -35.51 24.29
C3 GOL H . 19.17 -34.14 26.04
O3 GOL H . 20.29 -33.29 25.83
C1 GOL I . -6.89 -5.04 -7.66
O1 GOL I . -6.23 -5.02 -8.92
C2 GOL I . -6.13 -5.83 -6.63
O2 GOL I . -4.85 -5.24 -6.40
C3 GOL I . -6.88 -5.97 -5.33
O3 GOL I . -6.90 -7.34 -4.94
C1 GOL J . -14.26 -7.43 -7.94
O1 GOL J . -12.86 -7.38 -7.71
C2 GOL J . -14.78 -8.83 -7.70
O2 GOL J . -13.96 -9.77 -8.39
C3 GOL J . -14.85 -9.20 -6.24
O3 GOL J . -16.14 -9.71 -5.93
C1 GOL K . 10.57 -51.21 30.47
O1 GOL K . 11.34 -50.64 29.42
C2 GOL K . 11.27 -51.12 31.82
O2 GOL K . 12.59 -51.70 31.75
C3 GOL K . 11.37 -49.70 32.35
O3 GOL K . 10.08 -49.20 32.66
C1 GOL L . 5.53 -5.22 21.84
O1 GOL L . 5.94 -4.27 20.85
C2 GOL L . 4.38 -6.05 21.31
O2 GOL L . 4.82 -6.84 20.21
C3 GOL L . 3.29 -5.11 20.85
O3 GOL L . 2.01 -5.67 21.09
PA NAP M . -44.44 -17.28 -9.51
O1A NAP M . -44.34 -16.32 -10.63
O2A NAP M . -44.48 -16.74 -8.13
O5B NAP M . -45.73 -18.21 -9.78
C5B NAP M . -46.12 -19.31 -8.93
C4B NAP M . -47.43 -19.79 -9.51
O4B NAP M . -47.83 -21.00 -8.82
C3B NAP M . -48.60 -18.81 -9.36
O3B NAP M . -49.40 -18.75 -10.54
C2B NAP M . -49.37 -19.38 -8.17
O2B NAP M . -50.79 -19.11 -8.12
C1B NAP M . -49.19 -20.86 -8.44
N9A NAP M . -49.48 -21.73 -7.32
C8A NAP M . -49.08 -21.62 -6.01
N7A NAP M . -49.56 -22.56 -5.22
C5A NAP M . -50.33 -23.34 -6.07
C6A NAP M . -51.10 -24.50 -5.86
N6A NAP M . -51.22 -25.11 -4.67
N1A NAP M . -51.75 -25.02 -6.92
C2A NAP M . -51.63 -24.44 -8.11
N3A NAP M . -50.90 -23.36 -8.44
C4A NAP M . -50.27 -22.85 -7.36
O3 NAP M . -43.21 -18.30 -9.53
PN NAP M . -42.35 -18.84 -10.77
O1N NAP M . -41.27 -17.86 -11.06
O2N NAP M . -43.25 -19.26 -11.87
O5D NAP M . -41.70 -20.16 -10.15
C5D NAP M . -42.52 -21.31 -9.77
C4D NAP M . -41.63 -22.49 -9.48
O4D NAP M . -40.95 -22.90 -10.68
C3D NAP M . -40.53 -22.24 -8.42
O3D NAP M . -40.40 -23.29 -7.47
C2D NAP M . -39.26 -22.11 -9.26
O2D NAP M . -38.07 -22.48 -8.55
C1D NAP M . -39.58 -23.06 -10.40
N1N NAP M . -38.78 -22.67 -11.64
C2N NAP M . -37.98 -23.65 -12.13
C3N NAP M . -37.13 -23.39 -13.18
C7N NAP M . -36.24 -24.48 -13.72
O7N NAP M . -35.68 -24.35 -14.83
N7N NAP M . -36.23 -25.62 -13.07
C4N NAP M . -37.10 -22.09 -13.71
C5N NAP M . -37.94 -21.12 -13.20
C6N NAP M . -38.79 -21.43 -12.17
P2B NAP M . -51.44 -17.64 -8.02
O1X NAP M . -52.89 -17.88 -7.89
O2X NAP M . -50.81 -16.95 -6.82
O3X NAP M . -51.09 -16.94 -9.31
C PYR N . -35.03 -20.86 -10.14
C PYR N . -35.28 -21.30 -10.45
O PYR N . -35.66 -22.01 -9.96
O PYR N . -35.79 -22.33 -9.85
OXT PYR N . -35.61 -19.80 -10.15
OXT PYR N . -35.83 -20.21 -10.49
CA PYR N . -33.48 -20.96 -10.33
CA PYR N . -33.90 -21.61 -11.09
O3 PYR N . -32.80 -19.92 -10.33
O3 PYR N . -33.43 -20.91 -11.98
CB PYR N . -32.80 -22.29 -10.47
CB PYR N . -33.11 -22.76 -10.54
C PYR O . -13.89 -22.46 3.83
O PYR O . -14.28 -23.58 3.31
OXT PYR O . -14.32 -21.36 3.47
CA PYR O . -12.91 -22.73 4.95
O3 PYR O . -13.34 -22.80 6.09
CB PYR O . -11.49 -23.03 4.65
C1 GOL P . -43.01 -1.36 -8.23
O1 GOL P . -43.98 -0.39 -8.50
C2 GOL P . -43.55 -2.39 -7.26
O2 GOL P . -44.05 -1.73 -6.09
C3 GOL P . -42.40 -3.30 -6.89
O3 GOL P . -42.83 -4.18 -5.87
C1 GOL Q . -1.48 -6.48 0.82
O1 GOL Q . -2.61 -7.21 1.26
C2 GOL Q . -1.38 -5.20 1.61
O2 GOL Q . -1.76 -4.10 0.78
C3 GOL Q . 0.01 -4.99 2.16
O3 GOL Q . 0.13 -3.77 2.90
C1 GOL R . -16.69 -10.48 -10.40
O1 GOL R . -15.28 -10.52 -10.66
C2 GOL R . -17.44 -11.44 -11.28
O2 GOL R . -16.61 -12.58 -11.57
C3 GOL R . -18.71 -11.91 -10.62
O3 GOL R . -19.35 -12.92 -11.40
C1 GOL S . -16.87 -12.62 -23.38
O1 GOL S . -16.71 -11.93 -22.17
C2 GOL S . -15.70 -12.31 -24.28
O2 GOL S . -15.74 -10.92 -24.63
C3 GOL S . -14.40 -12.60 -23.56
O3 GOL S . -14.41 -13.89 -22.93
C1 GOL T . -42.64 -27.53 -0.70
O1 GOL T . -44.02 -27.31 -0.90
C2 GOL T . -42.30 -27.93 0.71
O2 GOL T . -40.88 -27.91 0.84
C3 GOL T . -42.80 -29.32 1.03
O3 GOL T . -42.13 -29.85 2.17
C1 PEG U . -54.12 -28.38 -7.07
O1 PEG U . -55.19 -29.29 -7.20
C2 PEG U . -54.37 -27.14 -7.87
O2 PEG U . -54.58 -26.01 -7.04
C3 PEG U . -55.82 -25.35 -7.28
C4 PEG U . -56.53 -25.12 -5.97
O4 PEG U . -57.87 -24.65 -6.16
PA NAP V . 14.94 43.54 16.25
PA NAP V . 12.54 41.13 15.21
O1A NAP V . 14.24 42.67 17.21
O1A NAP V . 12.28 40.19 16.32
O2A NAP V . 14.03 44.31 15.28
O2A NAP V . 11.38 41.60 14.34
O5B NAP V . 15.85 44.64 17.06
O5B NAP V . 13.32 42.46 15.80
C5B NAP V . 16.60 45.68 16.37
C5B NAP V . 13.80 43.53 14.95
C4B NAP V . 17.20 46.60 17.40
C4B NAP V . 14.25 44.67 15.84
O4B NAP V . 17.97 47.63 16.75
O4B NAP V . 14.76 45.76 15.05
C3B NAP V . 16.20 47.32 18.31
C3B NAP V . 13.16 45.26 16.74
O3B NAP V . 16.48 47.09 19.68
O3B NAP V . 13.58 45.23 18.11
C2B NAP V . 16.32 48.80 17.95
C2B NAP V . 12.96 46.68 16.22
O2B NAP V . 16.14 49.66 19.09
O2B NAP V . 12.55 47.65 17.21
C1B NAP V . 17.72 48.89 17.36
C1B NAP V . 14.35 46.97 15.67
N9A NAP V . 17.88 49.93 16.36
N9A NAP V . 14.39 48.05 14.68
C8A NAP V . 17.10 50.16 15.26
C8A NAP V . 13.58 48.22 13.60
N7A NAP V . 17.44 51.20 14.55
N7A NAP V . 13.91 49.25 12.85
C5A NAP V . 18.55 51.71 15.24
C5A NAP V . 15.00 49.80 13.49
C6A NAP V . 19.38 52.83 15.01
C6A NAP V . 15.83 50.90 13.20
N6A NAP V . 19.20 53.69 14.00
N6A NAP V . 15.70 51.67 12.11
N1A NAP V . 20.39 53.05 15.88
N1A NAP V . 16.83 51.18 14.07
C2A NAP V . 20.54 52.21 16.91
C2A NAP V . 17.01 50.39 15.13
N3A NAP V . 19.82 51.13 17.23
N3A NAP V . 16.31 49.31 15.50
C4A NAP V . 18.82 50.93 16.35
C4A NAP V . 15.31 49.07 14.64
O3 NAP V . 15.95 42.70 15.35
O3 NAP V . 13.63 40.54 14.22
PN NAP V . 16.91 41.45 15.60
PN NAP V . 14.78 39.46 14.46
O1N NAP V . 16.16 40.21 15.33
O1N NAP V . 14.15 38.13 14.61
O2N NAP V . 17.54 41.62 16.93
O2N NAP V . 15.68 39.93 15.53
O5D NAP V . 17.97 41.59 14.42
O5D NAP V . 15.53 39.51 13.05
C5D NAP V . 18.64 42.83 14.11
C5D NAP V . 15.99 40.78 12.53
C4D NAP V . 19.57 42.63 12.94
C4D NAP V . 16.92 40.56 11.37
O4D NAP V . 20.45 41.51 13.20
O4D NAP V . 18.00 39.69 11.75
C3D NAP V . 18.92 42.36 11.57
C3D NAP V . 16.30 39.97 10.10
O3D NAP V . 19.44 43.18 10.53
O3D NAP V . 16.77 40.70 8.97
C2D NAP V . 19.19 40.87 11.32
C2D NAP V . 16.80 38.53 10.10
O2D NAP V . 19.35 40.52 9.96
O2D NAP V . 16.92 37.96 8.80
C1D NAP V . 20.50 40.66 12.09
C1D NAP V . 18.17 38.71 10.76
N1N NAP V . 20.56 39.20 12.60
N1N NAP V . 18.68 37.40 11.44
C2N NAP V . 21.70 38.54 12.35
C2N NAP V . 19.79 36.89 10.89
C3N NAP V . 21.80 37.18 12.61
C3N NAP V . 20.35 35.73 11.40
C7N NAP V . 23.09 36.44 12.39
C7N NAP V . 21.63 35.17 10.82
O7N NAP V . 23.15 35.22 12.68
O7N NAP V . 22.10 34.13 11.30
N7N NAP V . 24.12 37.11 11.93
N7N NAP V . 22.21 35.84 9.83
C4N NAP V . 20.68 36.53 13.13
C4N NAP V . 19.72 35.11 12.47
C5N NAP V . 19.53 37.24 13.41
C5N NAP V . 18.57 35.67 13.02
C6N NAP V . 19.48 38.59 13.15
C6N NAP V . 18.06 36.83 12.49
P2B NAP V . 14.72 49.94 19.82
P2B NAP V . 11.18 47.56 18.08
O1X NAP V . 14.82 51.19 20.62
O1X NAP V . 10.88 48.89 18.69
O2X NAP V . 13.65 50.02 18.71
O2X NAP V . 10.07 47.10 17.12
O3X NAP V . 14.42 48.72 20.69
O3X NAP V . 11.40 46.48 19.13
C PYR W . 11.95 23.39 -13.37
O PYR W . 10.88 23.46 -12.76
OXT PYR W . 13.11 23.64 -12.80
CA PYR W . 12.15 23.09 -14.85
O3 PYR W . 11.90 23.94 -15.68
CB PYR W . 12.68 21.76 -15.30
C1 GOL X . 0.50 36.19 18.49
O1 GOL X . 0.20 36.87 17.29
C2 GOL X . -0.73 35.52 19.05
O2 GOL X . -1.83 36.43 19.02
C3 GOL X . -0.48 35.12 20.49
O3 GOL X . -1.71 34.89 21.15
C1 GOL Y . 10.05 15.25 3.58
O1 GOL Y . 10.08 15.05 2.17
C2 GOL Y . 11.32 15.93 4.05
O2 GOL Y . 12.44 15.46 3.31
C3 GOL Y . 11.27 17.43 4.03
O3 GOL Y . 12.49 17.97 4.52
PA NAP Z . 16.84 13.91 -47.72
PA NAP Z . 16.80 15.90 -49.63
O1A NAP Z . 16.01 12.68 -47.79
O1A NAP Z . 16.39 14.48 -49.60
O2A NAP Z . 18.06 13.86 -46.78
O2A NAP Z . 18.21 16.13 -49.13
O5B NAP Z . 17.39 14.33 -49.23
O5B NAP Z . 16.73 16.53 -51.16
O3 NAP Z . 15.98 15.18 -47.28
O3 NAP Z . 15.83 16.82 -48.75
PN NAP Z . 14.44 15.57 -47.44
PN NAP Z . 14.27 17.13 -48.71
O1N NAP Z . 13.68 14.85 -46.41
O1N NAP Z . 13.68 16.44 -47.53
O2N NAP Z . 14.07 15.41 -48.87
O2N NAP Z . 13.70 16.85 -50.05
O5D NAP Z . 14.43 17.14 -47.05
O5D NAP Z . 14.25 18.70 -48.39
C5D NAP Z . 15.04 18.11 -47.94
C5D NAP Z . 14.70 19.66 -49.36
C4D NAP Z . 14.59 19.52 -47.60
C4D NAP Z . 14.19 21.05 -49.05
O4D NAP Z . 13.16 19.64 -47.67
O4D NAP Z . 12.84 21.01 -48.54
C3D NAP Z . 15.03 20.08 -46.25
C3D NAP Z . 15.01 21.89 -48.06
O3D NAP Z . 15.54 21.41 -46.37
O3D NAP Z . 15.41 23.12 -48.65
C2D NAP Z . 13.73 20.03 -45.43
C2D NAP Z . 14.08 22.06 -46.86
O2D NAP Z . 13.67 21.00 -44.39
O2D NAP Z . 14.23 23.32 -46.20
C1D NAP Z . 12.69 20.29 -46.52
C1D NAP Z . 12.71 21.96 -47.53
N1N NAP Z . 11.31 19.68 -46.13
N1N NAP Z . 11.55 21.53 -46.58
C2N NAP Z . 10.29 20.56 -46.02
C2N NAP Z . 10.85 22.52 -46.02
C3N NAP Z . 9.06 20.14 -45.55
C3N NAP Z . 9.74 22.24 -45.24
C7N NAP Z . 7.91 21.10 -45.38
C7N NAP Z . 8.94 23.35 -44.61
O7N NAP Z . 6.79 20.67 -45.06
O7N NAP Z . 7.94 23.07 -43.92
N7N NAP Z . 8.13 22.39 -45.62
N7N NAP Z . 9.33 24.60 -44.82
C4N NAP Z . 8.90 18.81 -45.20
C4N NAP Z . 9.38 20.91 -45.05
C5N NAP Z . 9.95 17.92 -45.34
C5N NAP Z . 10.13 19.90 -45.63
C6N NAP Z . 11.16 18.37 -45.82
C6N NAP Z . 11.23 20.22 -46.39
C1 GOL AA . 18.16 -1.60 -43.45
O1 GOL AA . 18.54 -2.85 -44.01
C2 GOL AA . 19.30 -0.62 -43.51
O2 GOL AA . 20.51 -1.25 -43.12
C3 GOL AA . 19.01 0.55 -42.60
O3 GOL AA . 20.12 1.44 -42.60
C1 GOL BA . 3.06 10.34 -24.98
O1 GOL BA . 2.55 11.13 -26.04
C2 GOL BA . 1.92 9.78 -24.17
O2 GOL BA . 1.09 10.86 -23.72
C3 GOL BA . 2.39 8.96 -22.98
O3 GOL BA . 1.28 8.60 -22.15
C1 GOL CA . -10.50 8.52 -27.98
O1 GOL CA . -9.91 7.24 -27.83
C2 GOL CA . -10.25 9.09 -29.36
O2 GOL CA . -10.56 8.11 -30.35
C3 GOL CA . -8.87 9.67 -29.59
O3 GOL CA . -7.83 8.77 -29.25
#